data_3EUT
#
_entry.id   3EUT
#
_cell.length_a   68.867
_cell.length_b   105.925
_cell.length_c   104.124
_cell.angle_alpha   90.00
_cell.angle_beta   90.10
_cell.angle_gamma   90.00
#
_symmetry.space_group_name_H-M   'P 1 21 1'
#
loop_
_entity.id
_entity.type
_entity.pdbx_description
1 polymer 'Putative uncharacterized protein'
2 non-polymer 'icosanoic acid'
3 water water
#
_entity_poly.entity_id   1
_entity_poly.type   'polypeptide(L)'
_entity_poly.pdbx_seq_one_letter_code
;LGLSITGLGVQYPPYSLGPDAIDILSKRYHPESPAMKKVLAINRYTGIDQRSSIGNPDHPLVNKPNPPTVKELHEVFMSD
GVPLAVEASRKAMAEARLVPAQITHMVSTTCTDSANPGYDHYVAKELGLSDRLEKVLLHGIG(CSD)SGGLAALRTAANL
CLGHTARGKPARILVLALEVSTTMVRSELESIDALQETRIGIALFSDCASAVILSNGIGEAPGKPAIYDLLGWENRVIPD
SEHDLGFDVDPMGWKVVLSPRVPVLAKASLQPTYADLLSSLQDQLPSSYQKPADFDWAMHPGGATILSGAESAMGLTPEH
MRASYDRYINHGNSSSATIFSVLNRLREKDMDALAPGGKVKEYVVGCAFGPGINVEMCMLKRR
;
_entity_poly.pdbx_strand_id   A,B,C,D
#
# COMPACT_ATOMS: atom_id res chain seq x y z
N LEU A 1 -23.83 31.16 -8.56
CA LEU A 1 -24.15 29.95 -7.72
C LEU A 1 -25.62 29.84 -7.33
N GLY A 2 -26.28 30.98 -7.19
CA GLY A 2 -27.70 31.02 -6.80
C GLY A 2 -27.97 30.61 -5.36
N LEU A 3 -26.96 30.71 -4.51
CA LEU A 3 -27.08 30.28 -3.11
C LEU A 3 -27.30 31.45 -2.17
N SER A 4 -28.35 31.38 -1.36
CA SER A 4 -28.65 32.47 -0.46
C SER A 4 -29.25 32.02 0.87
N ILE A 5 -28.88 32.74 1.92
CA ILE A 5 -29.46 32.55 3.24
C ILE A 5 -30.70 33.43 3.34
N THR A 6 -31.86 32.79 3.45
CA THR A 6 -33.14 33.49 3.39
C THR A 6 -33.76 33.62 4.77
N GLY A 7 -33.18 32.94 5.76
CA GLY A 7 -33.68 33.09 7.12
C GLY A 7 -32.62 32.69 8.13
N LEU A 8 -32.63 33.32 9.29
CA LEU A 8 -31.71 32.93 10.38
C LEU A 8 -32.50 32.94 11.68
N GLY A 9 -32.17 32.02 12.58
CA GLY A 9 -32.85 31.98 13.87
C GLY A 9 -31.86 31.54 14.92
N VAL A 10 -31.99 32.12 16.12
CA VAL A 10 -31.07 31.83 17.22
C VAL A 10 -31.90 31.67 18.49
N GLN A 11 -31.59 30.62 19.26
CA GLN A 11 -32.23 30.45 20.55
C GLN A 11 -31.21 30.10 21.62
N TYR A 12 -30.97 31.06 22.50
CA TYR A 12 -30.17 30.84 23.71
C TYR A 12 -31.10 30.32 24.83
N PRO A 13 -30.56 29.55 25.79
CA PRO A 13 -31.39 29.09 26.92
C PRO A 13 -31.69 30.17 27.99
N PRO A 14 -32.55 29.87 28.99
CA PRO A 14 -33.01 30.92 29.92
C PRO A 14 -31.96 31.53 30.85
N TYR A 15 -30.88 30.82 31.13
CA TYR A 15 -29.95 31.28 32.16
C TYR A 15 -28.72 31.97 31.62
N SER A 16 -28.30 33.02 32.33
CA SER A 16 -27.12 33.76 31.96
C SER A 16 -26.22 33.84 33.20
N LEU A 17 -25.07 33.19 33.13
CA LEU A 17 -24.23 32.97 34.31
C LEU A 17 -22.93 33.77 34.33
N GLY A 18 -22.66 34.44 35.45
CA GLY A 18 -21.38 35.12 35.64
C GLY A 18 -20.30 34.12 36.02
N PRO A 19 -19.05 34.58 36.14
CA PRO A 19 -17.92 33.69 36.46
C PRO A 19 -18.03 32.95 37.80
N ASP A 20 -18.77 33.51 38.76
CA ASP A 20 -18.91 32.88 40.06
C ASP A 20 -19.69 31.56 40.05
N ALA A 21 -20.38 31.25 38.94
CA ALA A 21 -21.10 29.98 38.81
C ALA A 21 -20.14 28.79 38.93
N ILE A 22 -18.96 28.91 38.32
CA ILE A 22 -17.90 27.91 38.43
C ILE A 22 -17.32 27.84 39.85
N ASP A 23 -17.10 29.00 40.47
CA ASP A 23 -16.57 29.05 41.86
C ASP A 23 -17.51 28.30 42.81
N ILE A 24 -18.81 28.52 42.64
CA ILE A 24 -19.84 27.90 43.50
C ILE A 24 -19.72 26.39 43.47
N LEU A 25 -19.69 25.83 42.26
CA LEU A 25 -19.67 24.38 42.08
C LEU A 25 -18.33 23.76 42.47
N SER A 26 -17.26 24.47 42.17
CA SER A 26 -15.91 24.05 42.56
C SER A 26 -15.80 23.92 44.09
N LYS A 27 -16.21 24.96 44.80
CA LYS A 27 -16.21 25.00 46.29
C LYS A 27 -17.06 23.88 46.89
N ARG A 28 -18.20 23.63 46.25
CA ARG A 28 -19.15 22.65 46.74
C ARG A 28 -18.63 21.21 46.67
N TYR A 29 -17.82 20.92 45.65
CA TYR A 29 -17.45 19.54 45.36
C TYR A 29 -15.96 19.23 45.47
N HIS A 30 -15.13 20.27 45.56
CA HIS A 30 -13.68 20.05 45.66
C HIS A 30 -13.03 20.98 46.68
N PRO A 31 -12.09 20.44 47.47
CA PRO A 31 -11.24 21.32 48.26
C PRO A 31 -10.33 22.11 47.31
N GLU A 32 -9.93 23.30 47.75
CA GLU A 32 -9.00 24.14 47.02
C GLU A 32 -7.72 23.38 46.71
N SER A 33 -7.22 23.49 45.48
CA SER A 33 -5.93 22.91 45.07
C SER A 33 -5.21 23.92 44.16
N PRO A 34 -3.89 23.70 43.90
CA PRO A 34 -3.15 24.63 43.03
C PRO A 34 -3.74 24.76 41.61
N ALA A 35 -4.08 23.63 40.99
CA ALA A 35 -4.57 23.65 39.60
C ALA A 35 -5.95 24.27 39.52
N MET A 36 -6.79 24.01 40.51
CA MET A 36 -8.10 24.63 40.59
C MET A 36 -8.01 26.15 40.72
N LYS A 37 -7.16 26.63 41.64
CA LYS A 37 -6.81 28.05 41.77
C LYS A 37 -6.44 28.73 40.44
N LYS A 38 -5.56 28.08 39.70
CA LYS A 38 -5.12 28.55 38.37
C LYS A 38 -6.30 28.70 37.41
N VAL A 39 -7.15 27.66 37.36
CA VAL A 39 -8.26 27.61 36.41
C VAL A 39 -9.38 28.59 36.80
N LEU A 40 -9.65 28.69 38.10
CA LEU A 40 -10.62 29.66 38.62
C LEU A 40 -10.17 31.08 38.34
N ALA A 41 -8.86 31.30 38.35
CA ALA A 41 -8.28 32.59 37.98
C ALA A 41 -8.48 32.86 36.48
N ILE A 42 -8.10 31.91 35.65
CA ILE A 42 -8.26 31.98 34.18
C ILE A 42 -9.71 32.25 33.76
N ASN A 43 -10.65 31.67 34.49
CA ASN A 43 -12.09 31.87 34.27
C ASN A 43 -12.49 33.36 34.32
N ARG A 44 -11.68 34.16 35.00
CA ARG A 44 -11.94 35.58 35.12
C ARG A 44 -11.09 36.45 34.19
N TYR A 45 -10.25 35.82 33.37
CA TYR A 45 -9.38 36.54 32.42
C TYR A 45 -9.81 36.42 30.96
N THR A 46 -10.95 35.80 30.69
CA THR A 46 -11.37 35.51 29.31
C THR A 46 -11.91 36.73 28.56
N GLY A 47 -12.50 37.66 29.30
CA GLY A 47 -13.24 38.76 28.67
C GLY A 47 -14.69 38.39 28.38
N ILE A 48 -15.12 37.21 28.83
CA ILE A 48 -16.53 36.81 28.78
C ILE A 48 -17.23 37.31 30.05
N ASP A 49 -18.25 38.14 29.89
CA ASP A 49 -18.98 38.70 31.02
C ASP A 49 -20.01 37.70 31.58
N GLN A 50 -20.80 37.11 30.66
CA GLN A 50 -21.85 36.17 31.03
C GLN A 50 -21.94 35.04 30.02
N ARG A 51 -22.29 33.85 30.49
CA ARG A 51 -22.45 32.71 29.60
C ARG A 51 -23.86 32.13 29.64
N SER A 52 -24.31 31.69 28.47
CA SER A 52 -25.63 31.06 28.32
C SER A 52 -25.62 29.62 28.78
N SER A 53 -26.59 29.26 29.61
CA SER A 53 -26.68 27.88 30.08
C SER A 53 -28.13 27.44 30.17
N ILE A 54 -28.34 26.14 29.97
CA ILE A 54 -29.65 25.52 30.18
C ILE A 54 -30.06 25.50 31.67
N GLY A 55 -29.12 25.79 32.58
CA GLY A 55 -29.44 25.81 34.01
C GLY A 55 -28.57 26.72 34.83
N ASN A 56 -28.71 26.63 36.15
CA ASN A 56 -27.85 27.35 37.08
C ASN A 56 -27.09 26.36 38.01
N PRO A 57 -26.16 26.88 38.86
CA PRO A 57 -25.42 26.03 39.80
C PRO A 57 -26.22 25.10 40.73
N ASP A 58 -27.54 25.29 40.84
CA ASP A 58 -28.34 24.39 41.68
C ASP A 58 -29.04 23.26 40.90
N HIS A 59 -28.85 23.20 39.58
CA HIS A 59 -29.43 22.12 38.74
C HIS A 59 -29.05 20.74 39.30
N PRO A 60 -30.03 19.81 39.41
CA PRO A 60 -29.77 18.48 39.97
C PRO A 60 -28.72 17.63 39.23
N LEU A 61 -28.66 17.73 37.91
CA LEU A 61 -27.68 16.97 37.12
C LEU A 61 -26.23 17.15 37.60
N VAL A 62 -25.83 18.39 37.87
CA VAL A 62 -24.46 18.70 38.30
C VAL A 62 -24.28 18.74 39.84
N ASN A 63 -25.29 18.28 40.57
CA ASN A 63 -25.21 18.27 42.05
C ASN A 63 -25.31 16.87 42.68
N LYS A 64 -24.92 15.85 41.92
CA LYS A 64 -24.78 14.47 42.42
C LYS A 64 -23.42 14.33 43.12
N PRO A 65 -23.21 13.24 43.90
CA PRO A 65 -21.89 12.95 44.48
C PRO A 65 -20.79 12.85 43.42
N ASN A 66 -21.12 12.21 42.29
CA ASN A 66 -20.24 12.10 41.13
C ASN A 66 -20.69 13.01 40.00
N PRO A 67 -19.77 13.33 39.07
CA PRO A 67 -20.24 13.95 37.81
C PRO A 67 -21.27 13.06 37.12
N PRO A 68 -22.19 13.66 36.34
CA PRO A 68 -23.17 12.82 35.65
C PRO A 68 -22.51 11.98 34.56
N THR A 69 -23.07 10.80 34.28
CA THR A 69 -22.52 9.94 33.24
C THR A 69 -22.94 10.48 31.88
N VAL A 70 -22.28 9.97 30.82
CA VAL A 70 -22.62 10.37 29.45
C VAL A 70 -24.09 10.03 29.11
N LYS A 71 -24.64 8.95 29.67
CA LYS A 71 -26.08 8.66 29.54
C LYS A 71 -26.93 9.76 30.19
N GLU A 72 -26.54 10.20 31.38
CA GLU A 72 -27.29 11.23 32.12
C GLU A 72 -27.21 12.58 31.39
N LEU A 73 -26.05 12.88 30.80
CA LEU A 73 -25.87 14.04 29.91
C LEU A 73 -26.75 14.01 28.68
N HIS A 74 -26.85 12.85 28.03
CA HIS A 74 -27.74 12.70 26.88
C HIS A 74 -29.20 13.01 27.22
N GLU A 75 -29.63 12.59 28.40
CA GLU A 75 -31.01 12.79 28.83
C GLU A 75 -31.34 14.29 28.87
N VAL A 76 -30.41 15.10 29.37
CA VAL A 76 -30.65 16.55 29.48
C VAL A 76 -30.44 17.25 28.12
N PHE A 77 -29.49 16.76 27.31
CA PHE A 77 -29.36 17.22 25.94
C PHE A 77 -30.73 17.20 25.26
N MET A 78 -31.41 16.06 25.37
CA MET A 78 -32.74 15.89 24.75
C MET A 78 -33.86 16.74 25.41
N SER A 79 -33.94 16.77 26.74
CA SER A 79 -35.00 17.54 27.42
C SER A 79 -34.81 19.06 27.38
N ASP A 80 -33.58 19.53 27.41
CA ASP A 80 -33.29 20.98 27.47
C ASP A 80 -32.61 21.58 26.24
N GLY A 81 -31.89 20.74 25.49
CA GLY A 81 -31.21 21.19 24.28
C GLY A 81 -32.08 21.16 23.05
N VAL A 82 -32.69 20.01 22.77
CA VAL A 82 -33.59 19.86 21.61
C VAL A 82 -34.64 20.99 21.45
N PRO A 83 -35.33 21.37 22.56
CA PRO A 83 -36.28 22.49 22.49
C PRO A 83 -35.69 23.78 21.90
N LEU A 84 -34.43 24.09 22.21
CA LEU A 84 -33.77 25.28 21.68
C LEU A 84 -33.56 25.19 20.16
N ALA A 85 -33.20 24.00 19.68
CA ALA A 85 -32.98 23.75 18.24
C ALA A 85 -34.27 23.88 17.44
N VAL A 86 -35.38 23.38 18.01
CA VAL A 86 -36.69 23.51 17.38
C VAL A 86 -37.07 24.99 17.27
N GLU A 87 -36.84 25.77 18.34
CA GLU A 87 -37.21 27.19 18.33
C GLU A 87 -36.32 27.97 17.37
N ALA A 88 -35.02 27.71 17.37
CA ALA A 88 -34.13 28.35 16.39
C ALA A 88 -34.51 28.03 14.94
N SER A 89 -34.88 26.76 14.69
CA SER A 89 -35.28 26.32 13.36
C SER A 89 -36.61 26.95 12.92
N ARG A 90 -37.57 27.06 13.86
CA ARG A 90 -38.86 27.72 13.58
C ARG A 90 -38.66 29.18 13.19
N LYS A 91 -37.79 29.88 13.94
CA LYS A 91 -37.49 31.29 13.69
C LYS A 91 -36.87 31.53 12.31
N ALA A 92 -35.93 30.67 11.94
CA ALA A 92 -35.28 30.73 10.64
C ALA A 92 -36.28 30.45 9.51
N MET A 93 -37.15 29.47 9.72
CA MET A 93 -38.19 29.11 8.75
C MET A 93 -39.23 30.23 8.58
N ALA A 94 -39.63 30.84 9.70
CA ALA A 94 -40.58 31.97 9.70
C ALA A 94 -40.04 33.15 8.91
N GLU A 95 -38.78 33.50 9.16
CA GLU A 95 -38.14 34.59 8.45
C GLU A 95 -38.08 34.31 6.96
N ALA A 96 -37.74 33.06 6.60
CA ALA A 96 -37.66 32.65 5.20
C ALA A 96 -39.06 32.43 4.55
N ARG A 97 -40.13 32.49 5.36
CA ARG A 97 -41.51 32.19 4.91
C ARG A 97 -41.62 30.83 4.18
N LEU A 98 -41.14 29.79 4.86
CA LEU A 98 -41.22 28.44 4.34
C LEU A 98 -42.10 27.63 5.25
N VAL A 99 -42.88 26.73 4.65
CA VAL A 99 -43.69 25.81 5.41
C VAL A 99 -42.88 24.50 5.48
N PRO A 100 -43.12 23.67 6.52
CA PRO A 100 -42.43 22.40 6.70
C PRO A 100 -42.27 21.57 5.43
N ALA A 101 -43.33 21.43 4.64
CA ALA A 101 -43.30 20.60 3.43
C ALA A 101 -42.26 21.04 2.38
N GLN A 102 -41.79 22.29 2.51
CA GLN A 102 -40.85 22.84 1.54
C GLN A 102 -39.37 22.59 1.87
N ILE A 103 -39.08 22.10 3.07
CA ILE A 103 -37.70 21.77 3.44
C ILE A 103 -37.29 20.45 2.79
N THR A 104 -36.21 20.50 2.01
CA THR A 104 -35.74 19.34 1.22
C THR A 104 -34.57 18.61 1.89
N HIS A 105 -33.73 19.34 2.63
CA HIS A 105 -32.61 18.71 3.36
C HIS A 105 -32.46 19.33 4.74
N MET A 106 -31.70 18.64 5.59
CA MET A 106 -31.34 19.16 6.88
C MET A 106 -29.89 18.77 7.12
N VAL A 107 -29.02 19.74 7.37
CA VAL A 107 -27.64 19.46 7.76
C VAL A 107 -27.46 19.98 9.19
N SER A 108 -27.23 19.07 10.11
CA SER A 108 -27.12 19.42 11.52
C SER A 108 -25.75 19.08 12.07
N THR A 109 -25.36 19.73 13.16
CA THR A 109 -24.12 19.38 13.82
C THR A 109 -24.26 19.53 15.34
N THR A 110 -23.45 18.77 16.04
CA THR A 110 -23.23 18.90 17.49
C THR A 110 -22.00 18.08 17.83
N CYS A 111 -21.26 18.49 18.85
CA CYS A 111 -20.17 17.67 19.39
C CYS A 111 -20.43 17.32 20.86
N THR A 112 -21.59 17.71 21.38
CA THR A 112 -21.91 17.48 22.79
C THR A 112 -23.05 16.48 23.00
N ASP A 113 -23.30 15.65 21.97
CA ASP A 113 -24.21 14.50 22.07
C ASP A 113 -23.78 13.34 21.17
N SER A 114 -24.18 12.13 21.58
CA SER A 114 -24.16 10.92 20.74
C SER A 114 -25.46 10.14 20.96
N ALA A 115 -26.09 9.74 19.86
CA ALA A 115 -27.40 9.12 19.94
C ALA A 115 -27.73 8.49 18.60
N ASN A 116 -28.48 7.39 18.62
CA ASN A 116 -29.07 6.81 17.41
C ASN A 116 -30.50 6.39 17.75
N PRO A 117 -31.52 7.01 17.12
CA PRO A 117 -31.47 8.10 16.14
C PRO A 117 -30.82 9.35 16.70
N GLY A 118 -30.17 10.11 15.82
CA GLY A 118 -29.55 11.37 16.22
C GLY A 118 -30.57 12.44 16.60
N TYR A 119 -30.11 13.51 17.24
CA TYR A 119 -30.99 14.58 17.73
C TYR A 119 -31.76 15.29 16.61
N ASP A 120 -31.18 15.31 15.40
CA ASP A 120 -31.83 15.92 14.23
C ASP A 120 -33.16 15.27 13.89
N HIS A 121 -33.23 13.95 14.07
CA HIS A 121 -34.49 13.22 13.92
C HIS A 121 -35.64 13.80 14.73
N TYR A 122 -35.38 14.07 16.02
CA TYR A 122 -36.43 14.57 16.92
C TYR A 122 -36.81 16.02 16.63
N VAL A 123 -35.82 16.82 16.23
CA VAL A 123 -36.08 18.20 15.77
C VAL A 123 -36.97 18.21 14.52
N ALA A 124 -36.59 17.44 13.51
CA ALA A 124 -37.39 17.33 12.27
C ALA A 124 -38.81 16.83 12.56
N LYS A 125 -38.92 15.87 13.47
CA LYS A 125 -40.23 15.39 13.93
C LYS A 125 -41.11 16.50 14.57
N GLU A 126 -40.53 17.32 15.46
CA GLU A 126 -41.34 18.40 16.09
C GLU A 126 -41.74 19.51 15.10
N LEU A 127 -40.90 19.71 14.08
CA LEU A 127 -41.14 20.73 13.07
C LEU A 127 -42.16 20.23 12.05
N GLY A 128 -42.41 18.92 12.06
CA GLY A 128 -43.36 18.32 11.12
C GLY A 128 -42.80 18.24 9.70
N LEU A 129 -41.50 18.04 9.60
CA LEU A 129 -40.85 17.93 8.30
C LEU A 129 -41.20 16.60 7.61
N SER A 130 -40.85 16.51 6.33
CA SER A 130 -41.22 15.40 5.48
C SER A 130 -40.57 14.08 5.91
N ASP A 131 -41.33 12.99 5.81
CA ASP A 131 -40.79 11.63 5.98
C ASP A 131 -39.76 11.28 4.90
N ARG A 132 -39.63 12.15 3.90
CA ARG A 132 -38.70 11.95 2.78
C ARG A 132 -37.46 12.85 2.91
N LEU A 133 -37.44 13.67 3.96
CA LEU A 133 -36.32 14.58 4.23
C LEU A 133 -34.96 13.88 4.15
N GLU A 134 -34.00 14.48 3.46
CA GLU A 134 -32.63 13.97 3.45
C GLU A 134 -31.85 14.67 4.56
N LYS A 135 -31.29 13.89 5.48
CA LYS A 135 -30.61 14.47 6.64
C LYS A 135 -29.15 14.10 6.70
N VAL A 136 -28.35 15.03 7.23
CA VAL A 136 -26.93 14.81 7.51
C VAL A 136 -26.68 15.30 8.91
N LEU A 137 -26.22 14.41 9.77
CA LEU A 137 -25.74 14.82 11.10
C LEU A 137 -24.22 14.68 11.13
N LEU A 138 -23.54 15.81 11.13
CA LEU A 138 -22.08 15.84 11.11
C LEU A 138 -21.55 15.55 12.51
N HIS A 139 -20.44 14.83 12.58
CA HIS A 139 -19.79 14.53 13.84
C HIS A 139 -18.30 14.80 13.69
N GLY A 140 -17.57 14.92 14.80
CA GLY A 140 -16.10 14.93 14.73
C GLY A 140 -15.40 16.29 14.64
N ILE A 141 -16.18 17.36 14.48
CA ILE A 141 -15.62 18.67 14.07
C ILE A 141 -15.75 19.87 15.06
N GLY A 142 -16.47 19.69 16.17
CA GLY A 142 -16.56 20.75 17.20
C GLY A 142 -16.89 22.15 16.68
N SER A 144 -15.85 24.21 14.38
CA SER A 144 -15.94 24.60 12.97
C SER A 144 -17.26 24.13 12.33
N GLY A 145 -18.08 23.44 13.11
CA GLY A 145 -19.30 22.78 12.65
C GLY A 145 -20.35 23.63 11.96
N GLY A 146 -20.53 24.86 12.43
CA GLY A 146 -21.49 25.78 11.84
C GLY A 146 -21.13 26.07 10.39
N LEU A 147 -19.87 26.44 10.15
CA LEU A 147 -19.46 26.74 8.77
C LEU A 147 -19.27 25.51 7.89
N ALA A 148 -18.78 24.41 8.48
CA ALA A 148 -18.74 23.11 7.80
C ALA A 148 -20.14 22.62 7.41
N ALA A 149 -21.14 22.81 8.27
CA ALA A 149 -22.54 22.51 7.91
C ALA A 149 -23.06 23.41 6.78
N LEU A 150 -22.72 24.70 6.85
CA LEU A 150 -23.09 25.64 5.78
C LEU A 150 -22.44 25.24 4.44
N ARG A 151 -21.15 24.93 4.46
CA ARG A 151 -20.45 24.48 3.25
C ARG A 151 -21.02 23.18 2.69
N THR A 152 -21.30 22.23 3.59
CA THR A 152 -21.94 20.98 3.22
C THR A 152 -23.30 21.22 2.57
N ALA A 153 -24.14 22.02 3.21
CA ALA A 153 -25.42 22.46 2.64
C ALA A 153 -25.29 23.10 1.25
N ALA A 154 -24.26 23.93 1.07
CA ALA A 154 -23.98 24.57 -0.24
C ALA A 154 -23.80 23.52 -1.33
N ASN A 155 -22.93 22.54 -1.08
CA ASN A 155 -22.71 21.43 -2.01
C ASN A 155 -24.00 20.66 -2.28
N LEU A 156 -24.77 20.40 -1.23
CA LEU A 156 -26.03 19.67 -1.39
C LEU A 156 -27.03 20.47 -2.21
N CYS A 157 -27.09 21.77 -1.96
CA CYS A 157 -27.94 22.69 -2.74
C CYS A 157 -27.56 22.63 -4.21
N LEU A 158 -26.27 22.62 -4.49
CA LEU A 158 -25.81 22.62 -5.88
C LEU A 158 -26.08 21.28 -6.58
N GLY A 159 -26.10 20.20 -5.80
CA GLY A 159 -26.54 18.89 -6.32
C GLY A 159 -27.96 18.91 -6.85
N HIS A 160 -28.88 19.53 -6.09
CA HIS A 160 -30.25 19.73 -6.55
C HIS A 160 -30.34 20.69 -7.74
N THR A 161 -29.55 21.77 -7.69
CA THR A 161 -29.41 22.68 -8.82
C THR A 161 -29.07 21.90 -10.11
N ALA A 162 -28.07 21.03 -10.05
CA ALA A 162 -27.66 20.18 -11.18
C ALA A 162 -28.79 19.34 -11.77
N ARG A 163 -29.82 19.06 -10.96
CA ARG A 163 -30.99 18.30 -11.42
C ARG A 163 -32.23 19.17 -11.71
N GLY A 164 -32.09 20.49 -11.61
CA GLY A 164 -33.20 21.40 -11.80
C GLY A 164 -34.23 21.38 -10.70
N LYS A 165 -33.80 21.06 -9.48
CA LYS A 165 -34.73 20.88 -8.37
C LYS A 165 -34.60 21.97 -7.30
N PRO A 166 -35.75 22.43 -6.76
CA PRO A 166 -35.69 23.33 -5.62
C PRO A 166 -34.98 22.65 -4.45
N ALA A 167 -34.12 23.41 -3.76
CA ALA A 167 -33.48 22.96 -2.53
C ALA A 167 -33.66 24.04 -1.50
N ARG A 168 -34.23 23.67 -0.35
CA ARG A 168 -34.32 24.57 0.81
C ARG A 168 -33.81 23.75 2.00
N ILE A 169 -32.65 24.14 2.52
CA ILE A 169 -31.95 23.32 3.49
C ILE A 169 -31.92 23.99 4.85
N LEU A 170 -32.46 23.30 5.85
CA LEU A 170 -32.30 23.68 7.24
C LEU A 170 -30.90 23.30 7.75
N VAL A 171 -30.10 24.31 8.08
CA VAL A 171 -28.74 24.12 8.57
C VAL A 171 -28.75 24.46 10.07
N LEU A 172 -28.44 23.48 10.92
CA LEU A 172 -28.71 23.58 12.38
C LEU A 172 -27.50 23.20 13.24
N ALA A 173 -27.19 24.03 14.23
CA ALA A 173 -26.16 23.70 15.20
C ALA A 173 -26.77 23.82 16.61
N LEU A 174 -26.49 22.82 17.43
CA LEU A 174 -26.98 22.76 18.81
C LEU A 174 -25.81 22.31 19.68
N GLU A 175 -25.45 23.11 20.68
CA GLU A 175 -24.43 22.69 21.62
C GLU A 175 -24.89 22.89 23.07
N VAL A 176 -24.68 21.86 23.87
CA VAL A 176 -24.94 21.92 25.30
C VAL A 176 -23.65 21.49 26.00
N SER A 177 -22.81 22.47 26.33
CA SER A 177 -21.53 22.21 26.95
C SER A 177 -21.51 22.43 28.47
N THR A 178 -22.44 23.22 28.99
CA THR A 178 -22.30 23.64 30.40
C THR A 178 -22.53 22.51 31.40
N THR A 179 -23.23 21.46 30.96
CA THR A 179 -23.49 20.26 31.77
C THR A 179 -22.24 19.45 32.08
N MET A 180 -21.15 19.70 31.35
CA MET A 180 -19.92 18.94 31.58
C MET A 180 -19.02 19.63 32.59
N VAL A 181 -19.57 20.59 33.31
CA VAL A 181 -18.80 21.33 34.32
C VAL A 181 -18.18 20.41 35.39
N ARG A 182 -18.93 19.44 35.88
CA ARG A 182 -18.43 18.55 36.94
C ARG A 182 -17.34 17.63 36.44
N SER A 183 -17.45 17.22 35.16
CA SER A 183 -16.40 16.42 34.51
C SER A 183 -15.07 17.18 34.46
N GLU A 184 -15.11 18.41 33.93
CA GLU A 184 -13.90 19.23 33.90
C GLU A 184 -13.35 19.49 35.31
N LEU A 185 -14.23 19.78 36.27
CA LEU A 185 -13.80 19.98 37.66
C LEU A 185 -13.06 18.75 38.19
N GLU A 186 -13.61 17.56 37.96
CA GLU A 186 -12.97 16.31 38.40
C GLU A 186 -11.58 16.12 37.78
N SER A 187 -11.45 16.38 36.47
CA SER A 187 -10.16 16.30 35.80
C SER A 187 -9.13 17.29 36.31
N ILE A 188 -9.55 18.51 36.62
CA ILE A 188 -8.65 19.55 37.14
C ILE A 188 -8.16 19.11 38.52
N ASP A 189 -9.10 18.77 39.40
CA ASP A 189 -8.79 18.35 40.77
C ASP A 189 -7.85 17.12 40.83
N ALA A 190 -8.23 16.05 40.12
CA ALA A 190 -7.50 14.78 40.19
C ALA A 190 -6.16 14.79 39.43
N LEU A 191 -6.16 15.33 38.22
CA LEU A 191 -4.95 15.37 37.38
C LEU A 191 -4.03 16.57 37.65
N GLN A 192 -4.54 17.58 38.34
CA GLN A 192 -3.81 18.85 38.57
C GLN A 192 -3.23 19.48 37.28
N GLU A 193 -4.05 19.52 36.23
CA GLU A 193 -3.69 20.22 35.00
C GLU A 193 -4.60 21.43 34.80
N THR A 194 -4.08 22.48 34.18
CA THR A 194 -4.89 23.68 33.96
C THR A 194 -5.73 23.53 32.69
N ARG A 195 -6.95 23.04 32.88
CA ARG A 195 -7.90 22.81 31.80
C ARG A 195 -8.85 24.02 31.68
N ILE A 196 -8.76 24.74 30.57
CA ILE A 196 -9.46 26.02 30.42
C ILE A 196 -10.84 25.95 29.72
N GLY A 197 -11.30 24.73 29.45
CA GLY A 197 -12.63 24.49 28.92
C GLY A 197 -13.76 25.07 29.74
N ILE A 198 -13.78 24.82 31.05
CA ILE A 198 -14.87 25.35 31.91
C ILE A 198 -15.02 26.85 31.80
N ALA A 199 -14.00 27.54 31.33
CA ALA A 199 -14.00 29.00 31.33
C ALA A 199 -14.63 29.61 30.05
N LEU A 200 -14.74 28.81 29.00
CA LEU A 200 -15.01 29.35 27.66
C LEU A 200 -16.39 29.06 27.11
N PHE A 201 -16.86 27.83 27.29
CA PHE A 201 -17.98 27.30 26.51
C PHE A 201 -19.35 27.52 27.14
N SER A 202 -20.36 27.66 26.30
CA SER A 202 -21.75 27.91 26.74
C SER A 202 -22.73 27.12 25.85
N ASP A 203 -24.03 27.34 26.06
CA ASP A 203 -25.07 26.59 25.35
C ASP A 203 -25.86 27.50 24.40
N CYS A 204 -26.27 26.95 23.25
CA CYS A 204 -27.00 27.72 22.24
C CYS A 204 -27.47 26.77 21.14
N ALA A 205 -28.58 27.15 20.50
CA ALA A 205 -28.91 26.62 19.18
C ALA A 205 -29.12 27.74 18.17
N SER A 206 -28.67 27.50 16.95
CA SER A 206 -28.83 28.47 15.86
C SER A 206 -29.06 27.74 14.56
N ALA A 207 -29.76 28.42 13.65
CA ALA A 207 -30.18 27.82 12.38
C ALA A 207 -30.22 28.87 11.28
N VAL A 208 -29.90 28.46 10.06
CA VAL A 208 -30.18 29.27 8.89
C VAL A 208 -30.86 28.38 7.87
N ILE A 209 -31.57 29.02 6.94
CA ILE A 209 -32.06 28.33 5.77
C ILE A 209 -31.16 28.73 4.60
N LEU A 210 -30.65 27.74 3.88
CA LEU A 210 -29.92 27.98 2.64
C LEU A 210 -30.75 27.49 1.47
N SER A 211 -30.91 28.34 0.47
CA SER A 211 -31.74 28.07 -0.70
C SER A 211 -30.90 28.10 -1.96
N ASN A 212 -31.24 27.27 -2.95
CA ASN A 212 -30.56 27.32 -4.26
C ASN A 212 -31.27 28.22 -5.29
N GLY A 213 -32.32 28.91 -4.86
CA GLY A 213 -33.04 29.86 -5.70
C GLY A 213 -34.09 29.28 -6.63
N ILE A 214 -33.94 28.00 -6.98
CA ILE A 214 -34.82 27.35 -7.95
C ILE A 214 -36.20 27.16 -7.35
N GLY A 215 -37.23 27.60 -8.07
CA GLY A 215 -38.58 27.51 -7.56
C GLY A 215 -39.07 28.74 -6.80
N GLU A 216 -38.17 29.67 -6.49
CA GLU A 216 -38.56 30.90 -5.80
C GLU A 216 -39.29 31.82 -6.79
N ALA A 217 -40.45 32.35 -6.40
CA ALA A 217 -41.07 33.42 -7.19
C ALA A 217 -40.06 34.59 -7.19
N PRO A 218 -39.62 35.03 -8.40
CA PRO A 218 -38.51 35.98 -8.59
C PRO A 218 -38.61 37.30 -7.79
N GLY A 219 -37.47 37.96 -7.60
CA GLY A 219 -37.37 39.14 -6.72
C GLY A 219 -37.63 38.85 -5.24
N LYS A 220 -37.38 37.60 -4.83
CA LYS A 220 -37.62 37.17 -3.45
C LYS A 220 -36.47 37.66 -2.56
N PRO A 221 -36.81 38.19 -1.36
CA PRO A 221 -35.75 38.72 -0.49
C PRO A 221 -34.87 37.63 0.17
N ALA A 222 -33.62 37.99 0.44
CA ALA A 222 -32.65 37.14 1.13
C ALA A 222 -31.90 38.01 2.14
N ILE A 223 -31.21 37.39 3.10
CA ILE A 223 -30.35 38.15 4.02
C ILE A 223 -28.92 38.23 3.50
N TYR A 224 -28.38 37.08 3.09
CA TYR A 224 -27.02 37.00 2.57
C TYR A 224 -27.04 36.10 1.35
N ASP A 225 -26.17 36.40 0.40
CA ASP A 225 -25.87 35.48 -0.68
C ASP A 225 -24.54 34.82 -0.32
N LEU A 226 -24.45 33.51 -0.50
CA LEU A 226 -23.20 32.80 -0.28
C LEU A 226 -22.41 32.71 -1.58
N LEU A 227 -21.28 33.41 -1.64
CA LEU A 227 -20.46 33.53 -2.85
C LEU A 227 -19.35 32.50 -3.02
N GLY A 228 -18.79 32.03 -1.92
CA GLY A 228 -17.71 31.05 -1.97
C GLY A 228 -17.23 30.62 -0.61
N TRP A 229 -16.32 29.66 -0.57
CA TRP A 229 -15.85 29.10 0.69
C TRP A 229 -14.49 28.46 0.50
N GLU A 230 -13.79 28.29 1.60
CA GLU A 230 -12.52 27.57 1.61
C GLU A 230 -12.43 26.76 2.91
N ASN A 231 -11.74 25.62 2.84
CA ASN A 231 -11.50 24.79 4.02
C ASN A 231 -10.13 24.11 3.93
N ARG A 232 -9.47 23.98 5.08
CA ARG A 232 -8.13 23.41 5.15
C ARG A 232 -7.99 22.72 6.50
N VAL A 233 -7.07 21.77 6.56
CA VAL A 233 -6.58 21.23 7.82
C VAL A 233 -5.13 21.69 7.99
N ILE A 234 -4.84 22.21 9.19
CA ILE A 234 -3.48 22.54 9.62
C ILE A 234 -2.73 21.25 9.98
N PRO A 235 -1.62 20.96 9.29
CA PRO A 235 -0.87 19.71 9.48
C PRO A 235 -0.31 19.51 10.89
N ASP A 236 -0.27 18.26 11.34
CA ASP A 236 0.30 17.86 12.63
C ASP A 236 -0.19 18.71 13.81
N SER A 237 -1.51 18.89 13.88
CA SER A 237 -2.11 19.65 14.97
C SER A 237 -3.31 18.94 15.62
N GLU A 238 -3.41 17.62 15.43
CA GLU A 238 -4.48 16.81 16.06
C GLU A 238 -4.46 16.85 17.59
N HIS A 239 -3.25 16.90 18.15
CA HIS A 239 -3.02 16.80 19.60
C HIS A 239 -3.29 18.13 20.29
N ASP A 240 -3.48 19.18 19.50
CA ASP A 240 -3.66 20.53 20.03
C ASP A 240 -5.10 20.85 20.41
N LEU A 241 -6.05 20.12 19.83
CA LEU A 241 -7.46 20.50 19.92
C LEU A 241 -8.34 19.29 19.67
N GLY A 242 -9.23 19.02 20.61
CA GLY A 242 -10.04 17.80 20.56
C GLY A 242 -11.06 17.67 21.68
N PHE A 243 -11.83 16.59 21.63
CA PHE A 243 -12.95 16.38 22.53
C PHE A 243 -13.16 14.86 22.58
N ASP A 244 -12.57 14.21 23.59
CA ASP A 244 -12.45 12.74 23.61
C ASP A 244 -13.58 12.11 24.43
N VAL A 245 -14.23 11.08 23.88
CA VAL A 245 -15.36 10.43 24.55
C VAL A 245 -14.92 9.79 25.89
N ASP A 246 -15.82 9.79 26.85
CA ASP A 246 -15.51 9.44 28.24
C ASP A 246 -16.77 8.95 28.92
N PRO A 247 -16.65 8.06 29.92
CA PRO A 247 -17.86 7.73 30.70
C PRO A 247 -18.53 8.95 31.36
N MET A 248 -17.80 10.06 31.47
CA MET A 248 -18.33 11.32 32.02
C MET A 248 -18.75 12.31 30.94
N GLY A 249 -18.75 11.88 29.67
CA GLY A 249 -19.05 12.77 28.55
C GLY A 249 -17.91 12.89 27.54
N TRP A 250 -17.38 14.09 27.39
CA TRP A 250 -16.23 14.29 26.52
C TRP A 250 -15.25 15.19 27.24
N LYS A 251 -13.97 14.86 27.09
CA LYS A 251 -12.89 15.60 27.72
C LYS A 251 -12.20 16.51 26.70
N VAL A 252 -12.12 17.78 27.07
CA VAL A 252 -11.48 18.82 26.28
C VAL A 252 -9.97 18.64 26.18
N VAL A 253 -9.46 18.75 24.94
CA VAL A 253 -8.03 18.91 24.68
C VAL A 253 -7.88 20.29 24.04
N LEU A 254 -7.02 21.14 24.63
CA LEU A 254 -6.88 22.52 24.14
C LEU A 254 -5.55 23.07 24.61
N SER A 255 -4.59 23.08 23.69
CA SER A 255 -3.20 23.42 23.99
C SER A 255 -2.95 24.92 23.81
N PRO A 256 -1.83 25.43 24.37
CA PRO A 256 -1.44 26.83 24.17
C PRO A 256 -1.11 27.20 22.73
N ARG A 257 -0.84 26.19 21.90
CA ARG A 257 -0.47 26.40 20.49
C ARG A 257 -1.64 26.87 19.61
N VAL A 258 -2.86 26.59 20.04
CA VAL A 258 -4.04 26.77 19.16
C VAL A 258 -4.15 28.16 18.51
N PRO A 259 -4.16 29.25 19.33
CA PRO A 259 -4.33 30.57 18.73
C PRO A 259 -3.15 31.04 17.88
N VAL A 260 -1.98 30.43 18.08
CA VAL A 260 -0.79 30.71 17.26
C VAL A 260 -0.99 30.08 15.86
N LEU A 261 -1.36 28.80 15.84
CA LEU A 261 -1.62 28.09 14.59
C LEU A 261 -2.79 28.72 13.79
N ALA A 262 -3.84 29.14 14.49
CA ALA A 262 -5.03 29.71 13.85
C ALA A 262 -4.67 31.04 13.15
N LYS A 263 -4.06 31.95 13.89
CA LYS A 263 -3.59 33.22 13.35
C LYS A 263 -2.72 33.06 12.08
N ALA A 264 -1.78 32.12 12.09
CA ALA A 264 -0.91 31.89 10.92
C ALA A 264 -1.67 31.39 9.68
N SER A 265 -2.81 30.76 9.92
CA SER A 265 -3.62 30.17 8.85
C SER A 265 -4.53 31.20 8.21
N LEU A 266 -4.76 32.32 8.87
CA LEU A 266 -5.74 33.32 8.41
C LEU A 266 -5.43 33.97 7.06
N GLN A 267 -4.21 34.49 6.92
CA GLN A 267 -3.82 35.28 5.76
C GLN A 267 -3.80 34.46 4.45
N PRO A 268 -3.14 33.27 4.44
CA PRO A 268 -3.16 32.48 3.20
C PRO A 268 -4.54 31.91 2.80
N THR A 269 -5.38 31.58 3.78
CA THR A 269 -6.73 31.11 3.51
C THR A 269 -7.61 32.23 2.94
N TYR A 270 -7.53 33.40 3.57
CA TYR A 270 -8.21 34.59 3.08
C TYR A 270 -7.78 34.93 1.64
N ALA A 271 -6.48 34.84 1.38
CA ALA A 271 -5.95 35.08 0.04
C ALA A 271 -6.61 34.17 -0.97
N ASP A 272 -6.69 32.88 -0.65
CA ASP A 272 -7.31 31.89 -1.54
C ASP A 272 -8.80 32.17 -1.73
N LEU A 273 -9.50 32.47 -0.63
CA LEU A 273 -10.91 32.86 -0.69
C LEU A 273 -11.12 34.03 -1.66
N LEU A 274 -10.42 35.14 -1.39
CA LEU A 274 -10.54 36.35 -2.18
C LEU A 274 -10.17 36.15 -3.65
N SER A 275 -9.10 35.40 -3.93
CA SER A 275 -8.64 35.19 -5.31
C SER A 275 -9.64 34.39 -6.18
N SER A 276 -10.38 33.48 -5.56
CA SER A 276 -11.39 32.68 -6.25
C SER A 276 -12.61 33.49 -6.71
N LEU A 277 -12.79 34.70 -6.18
CA LEU A 277 -14.00 35.47 -6.50
C LEU A 277 -13.84 36.99 -6.60
N GLN A 278 -12.60 37.47 -6.59
CA GLN A 278 -12.32 38.92 -6.63
C GLN A 278 -12.98 39.65 -7.80
N ASP A 279 -13.16 38.95 -8.92
CA ASP A 279 -13.75 39.56 -10.11
C ASP A 279 -15.26 39.81 -9.94
N GLN A 280 -15.85 39.22 -8.89
CA GLN A 280 -17.25 39.50 -8.57
C GLN A 280 -17.38 40.69 -7.61
N LEU A 281 -16.26 41.17 -7.06
CA LEU A 281 -16.28 42.22 -6.04
C LEU A 281 -15.95 43.61 -6.58
N PRO A 282 -16.63 44.66 -6.07
CA PRO A 282 -16.39 46.06 -6.44
C PRO A 282 -15.03 46.58 -5.97
N SER A 283 -14.61 47.72 -6.50
CA SER A 283 -13.32 48.31 -6.15
C SER A 283 -13.18 48.66 -4.67
N SER A 284 -14.31 48.84 -3.98
CA SER A 284 -14.27 49.22 -2.56
C SER A 284 -14.11 47.99 -1.64
N TYR A 285 -14.00 46.80 -2.23
CA TYR A 285 -13.77 45.57 -1.47
C TYR A 285 -12.52 44.85 -2.01
N GLN A 286 -11.35 45.27 -1.52
CA GLN A 286 -10.08 44.80 -2.03
C GLN A 286 -9.14 44.30 -0.95
N LYS A 287 -9.17 44.94 0.22
CA LYS A 287 -8.29 44.61 1.33
C LYS A 287 -9.10 44.18 2.57
N PRO A 288 -8.49 43.41 3.49
CA PRO A 288 -9.24 42.83 4.62
C PRO A 288 -10.11 43.82 5.40
N ALA A 289 -9.64 45.05 5.61
CA ALA A 289 -10.41 46.04 6.38
C ALA A 289 -11.64 46.58 5.64
N ASP A 290 -11.76 46.28 4.34
CA ASP A 290 -12.90 46.72 3.55
C ASP A 290 -14.15 45.88 3.84
N PHE A 291 -13.95 44.71 4.42
CA PHE A 291 -15.04 43.79 4.71
C PHE A 291 -15.50 43.87 6.17
N ASP A 292 -16.72 43.42 6.46
CA ASP A 292 -17.10 43.12 7.84
C ASP A 292 -16.69 41.66 8.09
N TRP A 293 -16.39 41.31 9.34
CA TRP A 293 -15.83 40.00 9.63
C TRP A 293 -16.64 39.24 10.66
N ALA A 294 -17.23 38.13 10.25
CA ALA A 294 -17.96 37.26 11.17
C ALA A 294 -17.05 36.12 11.66
N MET A 295 -16.23 36.41 12.66
CA MET A 295 -15.24 35.48 13.18
C MET A 295 -15.89 34.65 14.28
N HIS A 296 -15.64 33.34 14.32
CA HIS A 296 -16.05 32.56 15.47
C HIS A 296 -15.15 32.92 16.65
N PRO A 297 -15.76 33.42 17.73
CA PRO A 297 -14.97 33.86 18.89
C PRO A 297 -14.52 32.66 19.74
N GLY A 298 -13.50 31.94 19.27
CA GLY A 298 -13.04 30.75 19.96
C GLY A 298 -12.42 31.09 21.30
N GLY A 299 -11.93 32.31 21.43
CA GLY A 299 -11.28 32.81 22.63
C GLY A 299 -10.81 34.21 22.34
N ALA A 300 -10.38 34.91 23.39
CA ALA A 300 -9.95 36.31 23.25
C ALA A 300 -8.78 36.45 22.27
N THR A 301 -7.86 35.50 22.30
CA THR A 301 -6.66 35.59 21.46
C THR A 301 -6.91 35.27 19.99
N ILE A 302 -8.03 34.61 19.69
CA ILE A 302 -8.46 34.40 18.31
C ILE A 302 -8.86 35.74 17.69
N LEU A 303 -9.61 36.52 18.47
CA LEU A 303 -10.10 37.82 18.03
C LEU A 303 -8.97 38.85 17.91
N SER A 304 -8.15 38.97 18.96
CA SER A 304 -7.01 39.88 18.91
C SER A 304 -5.97 39.41 17.90
N GLY A 305 -5.78 38.09 17.81
CA GLY A 305 -4.91 37.50 16.78
C GLY A 305 -5.35 37.87 15.35
N ALA A 306 -6.64 37.74 15.07
CA ALA A 306 -7.20 38.08 13.77
C ALA A 306 -7.08 39.56 13.45
N GLU A 307 -7.31 40.42 14.44
CA GLU A 307 -7.13 41.87 14.29
C GLU A 307 -5.68 42.17 13.90
N SER A 308 -4.76 41.48 14.55
CA SER A 308 -3.33 41.68 14.35
C SER A 308 -2.88 41.23 12.96
N ALA A 309 -3.28 40.02 12.56
CA ALA A 309 -2.83 39.44 11.29
C ALA A 309 -3.43 40.12 10.07
N MET A 310 -4.69 40.53 10.17
CA MET A 310 -5.43 41.08 9.04
C MET A 310 -5.54 42.60 9.09
N GLY A 311 -5.04 43.21 10.16
CA GLY A 311 -5.07 44.67 10.30
C GLY A 311 -6.47 45.23 10.49
N LEU A 312 -7.22 44.62 11.41
CA LEU A 312 -8.61 44.99 11.64
C LEU A 312 -8.77 45.67 13.00
N THR A 313 -9.79 46.51 13.13
CA THR A 313 -10.23 47.01 14.42
C THR A 313 -11.22 46.00 15.04
N PRO A 314 -11.44 46.09 16.36
CA PRO A 314 -12.47 45.28 17.00
C PRO A 314 -13.84 45.45 16.34
N GLU A 315 -14.15 46.67 15.90
CA GLU A 315 -15.43 46.96 15.28
C GLU A 315 -15.67 46.21 13.97
N HIS A 316 -14.60 45.76 13.32
CA HIS A 316 -14.72 44.93 12.11
C HIS A 316 -15.36 43.60 12.45
N MET A 317 -15.17 43.15 13.70
CA MET A 317 -15.74 41.92 14.23
C MET A 317 -16.69 42.22 15.40
N ARG A 318 -17.45 43.32 15.30
CA ARG A 318 -18.33 43.79 16.37
C ARG A 318 -19.35 42.74 16.88
N ALA A 319 -19.92 41.96 15.97
CA ALA A 319 -20.92 40.95 16.33
C ALA A 319 -20.26 39.77 17.03
N SER A 320 -19.02 39.45 16.62
CA SER A 320 -18.22 38.41 17.32
C SER A 320 -17.94 38.76 18.78
N TYR A 321 -17.45 39.99 19.02
CA TYR A 321 -17.24 40.51 20.37
C TYR A 321 -18.52 40.52 21.16
N ASP A 322 -19.61 40.99 20.54
CA ASP A 322 -20.93 40.99 21.17
C ASP A 322 -21.40 39.61 21.68
N ARG A 323 -21.28 38.60 20.83
CA ARG A 323 -21.66 37.24 21.25
C ARG A 323 -20.70 36.70 22.32
N TYR A 324 -19.41 36.93 22.13
CA TYR A 324 -18.39 36.38 23.04
C TYR A 324 -18.56 36.94 24.46
N ILE A 325 -18.63 38.27 24.54
CA ILE A 325 -18.74 38.96 25.84
C ILE A 325 -20.01 38.62 26.59
N ASN A 326 -21.13 38.59 25.86
CA ASN A 326 -22.43 38.48 26.47
C ASN A 326 -22.95 37.05 26.54
N HIS A 327 -22.37 36.13 25.76
CA HIS A 327 -22.87 34.74 25.72
C HIS A 327 -21.80 33.66 25.82
N GLY A 328 -20.54 34.01 25.56
CA GLY A 328 -19.46 33.02 25.59
C GLY A 328 -19.32 32.24 24.29
N ASN A 329 -18.45 31.24 24.28
CA ASN A 329 -18.22 30.40 23.07
C ASN A 329 -19.19 29.21 23.05
N SER A 330 -20.22 29.23 22.19
CA SER A 330 -21.21 28.13 22.10
C SER A 330 -20.87 27.14 20.96
N SER A 331 -19.59 26.99 20.71
CA SER A 331 -19.04 26.03 19.77
C SER A 331 -19.70 26.23 18.40
N SER A 332 -20.22 25.15 17.80
CA SER A 332 -20.72 25.21 16.42
C SER A 332 -21.91 26.15 16.20
N ALA A 333 -22.64 26.46 17.27
CA ALA A 333 -23.82 27.35 17.19
C ALA A 333 -23.50 28.85 17.13
N THR A 334 -22.26 29.20 17.46
CA THR A 334 -21.89 30.61 17.62
C THR A 334 -21.89 31.39 16.31
N ILE A 335 -21.40 30.77 15.24
CA ILE A 335 -21.25 31.50 13.98
C ILE A 335 -22.55 32.06 13.42
N PHE A 336 -23.62 31.25 13.45
CA PHE A 336 -24.93 31.72 12.99
C PHE A 336 -25.53 32.77 13.93
N SER A 337 -25.29 32.61 15.23
CA SER A 337 -25.62 33.67 16.20
C SER A 337 -24.92 35.01 15.82
N VAL A 338 -23.63 34.95 15.47
CA VAL A 338 -22.88 36.12 14.98
C VAL A 338 -23.48 36.77 13.71
N LEU A 339 -23.69 35.97 12.65
CA LEU A 339 -24.34 36.47 11.41
C LEU A 339 -25.75 37.04 11.65
N ASN A 340 -26.48 36.47 12.61
CA ASN A 340 -27.81 37.00 12.96
C ASN A 340 -27.69 38.36 13.61
N ARG A 341 -26.78 38.48 14.56
CA ARG A 341 -26.51 39.73 15.27
C ARG A 341 -25.98 40.84 14.37
N LEU A 342 -25.14 40.46 13.40
CA LEU A 342 -24.45 41.43 12.55
C LEU A 342 -25.43 42.31 11.78
N ARG A 343 -26.55 41.75 11.39
CA ARG A 343 -27.54 42.47 10.56
C ARG A 343 -28.57 43.30 11.35
N GLU A 344 -28.40 43.34 12.68
CA GLU A 344 -29.28 44.14 13.55
C GLU A 344 -28.85 45.62 13.64
N LYS A 345 -29.84 46.49 13.84
CA LYS A 345 -29.64 47.93 13.77
C LYS A 345 -28.57 48.48 14.70
N ASP A 346 -28.44 47.92 15.90
CA ASP A 346 -27.43 48.45 16.82
C ASP A 346 -25.99 48.01 16.53
N MET A 347 -25.83 46.91 15.78
CA MET A 347 -24.53 46.60 15.21
C MET A 347 -24.22 47.53 14.04
N ASP A 348 -25.22 47.87 13.23
CA ASP A 348 -25.03 48.86 12.16
C ASP A 348 -24.39 50.16 12.66
N ALA A 349 -24.84 50.62 13.83
CA ALA A 349 -24.32 51.83 14.47
C ALA A 349 -22.81 51.81 14.69
N LEU A 350 -22.23 50.61 14.83
CA LEU A 350 -20.81 50.47 15.17
C LEU A 350 -19.92 50.15 13.97
N ALA A 351 -20.46 50.24 12.75
CA ALA A 351 -19.67 49.88 11.56
C ALA A 351 -18.46 50.80 11.36
N PRO A 352 -17.28 50.20 11.14
CA PRO A 352 -16.09 50.97 10.79
C PRO A 352 -16.36 51.93 9.62
N GLY A 353 -15.89 53.16 9.77
CA GLY A 353 -16.05 54.22 8.76
C GLY A 353 -17.48 54.70 8.63
N GLY A 354 -18.35 54.28 9.55
CA GLY A 354 -19.79 54.54 9.43
C GLY A 354 -20.40 53.85 8.22
N LYS A 355 -19.68 52.86 7.67
CA LYS A 355 -20.16 52.12 6.50
C LYS A 355 -20.44 50.66 6.86
N VAL A 356 -21.73 50.29 6.86
CA VAL A 356 -22.12 48.88 6.95
C VAL A 356 -21.68 48.22 5.64
N LYS A 357 -20.91 47.14 5.77
CA LYS A 357 -20.28 46.51 4.61
C LYS A 357 -21.20 45.56 3.85
N GLU A 358 -21.06 45.58 2.53
CA GLU A 358 -21.89 44.76 1.68
C GLU A 358 -21.36 43.33 1.63
N TYR A 359 -20.11 43.14 1.99
CA TYR A 359 -19.47 41.83 1.94
C TYR A 359 -18.91 41.44 3.31
N VAL A 360 -19.09 40.16 3.66
CA VAL A 360 -18.75 39.64 4.98
C VAL A 360 -17.94 38.36 4.82
N VAL A 361 -16.76 38.34 5.42
CA VAL A 361 -15.99 37.12 5.54
C VAL A 361 -16.36 36.39 6.85
N GLY A 362 -16.76 35.12 6.74
CA GLY A 362 -16.97 34.25 7.90
C GLY A 362 -15.78 33.33 8.09
N CYS A 363 -15.41 33.09 9.34
CA CYS A 363 -14.25 32.26 9.68
C CYS A 363 -14.46 31.47 10.98
N ALA A 364 -14.05 30.21 10.98
CA ALA A 364 -14.07 29.37 12.18
C ALA A 364 -12.95 28.33 12.16
N PHE A 365 -12.49 27.96 13.35
CA PHE A 365 -11.50 26.92 13.56
C PHE A 365 -12.09 25.88 14.49
N GLY A 366 -11.67 24.64 14.33
CA GLY A 366 -12.11 23.55 15.20
C GLY A 366 -11.12 22.40 15.20
N PRO A 367 -11.41 21.30 15.96
CA PRO A 367 -10.57 20.10 15.96
C PRO A 367 -10.10 19.66 14.57
N GLY A 368 -8.81 19.35 14.45
CA GLY A 368 -8.22 18.98 13.17
C GLY A 368 -6.72 19.26 13.09
N ILE A 369 -6.30 20.53 13.17
CA ILE A 369 -7.19 21.70 13.28
C ILE A 369 -7.80 21.99 11.90
N ASN A 370 -9.13 22.11 11.85
CA ASN A 370 -9.85 22.50 10.63
C ASN A 370 -10.11 24.00 10.59
N VAL A 371 -9.89 24.58 9.42
CA VAL A 371 -10.15 26.00 9.17
C VAL A 371 -11.28 26.05 8.15
N GLU A 372 -12.27 26.89 8.41
CA GLU A 372 -13.39 27.14 7.51
C GLU A 372 -13.50 28.63 7.31
N MET A 373 -13.69 29.04 6.05
CA MET A 373 -13.91 30.42 5.69
C MET A 373 -14.97 30.50 4.58
N CYS A 374 -15.78 31.56 4.59
CA CYS A 374 -16.81 31.77 3.58
C CYS A 374 -16.92 33.26 3.26
N MET A 375 -17.44 33.58 2.07
CA MET A 375 -17.69 34.97 1.67
C MET A 375 -19.17 35.13 1.44
N LEU A 376 -19.76 36.12 2.12
CA LEU A 376 -21.18 36.42 1.95
C LEU A 376 -21.36 37.81 1.38
N LYS A 377 -22.43 38.00 0.64
CA LYS A 377 -22.88 39.33 0.24
C LYS A 377 -24.14 39.66 1.02
N ARG A 378 -24.11 40.77 1.76
CA ARG A 378 -25.25 41.14 2.56
C ARG A 378 -26.16 42.05 1.76
N ARG A 379 -27.43 41.68 1.67
CA ARG A 379 -28.42 42.41 0.86
C ARG A 379 -28.84 43.72 1.55
N LEU B 1 -27.34 10.91 -14.82
CA LEU B 1 -26.70 11.51 -13.60
C LEU B 1 -25.17 11.46 -13.64
N GLY B 2 -24.62 10.52 -14.42
CA GLY B 2 -23.17 10.37 -14.55
C GLY B 2 -22.45 9.82 -13.34
N LEU B 3 -23.17 9.14 -12.45
CA LEU B 3 -22.59 8.64 -11.20
C LEU B 3 -22.28 7.16 -11.28
N SER B 4 -21.08 6.78 -10.89
CA SER B 4 -20.74 5.37 -10.85
C SER B 4 -19.80 5.01 -9.71
N ILE B 5 -19.91 3.76 -9.29
CA ILE B 5 -18.98 3.19 -8.33
C ILE B 5 -17.83 2.61 -9.12
N THR B 6 -16.64 3.17 -8.94
CA THR B 6 -15.46 2.81 -9.74
C THR B 6 -14.51 1.88 -8.99
N GLY B 7 -14.70 1.71 -7.68
CA GLY B 7 -13.89 0.75 -6.91
C GLY B 7 -14.53 0.41 -5.59
N LEU B 8 -14.28 -0.81 -5.09
CA LEU B 8 -14.78 -1.27 -3.79
C LEU B 8 -13.67 -1.99 -3.04
N GLY B 9 -13.69 -1.88 -1.72
CA GLY B 9 -12.68 -2.53 -0.91
C GLY B 9 -13.32 -2.92 0.41
N VAL B 10 -12.95 -4.10 0.92
CA VAL B 10 -13.51 -4.64 2.15
C VAL B 10 -12.36 -5.17 2.98
N GLN B 11 -12.35 -4.86 4.26
CA GLN B 11 -11.37 -5.46 5.16
C GLN B 11 -12.03 -5.90 6.44
N TYR B 12 -12.19 -7.21 6.59
CA TYR B 12 -12.59 -7.81 7.87
C TYR B 12 -11.35 -8.00 8.75
N PRO B 13 -11.51 -7.94 10.09
CA PRO B 13 -10.38 -8.33 10.93
C PRO B 13 -10.13 -9.85 10.82
N PRO B 14 -8.92 -10.32 11.22
CA PRO B 14 -8.56 -11.74 11.03
C PRO B 14 -9.42 -12.78 11.76
N TYR B 15 -10.00 -12.43 12.93
CA TYR B 15 -10.55 -13.44 13.84
C TYR B 15 -12.02 -13.77 13.55
N SER B 16 -12.40 -15.03 13.76
CA SER B 16 -13.79 -15.49 13.56
C SER B 16 -14.28 -16.13 14.83
N LEU B 17 -15.43 -15.66 15.32
CA LEU B 17 -16.02 -16.14 16.58
C LEU B 17 -17.23 -17.03 16.32
N GLY B 18 -17.20 -18.26 16.82
CA GLY B 18 -18.37 -19.14 16.81
C GLY B 18 -19.27 -18.89 18.02
N PRO B 19 -20.45 -19.53 18.05
CA PRO B 19 -21.42 -19.29 19.14
C PRO B 19 -20.89 -19.57 20.55
N ASP B 20 -19.83 -20.37 20.67
CA ASP B 20 -19.22 -20.66 21.98
C ASP B 20 -18.60 -19.44 22.64
N ALA B 21 -18.21 -18.45 21.83
CA ALA B 21 -17.50 -17.27 22.34
C ALA B 21 -18.31 -16.54 23.40
N ILE B 22 -19.62 -16.41 23.18
CA ILE B 22 -20.52 -15.75 24.14
C ILE B 22 -20.67 -16.59 25.42
N ASP B 23 -20.80 -17.91 25.24
CA ASP B 23 -20.81 -18.86 26.36
C ASP B 23 -19.59 -18.77 27.27
N ILE B 24 -18.41 -18.72 26.66
CA ILE B 24 -17.15 -18.59 27.40
C ILE B 24 -17.16 -17.38 28.32
N LEU B 25 -17.53 -16.23 27.76
CA LEU B 25 -17.45 -14.97 28.48
C LEU B 25 -18.54 -14.85 29.55
N SER B 26 -19.73 -15.30 29.23
CA SER B 26 -20.84 -15.22 30.17
C SER B 26 -20.56 -16.07 31.42
N LYS B 27 -20.07 -17.28 31.21
CA LYS B 27 -19.73 -18.19 32.31
C LYS B 27 -18.60 -17.63 33.19
N ARG B 28 -17.66 -16.95 32.54
CA ARG B 28 -16.52 -16.34 33.21
C ARG B 28 -16.91 -15.17 34.11
N TYR B 29 -17.90 -14.38 33.68
CA TYR B 29 -18.21 -13.13 34.40
C TYR B 29 -19.59 -13.02 35.04
N HIS B 30 -20.46 -13.99 34.78
CA HIS B 30 -21.82 -13.92 35.28
C HIS B 30 -22.35 -15.26 35.79
N PRO B 31 -23.20 -15.23 36.85
CA PRO B 31 -23.90 -16.42 37.28
C PRO B 31 -24.93 -16.87 36.23
N GLU B 32 -25.33 -18.13 36.33
CA GLU B 32 -26.45 -18.65 35.57
C GLU B 32 -27.71 -17.87 35.94
N SER B 33 -28.51 -17.52 34.93
CA SER B 33 -29.80 -16.83 35.13
C SER B 33 -30.73 -17.16 33.95
N PRO B 34 -32.06 -17.04 34.16
CA PRO B 34 -33.04 -17.28 33.09
C PRO B 34 -32.83 -16.44 31.81
N ALA B 35 -32.54 -15.16 31.96
CA ALA B 35 -32.33 -14.28 30.81
C ALA B 35 -31.06 -14.67 30.04
N MET B 36 -29.99 -14.99 30.78
CA MET B 36 -28.73 -15.41 30.13
C MET B 36 -28.96 -16.70 29.36
N LYS B 37 -29.66 -17.64 30.00
CA LYS B 37 -30.03 -18.91 29.37
C LYS B 37 -30.80 -18.72 28.04
N LYS B 38 -31.81 -17.85 28.05
CA LYS B 38 -32.56 -17.57 26.82
C LYS B 38 -31.66 -17.01 25.69
N VAL B 39 -30.79 -16.06 26.03
CA VAL B 39 -29.93 -15.40 25.05
C VAL B 39 -28.91 -16.39 24.48
N LEU B 40 -28.37 -17.23 25.36
CA LEU B 40 -27.43 -18.28 24.96
C LEU B 40 -28.10 -19.31 24.03
N ALA B 41 -29.38 -19.57 24.25
CA ALA B 41 -30.15 -20.42 23.33
C ALA B 41 -30.34 -19.76 21.96
N ILE B 42 -30.84 -18.51 21.97
CA ILE B 42 -31.14 -17.75 20.76
C ILE B 42 -29.89 -17.59 19.87
N ASN B 43 -28.76 -17.28 20.50
CA ASN B 43 -27.43 -17.21 19.85
C ASN B 43 -27.13 -18.37 18.87
N ARG B 44 -27.66 -19.54 19.17
CA ARG B 44 -27.42 -20.72 18.33
C ARG B 44 -28.46 -20.95 17.23
N TYR B 45 -29.40 -20.01 17.08
CA TYR B 45 -30.48 -20.10 16.09
C TYR B 45 -30.57 -18.83 15.22
N THR B 46 -29.50 -18.03 15.21
CA THR B 46 -29.45 -16.78 14.45
C THR B 46 -29.28 -16.97 12.94
N GLY B 47 -28.74 -18.11 12.54
CA GLY B 47 -28.40 -18.33 11.12
C GLY B 47 -26.97 -17.88 10.82
N ILE B 48 -26.28 -17.40 11.85
CA ILE B 48 -24.88 -17.00 11.76
C ILE B 48 -24.00 -18.14 12.27
N ASP B 49 -23.00 -18.49 11.47
CA ASP B 49 -22.04 -19.52 11.84
C ASP B 49 -20.81 -18.92 12.47
N GLN B 50 -20.33 -17.80 11.92
CA GLN B 50 -19.11 -17.16 12.40
C GLN B 50 -19.24 -15.64 12.34
N ARG B 51 -18.71 -14.96 13.36
CA ARG B 51 -18.70 -13.49 13.38
C ARG B 51 -17.28 -12.96 13.36
N SER B 52 -17.03 -11.99 12.48
CA SER B 52 -15.70 -11.41 12.36
C SER B 52 -15.41 -10.47 13.52
N SER B 53 -14.19 -10.57 14.04
CA SER B 53 -13.84 -9.82 15.24
C SER B 53 -12.40 -9.34 15.21
N ILE B 54 -12.18 -8.20 15.85
CA ILE B 54 -10.83 -7.67 16.02
C ILE B 54 -10.05 -8.53 17.03
N GLY B 55 -10.76 -9.42 17.74
CA GLY B 55 -10.13 -10.29 18.73
C GLY B 55 -10.85 -11.60 19.06
N ASN B 56 -10.27 -12.35 20.00
CA ASN B 56 -10.91 -13.55 20.54
C ASN B 56 -11.35 -13.35 21.99
N PRO B 57 -12.05 -14.34 22.57
CA PRO B 57 -12.57 -14.21 23.95
C PRO B 57 -11.53 -14.00 25.04
N ASP B 58 -10.25 -14.18 24.72
CA ASP B 58 -9.17 -13.92 25.69
C ASP B 58 -8.49 -12.55 25.55
N HIS B 59 -9.03 -11.70 24.69
CA HIS B 59 -8.54 -10.32 24.55
C HIS B 59 -8.62 -9.61 25.90
N PRO B 60 -7.53 -8.89 26.28
CA PRO B 60 -7.51 -8.27 27.62
C PRO B 60 -8.56 -7.17 27.82
N LEU B 61 -9.02 -6.54 26.72
CA LEU B 61 -10.03 -5.48 26.83
C LEU B 61 -11.32 -5.97 27.47
N VAL B 62 -11.70 -7.21 27.16
CA VAL B 62 -12.98 -7.76 27.61
C VAL B 62 -12.82 -8.73 28.81
N ASN B 63 -11.61 -8.76 29.38
CA ASN B 63 -11.31 -9.63 30.53
C ASN B 63 -10.83 -8.90 31.78
N LYS B 64 -11.29 -7.67 31.95
CA LYS B 64 -11.02 -6.90 33.16
C LYS B 64 -12.11 -7.17 34.20
N PRO B 65 -11.90 -6.77 35.48
CA PRO B 65 -12.96 -6.93 36.49
C PRO B 65 -14.31 -6.38 36.05
N ASN B 66 -14.30 -5.24 35.38
CA ASN B 66 -15.53 -4.64 34.82
C ASN B 66 -15.49 -4.53 33.29
N PRO B 67 -16.65 -4.32 32.65
CA PRO B 67 -16.66 -3.98 31.23
C PRO B 67 -15.78 -2.77 30.93
N PRO B 68 -15.19 -2.70 29.73
CA PRO B 68 -14.36 -1.53 29.43
C PRO B 68 -15.25 -0.28 29.34
N THR B 69 -14.70 0.89 29.70
CA THR B 69 -15.44 2.14 29.56
C THR B 69 -15.41 2.55 28.09
N VAL B 70 -16.30 3.48 27.72
CA VAL B 70 -16.36 4.02 26.37
C VAL B 70 -15.01 4.64 25.94
N LYS B 71 -14.23 5.13 26.91
CA LYS B 71 -12.90 5.65 26.62
C LYS B 71 -11.97 4.53 26.17
N GLU B 72 -12.00 3.42 26.92
CA GLU B 72 -11.19 2.24 26.58
C GLU B 72 -11.63 1.64 25.24
N LEU B 73 -12.94 1.69 24.96
CA LEU B 73 -13.46 1.26 23.65
C LEU B 73 -12.91 2.13 22.52
N HIS B 74 -12.90 3.44 22.71
CA HIS B 74 -12.33 4.34 21.68
C HIS B 74 -10.86 4.00 21.35
N GLU B 75 -10.06 3.75 22.38
CA GLU B 75 -8.64 3.44 22.19
C GLU B 75 -8.45 2.27 21.23
N VAL B 76 -9.25 1.23 21.42
CA VAL B 76 -9.22 0.02 20.59
C VAL B 76 -9.84 0.24 19.20
N PHE B 77 -10.91 1.04 19.12
CA PHE B 77 -11.44 1.45 17.82
C PHE B 77 -10.33 2.06 16.97
N MET B 78 -9.54 2.95 17.61
CA MET B 78 -8.44 3.61 16.93
C MET B 78 -7.28 2.65 16.59
N SER B 79 -6.87 1.80 17.54
CA SER B 79 -5.71 0.91 17.31
C SER B 79 -6.00 -0.27 16.35
N ASP B 80 -7.21 -0.81 16.44
CA ASP B 80 -7.60 -2.03 15.74
C ASP B 80 -8.61 -1.80 14.59
N GLY B 81 -9.40 -0.74 14.66
CA GLY B 81 -10.43 -0.48 13.65
C GLY B 81 -9.92 0.37 12.50
N VAL B 82 -9.30 1.49 12.84
CA VAL B 82 -8.76 2.41 11.85
C VAL B 82 -7.87 1.75 10.77
N PRO B 83 -6.96 0.81 11.16
CA PRO B 83 -6.17 0.11 10.13
C PRO B 83 -7.02 -0.65 9.10
N LEU B 84 -8.17 -1.21 9.52
CA LEU B 84 -9.10 -1.88 8.61
C LEU B 84 -9.67 -0.91 7.58
N ALA B 85 -10.06 0.28 8.06
CA ALA B 85 -10.57 1.36 7.22
C ALA B 85 -9.54 1.88 6.21
N VAL B 86 -8.29 2.07 6.65
CA VAL B 86 -7.22 2.48 5.75
C VAL B 86 -7.04 1.44 4.64
N GLU B 87 -7.07 0.16 5.00
CA GLU B 87 -6.86 -0.90 4.00
C GLU B 87 -8.06 -1.03 3.07
N ALA B 88 -9.29 -0.98 3.59
CA ALA B 88 -10.48 -0.99 2.72
C ALA B 88 -10.46 0.17 1.71
N SER B 89 -10.04 1.35 2.16
CA SER B 89 -9.97 2.54 1.32
C SER B 89 -8.88 2.37 0.25
N ARG B 90 -7.69 1.94 0.68
CA ARG B 90 -6.60 1.64 -0.26
C ARG B 90 -7.07 0.73 -1.39
N LYS B 91 -7.77 -0.34 -1.05
CA LYS B 91 -8.26 -1.30 -2.05
C LYS B 91 -9.30 -0.74 -3.00
N ALA B 92 -10.22 0.09 -2.49
CA ALA B 92 -11.20 0.78 -3.34
C ALA B 92 -10.50 1.73 -4.33
N MET B 93 -9.56 2.52 -3.81
CA MET B 93 -8.77 3.46 -4.62
C MET B 93 -7.94 2.71 -5.69
N ALA B 94 -7.32 1.59 -5.29
CA ALA B 94 -6.55 0.75 -6.21
C ALA B 94 -7.38 0.24 -7.40
N GLU B 95 -8.59 -0.26 -7.12
CA GLU B 95 -9.51 -0.71 -8.17
C GLU B 95 -9.97 0.44 -9.06
N ALA B 96 -10.19 1.60 -8.44
CA ALA B 96 -10.60 2.79 -9.19
C ALA B 96 -9.44 3.40 -10.00
N ARG B 97 -8.21 2.95 -9.74
CA ARG B 97 -7.02 3.48 -10.41
C ARG B 97 -6.82 4.97 -10.12
N LEU B 98 -6.97 5.34 -8.85
CA LEU B 98 -6.85 6.73 -8.42
C LEU B 98 -5.71 6.89 -7.43
N VAL B 99 -5.07 8.05 -7.46
CA VAL B 99 -4.05 8.39 -6.47
C VAL B 99 -4.63 9.43 -5.48
N PRO B 100 -4.01 9.54 -4.28
CA PRO B 100 -4.61 10.34 -3.21
C PRO B 100 -5.03 11.74 -3.64
N ALA B 101 -4.21 12.43 -4.43
CA ALA B 101 -4.56 13.79 -4.88
C ALA B 101 -5.88 13.91 -5.68
N GLN B 102 -6.40 12.80 -6.19
CA GLN B 102 -7.62 12.86 -7.03
C GLN B 102 -8.93 12.82 -6.23
N ILE B 103 -8.84 12.40 -4.97
CA ILE B 103 -10.00 12.32 -4.08
C ILE B 103 -10.41 13.73 -3.66
N THR B 104 -11.63 14.12 -3.99
CA THR B 104 -12.14 15.49 -3.74
C THR B 104 -13.00 15.60 -2.45
N HIS B 105 -13.65 14.51 -2.06
CA HIS B 105 -14.50 14.46 -0.85
C HIS B 105 -14.32 13.12 -0.16
N MET B 106 -14.69 13.08 1.12
CA MET B 106 -14.78 11.83 1.87
C MET B 106 -16.10 11.87 2.64
N VAL B 107 -16.86 10.79 2.58
CA VAL B 107 -18.12 10.65 3.34
C VAL B 107 -18.01 9.35 4.11
N SER B 108 -17.97 9.46 5.44
CA SER B 108 -17.72 8.33 6.33
C SER B 108 -18.84 8.17 7.33
N THR B 109 -18.95 6.97 7.88
CA THR B 109 -19.93 6.71 8.90
C THR B 109 -19.40 5.67 9.88
N THR B 110 -19.84 5.79 11.12
CA THR B 110 -19.74 4.76 12.15
C THR B 110 -20.76 5.05 13.26
N CYS B 111 -21.18 4.02 13.98
CA CYS B 111 -21.99 4.24 15.17
C CYS B 111 -21.33 3.69 16.42
N THR B 112 -20.11 3.18 16.24
CA THR B 112 -19.38 2.54 17.35
C THR B 112 -18.14 3.33 17.76
N ASP B 113 -18.12 4.63 17.42
CA ASP B 113 -17.14 5.55 17.96
C ASP B 113 -17.70 6.96 18.05
N SER B 114 -17.14 7.72 18.99
CA SER B 114 -17.32 9.17 19.08
C SER B 114 -15.94 9.78 19.36
N ALA B 115 -15.54 10.77 18.56
CA ALA B 115 -14.21 11.38 18.69
C ALA B 115 -14.17 12.71 17.93
N ASN B 116 -13.30 13.61 18.37
CA ASN B 116 -13.01 14.86 17.67
C ASN B 116 -11.51 15.13 17.80
N PRO B 117 -10.76 15.13 16.68
CA PRO B 117 -11.17 14.84 15.30
C PRO B 117 -11.78 13.43 15.17
N GLY B 118 -12.75 13.26 14.28
CA GLY B 118 -13.32 11.94 14.05
C GLY B 118 -12.32 10.99 13.42
N TYR B 119 -12.66 9.70 13.37
CA TYR B 119 -11.76 8.68 12.82
C TYR B 119 -11.40 8.91 11.34
N ASP B 120 -12.28 9.57 10.61
CA ASP B 120 -12.03 9.88 9.20
C ASP B 120 -10.79 10.77 9.00
N HIS B 121 -10.57 11.71 9.90
CA HIS B 121 -9.36 12.52 9.84
C HIS B 121 -8.11 11.64 9.81
N TYR B 122 -8.05 10.67 10.73
CA TYR B 122 -6.85 9.81 10.84
C TYR B 122 -6.70 8.87 9.64
N VAL B 123 -7.82 8.40 9.10
CA VAL B 123 -7.81 7.57 7.89
C VAL B 123 -7.27 8.39 6.70
N ALA B 124 -7.80 9.60 6.51
CA ALA B 124 -7.37 10.47 5.39
C ALA B 124 -5.87 10.81 5.48
N LYS B 125 -5.40 11.05 6.70
CA LYS B 125 -3.99 11.39 6.90
C LYS B 125 -3.07 10.21 6.56
N GLU B 126 -3.48 9.01 6.97
CA GLU B 126 -2.76 7.77 6.65
C GLU B 126 -2.68 7.52 5.13
N LEU B 127 -3.74 7.89 4.42
CA LEU B 127 -3.82 7.71 2.97
C LEU B 127 -3.08 8.77 2.18
N GLY B 128 -2.71 9.86 2.86
CA GLY B 128 -2.05 11.00 2.19
C GLY B 128 -3.00 11.85 1.39
N LEU B 129 -4.28 11.88 1.77
CA LEU B 129 -5.24 12.73 1.07
C LEU B 129 -4.95 14.23 1.28
N SER B 130 -5.53 15.05 0.41
CA SER B 130 -5.30 16.49 0.36
C SER B 130 -5.67 17.23 1.65
N ASP B 131 -4.86 18.24 2.00
CA ASP B 131 -5.17 19.17 3.09
C ASP B 131 -6.45 20.00 2.84
N ARG B 132 -6.98 19.93 1.62
CA ARG B 132 -8.17 20.66 1.19
C ARG B 132 -9.40 19.76 1.07
N LEU B 133 -9.23 18.48 1.40
CA LEU B 133 -10.31 17.50 1.28
C LEU B 133 -11.58 17.92 2.02
N GLU B 134 -12.72 17.80 1.36
CA GLU B 134 -13.98 18.08 2.02
C GLU B 134 -14.53 16.82 2.68
N LYS B 135 -14.71 16.83 3.99
CA LYS B 135 -15.15 15.62 4.68
C LYS B 135 -16.51 15.74 5.36
N VAL B 136 -17.22 14.61 5.38
CA VAL B 136 -18.49 14.46 6.05
C VAL B 136 -18.37 13.18 6.86
N LEU B 137 -18.49 13.31 8.18
CA LEU B 137 -18.61 12.14 9.05
C LEU B 137 -20.03 12.08 9.60
N LEU B 138 -20.79 11.06 9.18
CA LEU B 138 -22.18 10.93 9.57
C LEU B 138 -22.30 10.29 10.95
N HIS B 139 -23.32 10.70 11.68
CA HIS B 139 -23.64 10.12 12.98
C HIS B 139 -25.15 9.90 13.08
N GLY B 140 -25.57 9.12 14.06
CA GLY B 140 -26.97 8.99 14.39
C GLY B 140 -27.77 7.95 13.61
N ILE B 141 -27.12 7.21 12.71
CA ILE B 141 -27.85 6.37 11.76
C ILE B 141 -27.58 4.85 11.78
N GLY B 142 -26.55 4.41 12.49
CA GLY B 142 -26.22 2.98 12.57
C GLY B 142 -26.20 2.22 11.25
N SER B 144 -28.06 1.78 8.61
CA SER B 144 -28.42 2.35 7.32
C SER B 144 -27.32 3.24 6.75
N GLY B 145 -26.24 3.40 7.53
CA GLY B 145 -25.17 4.35 7.25
C GLY B 145 -24.43 4.18 5.92
N GLY B 146 -24.28 2.93 5.47
CA GLY B 146 -23.57 2.64 4.20
C GLY B 146 -24.31 3.27 3.04
N LEU B 147 -25.60 2.99 2.94
CA LEU B 147 -26.40 3.59 1.87
C LEU B 147 -26.69 5.08 2.06
N ALA B 148 -26.88 5.53 3.30
CA ALA B 148 -27.00 6.96 3.57
C ALA B 148 -25.74 7.71 3.16
N ALA B 149 -24.58 7.13 3.45
CA ALA B 149 -23.31 7.72 3.02
C ALA B 149 -23.17 7.71 1.49
N LEU B 150 -23.59 6.64 0.85
CA LEU B 150 -23.60 6.56 -0.63
C LEU B 150 -24.52 7.62 -1.24
N ARG B 151 -25.73 7.73 -0.70
CA ARG B 151 -26.69 8.74 -1.16
C ARG B 151 -26.19 10.18 -0.96
N THR B 152 -25.63 10.46 0.21
CA THR B 152 -25.02 11.75 0.50
C THR B 152 -23.88 12.07 -0.49
N ALA B 153 -23.01 11.10 -0.73
CA ALA B 153 -21.92 11.23 -1.72
C ALA B 153 -22.44 11.50 -3.13
N ALA B 154 -23.58 10.90 -3.44
CA ALA B 154 -24.27 11.14 -4.71
C ALA B 154 -24.69 12.60 -4.86
N ASN B 155 -25.30 13.17 -3.82
CA ASN B 155 -25.68 14.60 -3.88
C ASN B 155 -24.44 15.50 -3.98
N LEU B 156 -23.40 15.13 -3.23
CA LEU B 156 -22.14 15.90 -3.27
C LEU B 156 -21.45 15.82 -4.63
N CYS B 157 -21.38 14.63 -5.21
CA CYS B 157 -20.89 14.47 -6.60
C CYS B 157 -21.61 15.41 -7.55
N LEU B 158 -22.94 15.48 -7.43
CA LEU B 158 -23.76 16.33 -8.29
C LEU B 158 -23.53 17.82 -8.04
N GLY B 159 -23.19 18.17 -6.79
CA GLY B 159 -22.80 19.54 -6.46
C GLY B 159 -21.62 20.00 -7.30
N HIS B 160 -20.65 19.10 -7.46
CA HIS B 160 -19.48 19.37 -8.28
C HIS B 160 -19.82 19.36 -9.76
N THR B 161 -20.78 18.51 -10.15
CA THR B 161 -21.25 18.46 -11.54
C THR B 161 -21.87 19.81 -11.96
N ALA B 162 -22.59 20.44 -11.03
CA ALA B 162 -23.18 21.76 -11.26
C ALA B 162 -22.14 22.85 -11.56
N ARG B 163 -20.91 22.64 -11.09
CA ARG B 163 -19.84 23.61 -11.26
C ARG B 163 -18.85 23.12 -12.31
N GLY B 164 -19.17 21.98 -12.91
CA GLY B 164 -18.36 21.37 -13.96
C GLY B 164 -17.03 20.83 -13.47
N LYS B 165 -16.99 20.48 -12.19
CA LYS B 165 -15.78 19.95 -11.57
C LYS B 165 -15.81 18.42 -11.45
N PRO B 166 -14.64 17.78 -11.56
CA PRO B 166 -14.53 16.35 -11.20
C PRO B 166 -14.79 16.12 -9.71
N ALA B 167 -15.54 15.06 -9.42
CA ALA B 167 -15.71 14.57 -8.05
C ALA B 167 -15.32 13.10 -8.00
N ARG B 168 -14.45 12.74 -7.07
CA ARG B 168 -14.18 11.32 -6.76
C ARG B 168 -14.25 11.21 -5.24
N ILE B 169 -15.26 10.52 -4.75
CA ILE B 169 -15.57 10.55 -3.33
C ILE B 169 -15.30 9.17 -2.74
N LEU B 170 -14.51 9.17 -1.68
CA LEU B 170 -14.26 7.98 -0.91
C LEU B 170 -15.41 7.86 0.10
N VAL B 171 -16.17 6.77 -0.01
CA VAL B 171 -17.31 6.52 0.85
C VAL B 171 -16.92 5.35 1.75
N LEU B 172 -16.90 5.59 3.06
CA LEU B 172 -16.27 4.69 4.01
C LEU B 172 -17.18 4.34 5.18
N ALA B 173 -17.30 3.05 5.51
CA ALA B 173 -17.94 2.61 6.76
C ALA B 173 -17.01 1.73 7.60
N LEU B 174 -16.97 1.99 8.90
CA LEU B 174 -16.15 1.22 9.83
C LEU B 174 -16.96 0.96 11.08
N GLU B 175 -17.11 -0.31 11.45
CA GLU B 175 -17.76 -0.65 12.71
C GLU B 175 -16.97 -1.67 13.50
N VAL B 176 -16.83 -1.41 14.80
CA VAL B 176 -16.26 -2.37 15.73
C VAL B 176 -17.26 -2.53 16.87
N SER B 177 -18.04 -3.59 16.79
CA SER B 177 -19.06 -3.81 17.81
C SER B 177 -18.73 -4.93 18.80
N THR B 178 -17.77 -5.80 18.46
CA THR B 178 -17.57 -7.02 19.27
C THR B 178 -17.02 -6.69 20.65
N THR B 179 -16.39 -5.52 20.76
CA THR B 179 -15.78 -5.04 21.98
C THR B 179 -16.79 -4.68 23.08
N MET B 180 -18.05 -4.51 22.69
CA MET B 180 -19.11 -4.18 23.65
C MET B 180 -19.76 -5.43 24.29
N VAL B 181 -19.09 -6.57 24.18
CA VAL B 181 -19.65 -7.84 24.64
C VAL B 181 -19.93 -7.88 26.16
N ARG B 182 -19.01 -7.33 26.96
CA ARG B 182 -19.20 -7.25 28.40
C ARG B 182 -20.34 -6.29 28.77
N SER B 183 -20.50 -5.22 27.98
CA SER B 183 -21.60 -4.26 28.21
C SER B 183 -22.97 -4.93 28.08
N GLU B 184 -23.15 -5.67 27.00
CA GLU B 184 -24.40 -6.38 26.74
C GLU B 184 -24.64 -7.53 27.72
N LEU B 185 -23.59 -8.30 28.02
CA LEU B 185 -23.65 -9.31 29.08
C LEU B 185 -24.13 -8.74 30.42
N GLU B 186 -23.58 -7.60 30.82
CA GLU B 186 -23.99 -6.94 32.07
C GLU B 186 -25.46 -6.49 32.06
N SER B 187 -25.93 -6.00 30.91
CA SER B 187 -27.33 -5.59 30.76
C SER B 187 -28.29 -6.78 30.86
N ILE B 188 -27.96 -7.88 30.18
CA ILE B 188 -28.74 -9.11 30.25
C ILE B 188 -28.83 -9.62 31.69
N ASP B 189 -27.69 -9.75 32.35
CA ASP B 189 -27.64 -10.18 33.75
C ASP B 189 -28.41 -9.23 34.67
N ALA B 190 -28.11 -7.92 34.58
CA ALA B 190 -28.71 -6.91 35.47
C ALA B 190 -30.21 -6.72 35.28
N LEU B 191 -30.63 -6.52 34.02
CA LEU B 191 -32.03 -6.23 33.69
C LEU B 191 -32.87 -7.47 33.51
N GLN B 192 -32.23 -8.63 33.37
CA GLN B 192 -32.94 -9.86 33.06
C GLN B 192 -33.83 -9.71 31.82
N GLU B 193 -33.28 -9.06 30.80
CA GLU B 193 -33.96 -8.98 29.51
C GLU B 193 -33.20 -9.67 28.40
N THR B 194 -33.97 -10.29 27.53
CA THR B 194 -33.43 -11.02 26.41
C THR B 194 -32.98 -10.00 25.36
N ARG B 195 -31.69 -9.70 25.37
CA ARG B 195 -31.11 -8.73 24.44
C ARG B 195 -30.29 -9.50 23.39
N ILE B 196 -30.68 -9.43 22.12
CA ILE B 196 -30.06 -10.33 21.11
C ILE B 196 -28.90 -9.75 20.31
N GLY B 197 -28.60 -8.46 20.51
CA GLY B 197 -27.47 -7.83 19.84
C GLY B 197 -26.15 -8.58 19.94
N ILE B 198 -25.81 -9.06 21.14
CA ILE B 198 -24.55 -9.85 21.34
C ILE B 198 -24.38 -10.97 20.33
N ALA B 199 -25.51 -11.52 19.89
CA ALA B 199 -25.50 -12.71 19.04
C ALA B 199 -25.37 -12.39 17.55
N LEU B 200 -25.47 -11.11 17.19
CA LEU B 200 -25.66 -10.70 15.79
C LEU B 200 -24.49 -9.90 15.20
N PHE B 201 -23.92 -9.02 16.01
CA PHE B 201 -23.05 -7.98 15.49
C PHE B 201 -21.57 -8.36 15.40
N SER B 202 -20.89 -7.79 14.41
CA SER B 202 -19.49 -8.10 14.16
C SER B 202 -18.74 -6.87 13.66
N ASP B 203 -17.45 -7.05 13.35
CA ASP B 203 -16.57 -5.94 12.96
C ASP B 203 -16.16 -5.98 11.49
N CYS B 204 -16.13 -4.81 10.86
CA CYS B 204 -15.75 -4.68 9.44
C CYS B 204 -15.49 -3.24 9.05
N ALA B 205 -14.64 -3.04 8.03
CA ALA B 205 -14.58 -1.77 7.30
C ALA B 205 -14.77 -2.06 5.81
N SER B 206 -15.49 -1.17 5.14
CA SER B 206 -15.71 -1.30 3.72
C SER B 206 -15.83 0.09 3.11
N ALA B 207 -15.47 0.19 1.83
CA ALA B 207 -15.42 1.48 1.17
C ALA B 207 -15.70 1.33 -0.33
N VAL B 208 -16.25 2.39 -0.92
CA VAL B 208 -16.34 2.52 -2.38
C VAL B 208 -15.89 3.92 -2.78
N ILE B 209 -15.52 4.03 -4.06
CA ILE B 209 -15.25 5.29 -4.69
C ILE B 209 -16.44 5.61 -5.59
N LEU B 210 -17.09 6.76 -5.34
CA LEU B 210 -18.16 7.24 -6.20
C LEU B 210 -17.65 8.39 -7.04
N SER B 211 -17.83 8.30 -8.36
CA SER B 211 -17.34 9.29 -9.32
C SER B 211 -18.51 9.96 -10.05
N ASN B 212 -18.36 11.25 -10.38
CA ASN B 212 -19.37 11.96 -11.17
C ASN B 212 -19.08 11.97 -12.67
N GLY B 213 -18.05 11.23 -13.09
CA GLY B 213 -17.76 11.08 -14.52
C GLY B 213 -16.99 12.21 -15.17
N ILE B 214 -16.99 13.39 -14.53
CA ILE B 214 -16.33 14.58 -15.10
C ILE B 214 -14.82 14.37 -15.08
N GLY B 215 -14.20 14.48 -16.24
CA GLY B 215 -12.79 14.16 -16.41
C GLY B 215 -12.49 12.68 -16.40
N GLU B 216 -13.51 11.86 -16.63
CA GLU B 216 -13.30 10.41 -16.84
C GLU B 216 -13.23 10.16 -18.35
N ALA B 217 -12.51 9.10 -18.73
CA ALA B 217 -12.40 8.68 -20.13
C ALA B 217 -13.79 8.34 -20.68
N PRO B 218 -14.04 8.61 -21.98
CA PRO B 218 -15.39 8.39 -22.54
C PRO B 218 -15.75 6.91 -22.47
N GLY B 219 -16.89 6.61 -21.83
CA GLY B 219 -17.22 5.23 -21.47
C GLY B 219 -16.15 4.64 -20.55
N LYS B 220 -15.87 5.36 -19.46
CA LYS B 220 -14.88 4.92 -18.46
C LYS B 220 -15.50 3.78 -17.67
N PRO B 221 -14.69 2.74 -17.40
CA PRO B 221 -15.26 1.59 -16.72
C PRO B 221 -15.69 1.99 -15.31
N ALA B 222 -16.60 1.18 -14.77
CA ALA B 222 -17.07 1.30 -13.41
C ALA B 222 -17.48 -0.11 -13.04
N ILE B 223 -17.76 -0.36 -11.77
CA ILE B 223 -18.34 -1.63 -11.36
C ILE B 223 -19.86 -1.55 -11.43
N TYR B 224 -20.41 -0.45 -10.95
CA TYR B 224 -21.84 -0.22 -10.92
C TYR B 224 -22.07 1.23 -11.32
N ASP B 225 -23.16 1.51 -12.01
CA ASP B 225 -23.65 2.89 -12.13
C ASP B 225 -24.74 3.08 -11.10
N LEU B 226 -24.77 4.27 -10.49
CA LEU B 226 -25.84 4.64 -9.54
C LEU B 226 -26.94 5.42 -10.25
N LEU B 227 -28.09 4.78 -10.41
CA LEU B 227 -29.21 5.33 -11.18
C LEU B 227 -30.22 6.15 -10.37
N GLY B 228 -30.46 5.75 -9.12
CA GLY B 228 -31.42 6.49 -8.30
C GLY B 228 -31.40 5.96 -6.89
N TRP B 229 -32.19 6.60 -6.03
CA TRP B 229 -32.19 6.29 -4.60
C TRP B 229 -33.46 6.80 -3.95
N GLU B 230 -33.84 6.17 -2.83
CA GLU B 230 -35.00 6.61 -2.07
C GLU B 230 -34.64 6.48 -0.62
N ASN B 231 -35.18 7.39 0.20
CA ASN B 231 -35.00 7.34 1.63
C ASN B 231 -36.28 7.78 2.32
N ARG B 232 -36.59 7.09 3.41
CA ARG B 232 -37.81 7.39 4.16
C ARG B 232 -37.55 7.11 5.63
N VAL B 233 -38.30 7.80 6.49
CA VAL B 233 -38.36 7.51 7.93
C VAL B 233 -39.73 6.89 8.24
N ILE B 234 -39.72 5.75 8.92
CA ILE B 234 -40.96 5.12 9.41
C ILE B 234 -41.41 5.87 10.66
N PRO B 235 -42.61 6.51 10.61
CA PRO B 235 -43.10 7.32 11.71
C PRO B 235 -43.36 6.53 12.97
N ASP B 236 -43.13 7.17 14.11
CA ASP B 236 -43.46 6.58 15.41
C ASP B 236 -42.73 5.27 15.68
N SER B 237 -41.46 5.17 15.25
CA SER B 237 -40.71 3.94 15.48
C SER B 237 -39.31 4.16 16.09
N GLU B 238 -39.08 5.35 16.67
CA GLU B 238 -37.79 5.67 17.30
C GLU B 238 -37.45 4.69 18.41
N HIS B 239 -38.47 4.27 19.15
CA HIS B 239 -38.32 3.35 20.29
C HIS B 239 -38.05 1.91 19.87
N ASP B 240 -38.27 1.61 18.60
CA ASP B 240 -38.15 0.24 18.11
C ASP B 240 -36.71 -0.18 17.83
N LEU B 241 -35.83 0.80 17.61
CA LEU B 241 -34.47 0.51 17.19
C LEU B 241 -33.58 1.68 17.53
N GLY B 242 -32.40 1.40 18.08
CA GLY B 242 -31.52 2.45 18.55
C GLY B 242 -30.24 1.96 19.18
N PHE B 243 -29.43 2.90 19.66
CA PHE B 243 -28.08 2.63 20.14
C PHE B 243 -27.75 3.82 21.03
N ASP B 244 -27.95 3.65 22.34
CA ASP B 244 -27.91 4.74 23.30
C ASP B 244 -26.55 4.83 23.93
N VAL B 245 -25.98 6.03 23.93
CA VAL B 245 -24.68 6.25 24.54
C VAL B 245 -24.72 5.97 26.04
N ASP B 246 -23.59 5.50 26.57
CA ASP B 246 -23.55 4.91 27.90
C ASP B 246 -22.10 4.94 28.35
N PRO B 247 -21.86 5.04 29.68
CA PRO B 247 -20.48 4.88 30.15
C PRO B 247 -19.73 3.61 29.66
N MET B 248 -20.47 2.56 29.26
CA MET B 248 -19.90 1.29 28.82
C MET B 248 -19.89 1.16 27.27
N GLY B 249 -20.19 2.25 26.58
CA GLY B 249 -20.22 2.27 25.11
C GLY B 249 -21.54 2.77 24.59
N TRP B 250 -22.27 1.89 23.92
CA TRP B 250 -23.66 2.16 23.49
C TRP B 250 -24.49 0.93 23.74
N LYS B 251 -25.72 1.14 24.21
CA LYS B 251 -26.63 0.05 24.51
C LYS B 251 -27.65 -0.13 23.39
N VAL B 252 -27.77 -1.37 22.91
CA VAL B 252 -28.77 -1.74 21.89
C VAL B 252 -30.22 -1.57 22.36
N VAL B 253 -31.04 -0.94 21.51
CA VAL B 253 -32.49 -0.89 21.67
C VAL B 253 -33.10 -1.66 20.51
N LEU B 254 -33.98 -2.62 20.80
CA LEU B 254 -34.59 -3.46 19.76
C LEU B 254 -35.92 -4.02 20.24
N SER B 255 -36.99 -3.71 19.51
CA SER B 255 -38.34 -4.17 19.85
C SER B 255 -38.76 -5.36 18.96
N PRO B 256 -39.86 -6.07 19.34
CA PRO B 256 -40.36 -7.14 18.48
C PRO B 256 -40.85 -6.66 17.13
N ARG B 257 -41.24 -5.39 17.01
CA ARG B 257 -41.81 -4.87 15.75
C ARG B 257 -40.83 -4.78 14.55
N VAL B 258 -39.52 -4.74 14.81
CA VAL B 258 -38.56 -4.38 13.75
C VAL B 258 -38.68 -5.20 12.45
N PRO B 259 -38.66 -6.56 12.54
CA PRO B 259 -38.80 -7.36 11.31
C PRO B 259 -40.08 -7.08 10.51
N VAL B 260 -41.21 -6.86 11.19
CA VAL B 260 -42.47 -6.57 10.50
C VAL B 260 -42.44 -5.22 9.78
N LEU B 261 -41.92 -4.21 10.48
CA LEU B 261 -41.85 -2.85 9.91
C LEU B 261 -40.90 -2.82 8.72
N ALA B 262 -39.77 -3.50 8.85
CA ALA B 262 -38.76 -3.55 7.79
C ALA B 262 -39.36 -4.19 6.53
N LYS B 263 -39.94 -5.37 6.72
CA LYS B 263 -40.59 -6.14 5.66
C LYS B 263 -41.68 -5.33 4.96
N ALA B 264 -42.54 -4.68 5.75
CA ALA B 264 -43.68 -3.94 5.19
C ALA B 264 -43.25 -2.68 4.40
N SER B 265 -42.04 -2.20 4.63
CA SER B 265 -41.58 -0.97 4.00
C SER B 265 -41.11 -1.21 2.56
N LEU B 266 -40.83 -2.47 2.22
CA LEU B 266 -40.19 -2.80 0.94
C LEU B 266 -41.02 -2.42 -0.29
N GLN B 267 -42.28 -2.85 -0.34
CA GLN B 267 -43.16 -2.60 -1.50
C GLN B 267 -43.27 -1.10 -1.88
N PRO B 268 -43.71 -0.22 -0.95
CA PRO B 268 -43.84 1.20 -1.33
C PRO B 268 -42.52 1.92 -1.63
N THR B 269 -41.43 1.55 -0.95
CA THR B 269 -40.14 2.17 -1.23
C THR B 269 -39.67 1.77 -2.64
N TYR B 270 -39.83 0.48 -2.95
CA TYR B 270 -39.48 -0.06 -4.25
C TYR B 270 -40.33 0.59 -5.36
N ALA B 271 -41.64 0.69 -5.13
CA ALA B 271 -42.55 1.31 -6.09
C ALA B 271 -42.11 2.75 -6.41
N ASP B 272 -41.73 3.49 -5.37
CA ASP B 272 -41.26 4.88 -5.55
C ASP B 272 -39.95 4.94 -6.33
N LEU B 273 -38.99 4.08 -5.95
CA LEU B 273 -37.71 3.98 -6.65
C LEU B 273 -37.93 3.80 -8.15
N LEU B 274 -38.76 2.83 -8.50
CA LEU B 274 -39.01 2.51 -9.91
C LEU B 274 -39.83 3.54 -10.68
N SER B 275 -40.75 4.22 -10.01
CA SER B 275 -41.57 5.24 -10.65
C SER B 275 -40.69 6.42 -11.09
N SER B 276 -39.69 6.74 -10.26
CA SER B 276 -38.77 7.83 -10.56
C SER B 276 -37.78 7.51 -11.70
N LEU B 277 -37.84 6.28 -12.23
CA LEU B 277 -36.96 5.91 -13.35
C LEU B 277 -37.55 4.89 -14.37
N GLN B 278 -38.87 4.96 -14.57
CA GLN B 278 -39.55 3.92 -15.38
C GLN B 278 -39.03 3.80 -16.82
N ASP B 279 -38.65 4.92 -17.43
CA ASP B 279 -38.17 4.90 -18.82
C ASP B 279 -36.64 4.95 -18.92
N GLN B 280 -35.98 4.41 -17.89
CA GLN B 280 -34.54 4.19 -17.89
C GLN B 280 -34.26 2.70 -17.76
N LEU B 281 -35.28 1.95 -17.36
CA LEU B 281 -35.14 0.52 -17.19
C LEU B 281 -35.75 -0.22 -18.40
N PRO B 282 -35.13 -1.33 -18.82
CA PRO B 282 -35.75 -2.25 -19.76
C PRO B 282 -37.00 -2.87 -19.18
N SER B 283 -37.91 -3.31 -20.04
CA SER B 283 -39.15 -3.88 -19.56
C SER B 283 -38.93 -5.25 -18.89
N SER B 284 -37.76 -5.85 -19.09
CA SER B 284 -37.43 -7.10 -18.42
C SER B 284 -37.02 -6.87 -16.97
N TYR B 285 -37.03 -5.61 -16.54
CA TYR B 285 -36.67 -5.23 -15.17
C TYR B 285 -37.79 -4.37 -14.57
N GLN B 286 -38.85 -5.04 -14.13
CA GLN B 286 -40.07 -4.39 -13.64
C GLN B 286 -40.47 -4.88 -12.24
N LYS B 287 -40.47 -6.21 -12.03
CA LYS B 287 -40.93 -6.76 -10.74
C LYS B 287 -39.74 -7.16 -9.88
N PRO B 288 -39.91 -7.19 -8.56
CA PRO B 288 -38.75 -7.42 -7.68
C PRO B 288 -37.87 -8.62 -8.07
N ALA B 289 -38.50 -9.75 -8.40
CA ALA B 289 -37.77 -10.98 -8.79
C ALA B 289 -36.90 -10.84 -10.06
N ASP B 290 -37.14 -9.79 -10.83
CA ASP B 290 -36.32 -9.42 -11.99
C ASP B 290 -34.92 -8.93 -11.65
N PHE B 291 -34.71 -8.49 -10.40
CA PHE B 291 -33.44 -7.90 -9.98
C PHE B 291 -32.64 -8.81 -9.05
N ASP B 292 -31.33 -8.53 -8.93
CA ASP B 292 -30.54 -9.02 -7.82
C ASP B 292 -30.70 -8.03 -6.65
N TRP B 293 -30.73 -8.58 -5.43
CA TRP B 293 -30.98 -7.79 -4.23
C TRP B 293 -29.79 -7.78 -3.29
N ALA B 294 -29.16 -6.62 -3.15
CA ALA B 294 -28.11 -6.42 -2.18
C ALA B 294 -28.75 -5.84 -0.90
N MET B 295 -29.25 -6.75 -0.07
CA MET B 295 -29.99 -6.41 1.15
C MET B 295 -29.01 -6.43 2.32
N HIS B 296 -29.13 -5.45 3.22
CA HIS B 296 -28.36 -5.47 4.45
C HIS B 296 -28.95 -6.58 5.34
N PRO B 297 -28.14 -7.61 5.67
CA PRO B 297 -28.63 -8.74 6.45
C PRO B 297 -28.67 -8.38 7.94
N GLY B 298 -29.68 -7.61 8.33
CA GLY B 298 -29.84 -7.19 9.72
C GLY B 298 -30.07 -8.35 10.66
N GLY B 299 -30.72 -9.40 10.15
CA GLY B 299 -30.96 -10.63 10.90
C GLY B 299 -31.61 -11.64 9.97
N ALA B 300 -31.73 -12.90 10.41
CA ALA B 300 -32.33 -13.95 9.57
C ALA B 300 -33.76 -13.65 9.10
N THR B 301 -34.59 -13.12 10.01
CA THR B 301 -35.98 -12.81 9.68
C THR B 301 -36.10 -11.58 8.76
N ILE B 302 -35.05 -10.78 8.63
CA ILE B 302 -35.03 -9.67 7.67
C ILE B 302 -34.90 -10.22 6.24
N LEU B 303 -34.00 -11.19 6.06
CA LEU B 303 -33.80 -11.84 4.76
C LEU B 303 -35.01 -12.68 4.38
N SER B 304 -35.55 -13.45 5.33
CA SER B 304 -36.72 -14.27 5.00
C SER B 304 -37.97 -13.41 4.81
N GLY B 305 -38.08 -12.33 5.59
CA GLY B 305 -39.17 -11.36 5.42
C GLY B 305 -39.22 -10.80 4.02
N ALA B 306 -38.05 -10.35 3.53
CA ALA B 306 -37.88 -9.82 2.19
C ALA B 306 -38.26 -10.82 1.09
N GLU B 307 -37.88 -12.08 1.26
CA GLU B 307 -38.25 -13.15 0.35
C GLU B 307 -39.77 -13.28 0.28
N SER B 308 -40.41 -13.19 1.44
CA SER B 308 -41.86 -13.31 1.53
C SER B 308 -42.58 -12.09 0.94
N ALA B 309 -42.19 -10.89 1.37
CA ALA B 309 -42.86 -9.66 0.92
C ALA B 309 -42.75 -9.47 -0.59
N MET B 310 -41.59 -9.82 -1.14
CA MET B 310 -41.27 -9.41 -2.50
C MET B 310 -41.22 -10.53 -3.53
N GLY B 311 -41.59 -11.74 -3.11
CA GLY B 311 -41.60 -12.91 -3.99
C GLY B 311 -40.22 -13.32 -4.51
N LEU B 312 -39.24 -13.36 -3.61
CA LEU B 312 -37.86 -13.65 -4.00
C LEU B 312 -37.39 -15.00 -3.45
N THR B 313 -36.38 -15.58 -4.08
CA THR B 313 -35.71 -16.77 -3.56
C THR B 313 -34.53 -16.33 -2.69
N PRO B 314 -34.00 -17.24 -1.85
CA PRO B 314 -32.77 -16.89 -1.12
C PRO B 314 -31.62 -16.51 -2.05
N GLU B 315 -31.60 -17.06 -3.27
CA GLU B 315 -30.52 -16.79 -4.22
C GLU B 315 -30.57 -15.38 -4.81
N HIS B 316 -31.75 -14.76 -4.79
CA HIS B 316 -31.87 -13.35 -5.15
C HIS B 316 -31.01 -12.48 -4.22
N MET B 317 -30.81 -12.95 -2.99
CA MET B 317 -30.02 -12.23 -1.99
C MET B 317 -28.77 -13.04 -1.61
N ARG B 318 -28.21 -13.74 -2.58
CA ARG B 318 -27.11 -14.67 -2.30
C ARG B 318 -25.91 -14.05 -1.57
N ALA B 319 -25.56 -12.81 -1.92
CA ALA B 319 -24.37 -12.17 -1.32
C ALA B 319 -24.67 -11.74 0.14
N SER B 320 -25.94 -11.47 0.40
CA SER B 320 -26.41 -11.07 1.72
C SER B 320 -26.33 -12.25 2.67
N TYR B 321 -26.87 -13.39 2.27
CA TYR B 321 -26.69 -14.65 3.03
C TYR B 321 -25.22 -15.01 3.21
N ASP B 322 -24.41 -14.81 2.17
CA ASP B 322 -22.99 -15.16 2.28
C ASP B 322 -22.26 -14.37 3.35
N ARG B 323 -22.50 -13.06 3.37
CA ARG B 323 -21.91 -12.20 4.40
C ARG B 323 -22.46 -12.56 5.78
N TYR B 324 -23.76 -12.80 5.86
CA TYR B 324 -24.44 -13.02 7.14
C TYR B 324 -23.97 -14.30 7.84
N ILE B 325 -23.93 -15.39 7.08
CA ILE B 325 -23.58 -16.71 7.60
C ILE B 325 -22.14 -16.74 8.09
N ASN B 326 -21.26 -16.14 7.28
CA ASN B 326 -19.81 -16.22 7.47
C ASN B 326 -19.17 -15.09 8.28
N HIS B 327 -19.87 -13.97 8.43
CA HIS B 327 -19.29 -12.78 9.10
C HIS B 327 -20.18 -12.08 10.12
N GLY B 328 -21.49 -12.36 10.08
CA GLY B 328 -22.46 -11.70 10.92
C GLY B 328 -22.93 -10.33 10.41
N ASN B 329 -23.63 -9.58 11.26
CA ASN B 329 -24.07 -8.22 10.93
C ASN B 329 -23.03 -7.19 11.35
N SER B 330 -22.33 -6.59 10.37
CA SER B 330 -21.31 -5.55 10.66
C SER B 330 -21.86 -4.12 10.48
N SER B 331 -23.15 -3.95 10.78
CA SER B 331 -23.79 -2.64 10.77
C SER B 331 -23.56 -1.91 9.42
N SER B 332 -23.16 -0.64 9.45
CA SER B 332 -23.04 0.17 8.21
C SER B 332 -22.03 -0.36 7.17
N ALA B 333 -21.06 -1.16 7.62
CA ALA B 333 -20.00 -1.67 6.72
C ALA B 333 -20.44 -2.88 5.87
N THR B 334 -21.57 -3.48 6.25
CA THR B 334 -22.02 -4.72 5.61
C THR B 334 -22.45 -4.55 4.14
N ILE B 335 -23.19 -3.49 3.83
CA ILE B 335 -23.73 -3.31 2.49
C ILE B 335 -22.66 -3.26 1.38
N PHE B 336 -21.56 -2.56 1.62
CA PHE B 336 -20.48 -2.51 0.63
C PHE B 336 -19.78 -3.86 0.51
N SER B 337 -19.68 -4.58 1.63
CA SER B 337 -19.20 -5.98 1.64
C SER B 337 -20.11 -6.88 0.79
N VAL B 338 -21.43 -6.68 0.89
CA VAL B 338 -22.39 -7.42 0.10
C VAL B 338 -22.23 -7.08 -1.40
N LEU B 339 -22.12 -5.79 -1.70
CA LEU B 339 -21.95 -5.32 -3.10
C LEU B 339 -20.63 -5.78 -3.70
N ASN B 340 -19.58 -5.86 -2.88
CA ASN B 340 -18.30 -6.37 -3.33
C ASN B 340 -18.37 -7.88 -3.66
N ARG B 341 -19.00 -8.63 -2.77
CA ARG B 341 -19.14 -10.08 -2.92
C ARG B 341 -20.02 -10.45 -4.11
N LEU B 342 -21.11 -9.71 -4.29
CA LEU B 342 -22.09 -9.99 -5.35
C LEU B 342 -21.48 -10.12 -6.74
N ARG B 343 -20.44 -9.34 -7.01
CA ARG B 343 -19.83 -9.32 -8.34
C ARG B 343 -18.71 -10.36 -8.50
N GLU B 344 -18.51 -11.20 -7.50
CA GLU B 344 -17.48 -12.25 -7.58
C GLU B 344 -18.01 -13.48 -8.34
N LYS B 345 -17.13 -14.18 -9.06
CA LYS B 345 -17.55 -15.34 -9.89
C LYS B 345 -18.30 -16.39 -9.07
N ASP B 346 -17.89 -16.56 -7.82
CA ASP B 346 -18.52 -17.52 -6.91
C ASP B 346 -20.00 -17.27 -6.70
N MET B 347 -20.38 -16.01 -6.57
CA MET B 347 -21.80 -15.66 -6.43
C MET B 347 -22.56 -15.79 -7.76
N ASP B 348 -21.88 -15.53 -8.88
CA ASP B 348 -22.48 -15.69 -10.23
C ASP B 348 -23.09 -17.09 -10.46
N ALA B 349 -22.38 -18.11 -10.00
CA ALA B 349 -22.77 -19.50 -10.19
C ALA B 349 -23.99 -19.92 -9.35
N LEU B 350 -24.41 -19.06 -8.43
CA LEU B 350 -25.56 -19.30 -7.57
C LEU B 350 -26.75 -18.39 -7.91
N ALA B 351 -26.65 -17.64 -9.01
CA ALA B 351 -27.73 -16.74 -9.44
C ALA B 351 -29.05 -17.49 -9.67
N PRO B 352 -30.21 -16.85 -9.40
CA PRO B 352 -31.50 -17.52 -9.58
C PRO B 352 -31.70 -17.90 -11.04
N GLY B 353 -31.92 -19.20 -11.28
CA GLY B 353 -32.08 -19.72 -12.65
C GLY B 353 -30.83 -19.53 -13.50
N GLY B 354 -29.69 -19.37 -12.85
CA GLY B 354 -28.43 -19.07 -13.53
C GLY B 354 -28.38 -17.73 -14.24
N LYS B 355 -29.29 -16.81 -13.90
CA LYS B 355 -29.33 -15.50 -14.56
C LYS B 355 -28.73 -14.42 -13.69
N VAL B 356 -27.51 -14.03 -13.99
CA VAL B 356 -26.88 -12.92 -13.27
C VAL B 356 -27.54 -11.63 -13.74
N LYS B 357 -28.04 -10.81 -12.81
CA LYS B 357 -28.86 -9.65 -13.19
C LYS B 357 -28.07 -8.39 -13.47
N GLU B 358 -28.56 -7.59 -14.41
CA GLU B 358 -27.88 -6.37 -14.86
C GLU B 358 -28.21 -5.17 -13.97
N TYR B 359 -29.26 -5.31 -13.16
CA TYR B 359 -29.67 -4.24 -12.24
C TYR B 359 -29.80 -4.80 -10.82
N VAL B 360 -29.32 -4.03 -9.85
CA VAL B 360 -29.18 -4.44 -8.47
C VAL B 360 -29.89 -3.42 -7.59
N VAL B 361 -30.79 -3.92 -6.74
CA VAL B 361 -31.42 -3.08 -5.72
C VAL B 361 -30.63 -3.23 -4.41
N GLY B 362 -30.11 -2.12 -3.92
CA GLY B 362 -29.49 -2.11 -2.58
C GLY B 362 -30.52 -1.68 -1.55
N CYS B 363 -30.52 -2.30 -0.38
CA CYS B 363 -31.52 -1.95 0.65
C CYS B 363 -30.93 -2.09 2.05
N ALA B 364 -31.19 -1.11 2.90
CA ALA B 364 -30.74 -1.15 4.30
C ALA B 364 -31.73 -0.42 5.22
N PHE B 365 -31.74 -0.81 6.49
CA PHE B 365 -32.57 -0.22 7.54
C PHE B 365 -31.69 0.10 8.73
N GLY B 366 -32.04 1.14 9.46
CA GLY B 366 -31.31 1.44 10.70
C GLY B 366 -32.17 2.27 11.62
N PRO B 367 -31.62 2.68 12.78
CA PRO B 367 -32.31 3.51 13.74
C PRO B 367 -33.05 4.69 13.10
N GLY B 368 -34.29 4.93 13.54
CA GLY B 368 -35.10 6.00 12.95
C GLY B 368 -36.58 5.71 13.16
N ILE B 369 -37.11 4.65 12.54
CA ILE B 369 -36.38 3.73 11.67
C ILE B 369 -36.22 4.38 10.30
N ASN B 370 -34.98 4.39 9.78
CA ASN B 370 -34.68 4.91 8.44
C ASN B 370 -34.58 3.77 7.45
N VAL B 371 -35.17 3.96 6.28
CA VAL B 371 -35.08 2.98 5.21
C VAL B 371 -34.31 3.66 4.08
N GLU B 372 -33.38 2.92 3.48
CA GLU B 372 -32.63 3.42 2.34
C GLU B 372 -32.72 2.39 1.24
N MET B 373 -32.84 2.85 0.00
CA MET B 373 -32.87 1.94 -1.15
C MET B 373 -32.20 2.65 -2.34
N CYS B 374 -31.45 1.91 -3.13
CA CYS B 374 -30.81 2.48 -4.32
C CYS B 374 -30.91 1.52 -5.47
N MET B 375 -30.79 2.04 -6.70
CA MET B 375 -30.81 1.22 -7.91
C MET B 375 -29.47 1.32 -8.60
N LEU B 376 -28.85 0.17 -8.82
CA LEU B 376 -27.55 0.10 -9.44
C LEU B 376 -27.68 -0.65 -10.74
N LYS B 377 -26.90 -0.22 -11.72
CA LYS B 377 -26.68 -1.02 -12.92
C LYS B 377 -25.28 -1.62 -12.85
N ARG B 378 -25.22 -2.95 -12.93
CA ARG B 378 -23.97 -3.68 -12.85
C ARG B 378 -23.36 -3.75 -14.26
N ARG B 379 -22.07 -3.44 -14.36
CA ARG B 379 -21.37 -3.49 -15.64
C ARG B 379 -20.97 -4.91 -15.97
N LEU C 1 31.50 -34.34 -24.74
CA LEU C 1 31.57 -32.94 -24.23
C LEU C 1 32.74 -32.71 -23.26
N GLY C 2 33.21 -33.79 -22.64
CA GLY C 2 34.30 -33.71 -21.69
C GLY C 2 33.95 -33.04 -20.37
N LEU C 3 32.66 -33.05 -20.02
CA LEU C 3 32.18 -32.34 -18.83
C LEU C 3 31.89 -33.32 -17.70
N SER C 4 32.50 -33.09 -16.54
CA SER C 4 32.28 -33.99 -15.44
C SER C 4 32.26 -33.28 -14.09
N ILE C 5 31.46 -33.81 -13.18
CA ILE C 5 31.42 -33.35 -11.79
C ILE C 5 32.48 -34.11 -11.01
N THR C 6 33.51 -33.40 -10.56
CA THR C 6 34.66 -34.05 -9.93
C THR C 6 34.62 -33.95 -8.41
N GLY C 7 33.71 -33.13 -7.89
CA GLY C 7 33.55 -33.03 -6.44
C GLY C 7 32.17 -32.51 -6.11
N LEU C 8 31.63 -32.94 -4.97
CA LEU C 8 30.39 -32.36 -4.46
C LEU C 8 30.49 -32.16 -2.96
N GLY C 9 29.82 -31.13 -2.48
CA GLY C 9 29.89 -30.76 -1.08
C GLY C 9 28.56 -30.18 -0.69
N VAL C 10 28.14 -30.49 0.54
CA VAL C 10 26.84 -30.10 1.07
C VAL C 10 27.02 -29.68 2.53
N GLN C 11 26.44 -28.55 2.89
CA GLN C 11 26.46 -28.14 4.28
C GLN C 11 25.10 -27.64 4.70
N TYR C 12 24.47 -28.43 5.57
CA TYR C 12 23.23 -28.02 6.25
C TYR C 12 23.59 -27.31 7.56
N PRO C 13 22.71 -26.42 8.05
CA PRO C 13 23.00 -25.69 9.29
C PRO C 13 22.75 -26.54 10.57
N PRO C 14 23.14 -26.03 11.75
CA PRO C 14 23.11 -26.86 12.97
C PRO C 14 21.73 -27.35 13.43
N TYR C 15 20.66 -26.62 13.10
CA TYR C 15 19.35 -26.95 13.67
C TYR C 15 18.48 -27.77 12.75
N SER C 16 17.74 -28.69 13.36
CA SER C 16 16.80 -29.52 12.65
C SER C 16 15.49 -29.43 13.42
N LEU C 17 14.45 -28.91 12.76
CA LEU C 17 13.22 -28.52 13.42
C LEU C 17 12.01 -29.37 13.01
N GLY C 18 11.23 -29.81 13.99
CA GLY C 18 9.98 -30.50 13.72
C GLY C 18 8.87 -29.52 13.35
N PRO C 19 7.68 -30.02 12.99
CA PRO C 19 6.56 -29.13 12.60
C PRO C 19 6.08 -28.19 13.71
N ASP C 20 6.34 -28.53 14.96
CA ASP C 20 5.94 -27.66 16.07
C ASP C 20 6.74 -26.36 16.18
N ALA C 21 7.85 -26.24 15.44
CA ALA C 21 8.59 -24.97 15.38
C ALA C 21 7.72 -23.82 14.85
N ILE C 22 6.88 -24.12 13.87
CA ILE C 22 5.93 -23.14 13.32
C ILE C 22 4.81 -22.81 14.30
N ASP C 23 4.26 -23.83 14.96
CA ASP C 23 3.18 -23.64 15.93
C ASP C 23 3.64 -22.71 17.05
N ILE C 24 4.87 -22.93 17.51
CA ILE C 24 5.47 -22.15 18.62
C ILE C 24 5.50 -20.66 18.30
N LEU C 25 6.03 -20.32 17.14
CA LEU C 25 6.12 -18.93 16.71
C LEU C 25 4.77 -18.33 16.38
N SER C 26 3.90 -19.13 15.77
CA SER C 26 2.56 -18.68 15.43
C SER C 26 1.75 -18.29 16.68
N LYS C 27 1.78 -19.14 17.70
CA LYS C 27 1.11 -18.87 19.00
C LYS C 27 1.69 -17.66 19.74
N ARG C 28 3.00 -17.45 19.59
CA ARG C 28 3.69 -16.35 20.24
C ARG C 28 3.28 -14.99 19.67
N TYR C 29 3.03 -14.94 18.35
CA TYR C 29 2.85 -13.64 17.69
C TYR C 29 1.47 -13.38 17.09
N HIS C 30 0.65 -14.42 17.00
CA HIS C 30 -0.69 -14.25 16.48
C HIS C 30 -1.72 -15.05 17.26
N PRO C 31 -2.91 -14.46 17.49
CA PRO C 31 -4.02 -15.26 17.99
C PRO C 31 -4.50 -16.19 16.88
N GLU C 32 -5.18 -17.26 17.27
CA GLU C 32 -5.70 -18.23 16.31
C GLU C 32 -6.69 -17.59 15.34
N SER C 33 -6.59 -17.95 14.07
CA SER C 33 -7.50 -17.48 13.03
C SER C 33 -7.82 -18.63 12.06
N PRO C 34 -8.92 -18.53 11.27
CA PRO C 34 -9.22 -19.61 10.31
C PRO C 34 -8.05 -19.96 9.40
N ALA C 35 -7.39 -18.96 8.83
CA ALA C 35 -6.31 -19.19 7.86
C ALA C 35 -5.07 -19.78 8.52
N MET C 36 -4.76 -19.32 9.73
CA MET C 36 -3.62 -19.86 10.47
C MET C 36 -3.81 -21.34 10.79
N LYS C 37 -5.01 -21.70 11.26
CA LYS C 37 -5.41 -23.11 11.49
C LYS C 37 -5.21 -23.98 10.26
N LYS C 38 -5.66 -23.50 9.10
CA LYS C 38 -5.55 -24.23 7.83
C LYS C 38 -4.10 -24.46 7.45
N VAL C 39 -3.26 -23.44 7.63
CA VAL C 39 -1.85 -23.54 7.27
C VAL C 39 -1.06 -24.39 8.27
N LEU C 40 -1.36 -24.22 9.55
CA LEU C 40 -0.77 -25.04 10.60
C LEU C 40 -1.09 -26.53 10.40
N ALA C 41 -2.30 -26.81 9.93
CA ALA C 41 -2.69 -28.16 9.56
C ALA C 41 -1.86 -28.68 8.38
N ILE C 42 -1.84 -27.93 7.28
CA ILE C 42 -1.06 -28.26 6.08
C ILE C 42 0.43 -28.52 6.39
N ASN C 43 0.98 -27.74 7.32
CA ASN C 43 2.36 -27.91 7.81
C ASN C 43 2.64 -29.34 8.27
N ARG C 44 1.59 -30.03 8.71
CA ARG C 44 1.73 -31.39 9.18
C ARG C 44 1.36 -32.45 8.13
N TYR C 45 0.96 -32.01 6.93
CA TYR C 45 0.54 -32.95 5.86
C TYR C 45 1.56 -33.07 4.72
N THR C 46 2.73 -32.48 4.86
CA THR C 46 3.72 -32.43 3.79
C THR C 46 4.49 -33.74 3.58
N GLY C 47 4.65 -34.50 4.67
CA GLY C 47 5.53 -35.66 4.66
C GLY C 47 6.96 -35.29 5.00
N ILE C 48 7.22 -34.01 5.30
CA ILE C 48 8.52 -33.58 5.83
C ILE C 48 8.57 -33.87 7.35
N ASP C 49 9.55 -34.68 7.78
CA ASP C 49 9.71 -34.98 9.20
C ASP C 49 10.44 -33.83 9.94
N GLN C 50 11.57 -33.39 9.40
CA GLN C 50 12.40 -32.34 10.01
C GLN C 50 12.91 -31.38 8.93
N ARG C 51 13.02 -30.10 9.26
CA ARG C 51 13.64 -29.13 8.34
C ARG C 51 14.89 -28.51 8.91
N SER C 52 15.88 -28.30 8.05
CA SER C 52 17.15 -27.65 8.42
C SER C 52 17.00 -26.15 8.55
N SER C 53 17.52 -25.61 9.64
CA SER C 53 17.46 -24.17 9.84
C SER C 53 18.75 -23.63 10.47
N ILE C 54 19.05 -22.37 10.18
CA ILE C 54 20.16 -21.67 10.80
C ILE C 54 19.86 -21.36 12.28
N GLY C 55 18.61 -21.53 12.70
CA GLY C 55 18.25 -21.29 14.09
C GLY C 55 17.10 -22.12 14.60
N ASN C 56 16.74 -21.88 15.87
CA ASN C 56 15.53 -22.45 16.43
C ASN C 56 14.52 -21.32 16.66
N PRO C 57 13.29 -21.65 17.12
CA PRO C 57 12.27 -20.63 17.38
C PRO C 57 12.58 -19.54 18.41
N ASP C 58 13.68 -19.68 19.17
CA ASP C 58 14.06 -18.63 20.13
C ASP C 58 15.06 -17.62 19.54
N HIS C 59 15.44 -17.79 18.27
CA HIS C 59 16.37 -16.88 17.61
C HIS C 59 15.88 -15.43 17.69
N PRO C 60 16.77 -14.49 18.06
CA PRO C 60 16.33 -13.08 18.22
C PRO C 60 15.78 -12.41 16.95
N LEU C 61 16.29 -12.77 15.78
CA LEU C 61 15.79 -12.21 14.52
C LEU C 61 14.27 -12.36 14.31
N VAL C 62 13.73 -13.52 14.68
CA VAL C 62 12.31 -13.82 14.45
C VAL C 62 11.44 -13.59 15.69
N ASN C 63 12.02 -12.97 16.72
CA ASN C 63 11.31 -12.69 17.97
C ASN C 63 11.15 -11.20 18.31
N LYS C 64 11.16 -10.35 17.28
CA LYS C 64 10.96 -8.91 17.46
C LYS C 64 9.47 -8.61 17.44
N PRO C 65 9.06 -7.39 17.86
CA PRO C 65 7.63 -7.04 17.77
C PRO C 65 7.06 -7.22 16.37
N ASN C 66 7.84 -6.85 15.36
CA ASN C 66 7.48 -7.01 13.95
C ASN C 66 8.36 -8.06 13.27
N PRO C 67 7.93 -8.55 12.09
CA PRO C 67 8.88 -9.36 11.30
C PRO C 67 10.14 -8.58 10.98
N PRO C 68 11.29 -9.27 10.80
CA PRO C 68 12.49 -8.49 10.48
C PRO C 68 12.38 -7.86 9.09
N THR C 69 13.13 -6.79 8.85
CA THR C 69 13.10 -6.16 7.52
C THR C 69 14.04 -6.94 6.58
N VAL C 70 13.92 -6.69 5.28
CA VAL C 70 14.81 -7.28 4.31
C VAL C 70 16.30 -6.94 4.62
N LYS C 71 16.57 -5.73 5.14
CA LYS C 71 17.92 -5.40 5.60
C LYS C 71 18.40 -6.30 6.76
N GLU C 72 17.53 -6.54 7.74
CA GLU C 72 17.85 -7.41 8.89
C GLU C 72 18.04 -8.88 8.46
N LEU C 73 17.22 -9.33 7.50
CA LEU C 73 17.39 -10.64 6.85
C LEU C 73 18.73 -10.78 6.13
N HIS C 74 19.10 -9.76 5.36
CA HIS C 74 20.43 -9.77 4.72
C HIS C 74 21.58 -9.96 5.71
N GLU C 75 21.51 -9.26 6.84
CA GLU C 75 22.54 -9.34 7.86
C GLU C 75 22.76 -10.78 8.32
N VAL C 76 21.68 -11.54 8.46
CA VAL C 76 21.78 -12.93 8.96
C VAL C 76 22.15 -13.88 7.83
N PHE C 77 21.63 -13.59 6.63
CA PHE C 77 22.10 -14.29 5.44
C PHE C 77 23.63 -14.31 5.44
N MET C 78 24.24 -13.14 5.64
CA MET C 78 25.71 -13.04 5.62
C MET C 78 26.40 -13.72 6.82
N SER C 79 25.90 -13.52 8.04
CA SER C 79 26.53 -14.11 9.24
C SER C 79 26.33 -15.63 9.37
N ASP C 80 25.16 -16.13 8.98
CA ASP C 80 24.84 -17.56 9.16
C ASP C 80 24.75 -18.37 7.88
N GLY C 81 24.51 -17.70 6.76
CA GLY C 81 24.34 -18.39 5.49
C GLY C 81 25.65 -18.57 4.76
N VAL C 82 26.37 -17.47 4.59
CA VAL C 82 27.69 -17.50 3.90
C VAL C 82 28.65 -18.60 4.43
N PRO C 83 28.77 -18.75 5.79
CA PRO C 83 29.59 -19.84 6.34
C PRO C 83 29.26 -21.26 5.80
N LEU C 84 27.97 -21.55 5.59
CA LEU C 84 27.55 -22.83 5.04
C LEU C 84 28.06 -23.03 3.61
N ALA C 85 27.97 -21.95 2.82
CA ALA C 85 28.43 -21.91 1.42
C ALA C 85 29.95 -22.10 1.31
N VAL C 86 30.71 -21.47 2.19
CA VAL C 86 32.17 -21.66 2.23
C VAL C 86 32.50 -23.14 2.55
N GLU C 87 31.79 -23.73 3.52
CA GLU C 87 32.07 -25.11 3.91
C GLU C 87 31.65 -26.11 2.82
N ALA C 88 30.49 -25.90 2.21
CA ALA C 88 30.09 -26.74 1.08
C ALA C 88 31.09 -26.64 -0.07
N SER C 89 31.56 -25.42 -0.36
CA SER C 89 32.54 -25.19 -1.42
C SER C 89 33.90 -25.86 -1.12
N ARG C 90 34.36 -25.76 0.13
CA ARG C 90 35.59 -26.42 0.58
C ARG C 90 35.53 -27.95 0.42
N LYS C 91 34.40 -28.55 0.82
CA LYS C 91 34.15 -29.99 0.66
C LYS C 91 34.16 -30.45 -0.80
N ALA C 92 33.51 -29.69 -1.67
CA ALA C 92 33.50 -29.99 -3.11
C ALA C 92 34.91 -29.93 -3.70
N MET C 93 35.64 -28.84 -3.38
CA MET C 93 37.04 -28.63 -3.79
C MET C 93 37.98 -29.73 -3.27
N ALA C 94 37.80 -30.13 -2.02
CA ALA C 94 38.59 -31.21 -1.41
C ALA C 94 38.42 -32.54 -2.10
N GLU C 95 37.17 -32.88 -2.45
CA GLU C 95 36.91 -34.12 -3.16
C GLU C 95 37.52 -34.09 -4.57
N ALA C 96 37.41 -32.94 -5.25
CA ALA C 96 37.96 -32.78 -6.59
C ALA C 96 39.50 -32.63 -6.57
N ARG C 97 40.06 -32.43 -5.37
CA ARG C 97 41.51 -32.19 -5.19
C ARG C 97 41.97 -30.96 -5.98
N LEU C 98 41.28 -29.85 -5.74
CA LEU C 98 41.61 -28.59 -6.38
C LEU C 98 42.10 -27.62 -5.33
N VAL C 99 43.10 -26.83 -5.68
CA VAL C 99 43.53 -25.76 -4.80
C VAL C 99 42.85 -24.48 -5.34
N PRO C 100 42.64 -23.48 -4.48
CA PRO C 100 42.01 -22.21 -4.83
C PRO C 100 42.43 -21.61 -6.17
N ALA C 101 43.74 -21.62 -6.47
CA ALA C 101 44.28 -21.01 -7.68
C ALA C 101 43.79 -21.64 -8.97
N GLN C 102 43.28 -22.88 -8.86
CA GLN C 102 42.82 -23.63 -10.02
C GLN C 102 41.38 -23.36 -10.44
N ILE C 103 40.60 -22.70 -9.58
CA ILE C 103 39.20 -22.40 -9.93
C ILE C 103 39.17 -21.24 -10.92
N THR C 104 38.54 -21.45 -12.08
CA THR C 104 38.54 -20.47 -13.16
C THR C 104 37.22 -19.66 -13.27
N HIS C 105 36.10 -20.28 -12.85
CA HIS C 105 34.80 -19.57 -12.82
C HIS C 105 34.05 -19.98 -11.56
N MET C 106 33.05 -19.18 -11.22
CA MET C 106 32.13 -19.51 -10.15
C MET C 106 30.73 -19.14 -10.64
N VAL C 107 29.80 -20.09 -10.63
CA VAL C 107 28.41 -19.79 -10.95
C VAL C 107 27.60 -20.07 -9.69
N SER C 108 27.00 -19.01 -9.14
CA SER C 108 26.27 -19.09 -7.88
C SER C 108 24.83 -18.69 -8.07
N THR C 109 23.99 -19.14 -7.15
CA THR C 109 22.60 -18.75 -7.20
C THR C 109 22.03 -18.64 -5.76
N THR C 110 21.02 -17.77 -5.63
CA THR C 110 20.19 -17.67 -4.44
C THR C 110 18.95 -16.86 -4.82
N CYS C 111 17.83 -17.15 -4.16
CA CYS C 111 16.65 -16.30 -4.26
C CYS C 111 16.31 -15.66 -2.91
N THR C 112 17.10 -15.95 -1.89
CA THR C 112 16.80 -15.42 -0.55
C THR C 112 17.77 -14.32 -0.07
N ASP C 113 18.47 -13.70 -1.03
CA ASP C 113 19.30 -12.51 -0.76
C ASP C 113 19.37 -11.56 -1.95
N SER C 114 19.60 -10.28 -1.62
CA SER C 114 19.96 -9.25 -2.59
C SER C 114 21.05 -8.36 -2.01
N ALA C 115 22.10 -8.11 -2.79
CA ALA C 115 23.27 -7.41 -2.26
C ALA C 115 24.22 -7.03 -3.37
N ASN C 116 24.94 -5.92 -3.19
CA ASN C 116 26.01 -5.54 -4.12
C ASN C 116 27.16 -5.00 -3.28
N PRO C 117 28.31 -5.71 -3.25
CA PRO C 117 28.65 -6.99 -3.88
C PRO C 117 27.74 -8.12 -3.43
N GLY C 118 27.53 -9.09 -4.33
CA GLY C 118 26.73 -10.27 -4.04
C GLY C 118 27.44 -11.23 -3.10
N TYR C 119 26.69 -12.18 -2.55
CA TYR C 119 27.24 -13.11 -1.54
C TYR C 119 28.40 -13.94 -2.09
N ASP C 120 28.39 -14.18 -3.41
CA ASP C 120 29.47 -14.95 -4.07
C ASP C 120 30.85 -14.32 -3.94
N HIS C 121 30.90 -12.99 -3.97
CA HIS C 121 32.13 -12.25 -3.66
C HIS C 121 32.79 -12.66 -2.32
N TYR C 122 31.99 -12.73 -1.25
CA TYR C 122 32.50 -13.03 0.09
C TYR C 122 32.90 -14.50 0.26
N VAL C 123 32.15 -15.39 -0.37
CA VAL C 123 32.51 -16.83 -0.43
C VAL C 123 33.87 -17.01 -1.12
N ALA C 124 34.01 -16.42 -2.31
CA ALA C 124 35.27 -16.46 -3.06
C ALA C 124 36.45 -15.90 -2.27
N LYS C 125 36.20 -14.81 -1.54
CA LYS C 125 37.21 -14.19 -0.69
C LYS C 125 37.64 -15.12 0.45
N GLU C 126 36.71 -15.79 1.11
CA GLU C 126 37.08 -16.71 2.19
C GLU C 126 37.85 -17.94 1.71
N LEU C 127 37.49 -18.44 0.53
CA LEU C 127 38.17 -19.59 -0.06
C LEU C 127 39.55 -19.19 -0.59
N GLY C 128 39.80 -17.88 -0.69
CA GLY C 128 41.03 -17.35 -1.27
C GLY C 128 41.17 -17.54 -2.77
N LEU C 129 40.06 -17.42 -3.49
CA LEU C 129 40.08 -17.60 -4.96
C LEU C 129 40.78 -16.44 -5.71
N SER C 130 41.11 -16.68 -6.98
CA SER C 130 41.85 -15.71 -7.78
C SER C 130 41.15 -14.35 -7.88
N ASP C 131 41.93 -13.29 -7.89
CA ASP C 131 41.37 -11.95 -8.14
C ASP C 131 40.92 -11.77 -9.60
N ARG C 132 41.25 -12.74 -10.46
CA ARG C 132 40.82 -12.73 -11.88
C ARG C 132 39.64 -13.68 -12.13
N LEU C 133 39.10 -14.26 -11.07
CA LEU C 133 37.97 -15.21 -11.18
C LEU C 133 36.80 -14.59 -11.95
N GLU C 134 36.22 -15.36 -12.89
CA GLU C 134 35.00 -14.91 -13.58
C GLU C 134 33.78 -15.42 -12.79
N LYS C 135 32.94 -14.50 -12.34
CA LYS C 135 31.77 -14.87 -11.52
C LYS C 135 30.43 -14.58 -12.21
N VAL C 136 29.46 -15.47 -12.00
CA VAL C 136 28.06 -15.26 -12.38
C VAL C 136 27.18 -15.50 -11.16
N LEU C 137 26.44 -14.49 -10.72
CA LEU C 137 25.43 -14.69 -9.69
C LEU C 137 24.06 -14.61 -10.33
N LEU C 138 23.35 -15.73 -10.38
CA LEU C 138 22.05 -15.77 -11.05
C LEU C 138 20.97 -15.27 -10.09
N HIS C 139 19.98 -14.58 -10.64
CA HIS C 139 18.84 -14.10 -9.85
C HIS C 139 17.57 -14.49 -10.60
N GLY C 140 16.42 -14.39 -9.94
CA GLY C 140 15.14 -14.51 -10.63
C GLY C 140 14.54 -15.90 -10.84
N ILE C 141 15.27 -16.96 -10.48
CA ILE C 141 14.87 -18.34 -10.85
C ILE C 141 14.47 -19.32 -9.71
N GLY C 142 14.65 -18.94 -8.45
CA GLY C 142 14.24 -19.78 -7.32
C GLY C 142 14.71 -21.24 -7.37
N SER C 144 14.71 -23.72 -9.46
CA SER C 144 15.40 -24.35 -10.59
C SER C 144 16.87 -23.93 -10.65
N GLY C 145 17.27 -23.06 -9.72
CA GLY C 145 18.59 -22.45 -9.69
C GLY C 145 19.79 -23.38 -9.70
N GLY C 146 19.68 -24.52 -9.03
CA GLY C 146 20.79 -25.47 -8.95
C GLY C 146 21.09 -26.05 -10.32
N LEU C 147 20.07 -26.54 -11.02
CA LEU C 147 20.29 -27.10 -12.36
C LEU C 147 20.59 -26.06 -13.44
N ALA C 148 19.89 -24.91 -13.38
CA ALA C 148 20.22 -23.75 -14.21
C ALA C 148 21.67 -23.27 -14.02
N ALA C 149 22.17 -23.26 -12.77
CA ALA C 149 23.58 -22.94 -12.54
C ALA C 149 24.51 -23.98 -13.14
N LEU C 150 24.14 -25.27 -13.02
CA LEU C 150 24.92 -26.35 -13.64
C LEU C 150 24.95 -26.22 -15.18
N ARG C 151 23.79 -25.97 -15.77
CA ARG C 151 23.69 -25.80 -17.23
C ARG C 151 24.49 -24.59 -17.70
N THR C 152 24.33 -23.48 -16.99
CA THR C 152 25.11 -22.27 -17.23
C THR C 152 26.61 -22.56 -17.16
N ALA C 153 27.03 -23.21 -16.08
CA ALA C 153 28.43 -23.64 -15.90
C ALA C 153 28.91 -24.57 -17.04
N ALA C 154 28.02 -25.42 -17.54
CA ALA C 154 28.37 -26.31 -18.67
C ALA C 154 28.71 -25.49 -19.91
N ASN C 155 27.88 -24.52 -20.24
CA ASN C 155 28.10 -23.60 -21.35
C ASN C 155 29.41 -22.82 -21.20
N LEU C 156 29.67 -22.36 -19.98
CA LEU C 156 30.92 -21.64 -19.70
C LEU C 156 32.14 -22.55 -19.87
N CYS C 157 32.02 -23.78 -19.37
CA CYS C 157 33.09 -24.78 -19.52
C CYS C 157 33.39 -24.98 -20.99
N LEU C 158 32.34 -25.09 -21.80
CA LEU C 158 32.54 -25.31 -23.23
C LEU C 158 33.14 -24.10 -23.93
N GLY C 159 32.91 -22.89 -23.40
CA GLY C 159 33.54 -21.69 -23.93
C GLY C 159 35.06 -21.75 -23.79
N HIS C 160 35.52 -22.16 -22.60
CA HIS C 160 36.93 -22.40 -22.36
C HIS C 160 37.48 -23.56 -23.18
N THR C 161 36.70 -24.63 -23.29
CA THR C 161 37.05 -25.73 -24.19
C THR C 161 37.36 -25.22 -25.62
N ALA C 162 36.51 -24.35 -26.16
CA ALA C 162 36.68 -23.81 -27.54
C ALA C 162 37.97 -23.04 -27.75
N ARG C 163 38.52 -22.51 -26.66
CA ARG C 163 39.80 -21.80 -26.70
C ARG C 163 40.99 -22.67 -26.25
N GLY C 164 40.73 -23.95 -25.98
CA GLY C 164 41.75 -24.86 -25.46
C GLY C 164 42.22 -24.56 -24.04
N LYS C 165 41.33 -24.05 -23.20
CA LYS C 165 41.71 -23.65 -21.84
C LYS C 165 41.07 -24.53 -20.73
N PRO C 166 41.85 -24.88 -19.68
CA PRO C 166 41.25 -25.61 -18.59
C PRO C 166 40.16 -24.76 -17.94
N ALA C 167 39.06 -25.40 -17.54
CA ALA C 167 37.98 -24.76 -16.83
C ALA C 167 37.63 -25.65 -15.66
N ARG C 168 37.60 -25.06 -14.47
CA ARG C 168 37.18 -25.74 -13.23
C ARG C 168 36.24 -24.78 -12.56
N ILE C 169 34.95 -25.10 -12.55
CA ILE C 169 33.95 -24.14 -12.14
C ILE C 169 33.31 -24.56 -10.81
N LEU C 170 33.38 -23.66 -9.84
CA LEU C 170 32.60 -23.81 -8.61
C LEU C 170 31.14 -23.43 -8.88
N VAL C 171 30.24 -24.39 -8.70
CA VAL C 171 28.82 -24.18 -8.92
C VAL C 171 28.15 -24.25 -7.54
N LEU C 172 27.56 -23.14 -7.10
CA LEU C 172 27.14 -22.96 -5.70
C LEU C 172 25.69 -22.51 -5.56
N ALA C 173 24.95 -23.15 -4.66
CA ALA C 173 23.62 -22.68 -4.27
C ALA C 173 23.56 -22.51 -2.74
N LEU C 174 22.98 -21.40 -2.32
CA LEU C 174 22.83 -21.07 -0.91
C LEU C 174 21.44 -20.52 -0.74
N GLU C 175 20.63 -21.15 0.11
CA GLU C 175 19.33 -20.62 0.40
C GLU C 175 19.11 -20.54 1.91
N VAL C 176 18.64 -19.38 2.37
CA VAL C 176 18.24 -19.21 3.75
C VAL C 176 16.80 -18.72 3.70
N SER C 177 15.87 -19.67 3.83
CA SER C 177 14.46 -19.35 3.77
C SER C 177 13.76 -19.29 5.14
N THR C 178 14.31 -19.95 6.16
CA THR C 178 13.57 -20.10 7.42
C THR C 178 13.38 -18.79 8.18
N THR C 179 14.24 -17.81 7.89
CA THR C 179 14.19 -16.47 8.48
C THR C 179 12.93 -15.68 8.09
N MET C 180 12.26 -16.11 7.03
CA MET C 180 11.06 -15.42 6.55
C MET C 180 9.77 -15.95 7.17
N VAL C 181 9.92 -16.78 8.19
CA VAL C 181 8.78 -17.34 8.92
C VAL C 181 7.81 -16.25 9.39
N ARG C 182 8.33 -15.19 10.01
CA ARG C 182 7.47 -14.14 10.57
C ARG C 182 6.75 -13.35 9.49
N SER C 183 7.41 -13.20 8.34
CA SER C 183 6.82 -12.52 7.18
C SER C 183 5.61 -13.28 6.65
N GLU C 184 5.79 -14.58 6.36
CA GLU C 184 4.70 -15.45 5.96
C GLU C 184 3.57 -15.51 7.02
N LEU C 185 3.92 -15.61 8.30
CA LEU C 185 2.89 -15.65 9.35
C LEU C 185 2.04 -14.37 9.33
N GLU C 186 2.69 -13.22 9.18
CA GLU C 186 1.99 -11.92 9.11
C GLU C 186 1.03 -11.86 7.93
N SER C 187 1.47 -12.37 6.77
CA SER C 187 0.62 -12.47 5.59
C SER C 187 -0.58 -13.39 5.74
N ILE C 188 -0.38 -14.55 6.37
CA ILE C 188 -1.47 -15.49 6.64
C ILE C 188 -2.48 -14.81 7.56
N ASP C 189 -2.00 -14.29 8.70
CA ASP C 189 -2.84 -13.61 9.68
C ASP C 189 -3.68 -12.47 9.07
N ALA C 190 -3.03 -11.53 8.40
CA ALA C 190 -3.68 -10.30 7.92
C ALA C 190 -4.46 -10.43 6.61
N LEU C 191 -3.97 -11.24 5.68
CA LEU C 191 -4.68 -11.47 4.41
C LEU C 191 -5.72 -12.59 4.49
N GLN C 192 -5.66 -13.38 5.56
CA GLN C 192 -6.45 -14.61 5.71
C GLN C 192 -6.42 -15.51 4.46
N GLU C 193 -5.22 -15.70 3.90
CA GLU C 193 -5.05 -16.67 2.80
C GLU C 193 -4.16 -17.85 3.19
N THR C 194 -4.38 -18.99 2.54
CA THR C 194 -3.63 -20.19 2.85
C THR C 194 -2.29 -20.18 2.11
N ARG C 195 -1.27 -19.72 2.80
CA ARG C 195 0.07 -19.62 2.23
C ARG C 195 0.92 -20.78 2.75
N ILE C 196 1.26 -21.72 1.85
CA ILE C 196 1.91 -22.97 2.26
C ILE C 196 3.45 -22.94 2.25
N GLY C 197 4.03 -21.80 1.87
CA GLY C 197 5.48 -21.63 1.92
C GLY C 197 6.12 -22.01 3.23
N ILE C 198 5.57 -21.53 4.36
CA ILE C 198 6.14 -21.86 5.69
C ILE C 198 6.25 -23.35 5.96
N ALA C 199 5.46 -24.16 5.24
CA ALA C 199 5.43 -25.59 5.51
C ALA C 199 6.55 -26.37 4.80
N LEU C 200 7.15 -25.75 3.78
CA LEU C 200 7.96 -26.48 2.80
C LEU C 200 9.45 -26.23 2.91
N PHE C 201 9.82 -24.95 3.01
CA PHE C 201 11.21 -24.53 2.74
C PHE C 201 12.16 -24.60 3.93
N SER C 202 13.44 -24.84 3.63
CA SER C 202 14.50 -24.98 4.64
C SER C 202 15.81 -24.36 4.14
N ASP C 203 16.86 -24.46 4.95
CA ASP C 203 18.15 -23.80 4.69
C ASP C 203 19.23 -24.81 4.38
N CYS C 204 20.13 -24.47 3.46
CA CYS C 204 21.18 -25.39 3.01
C CYS C 204 22.12 -24.65 2.08
N ALA C 205 23.38 -25.09 2.06
CA ALA C 205 24.25 -24.79 0.94
C ALA C 205 24.83 -26.06 0.35
N SER C 206 24.96 -26.07 -0.97
CA SER C 206 25.55 -27.20 -1.69
C SER C 206 26.35 -26.69 -2.87
N ALA C 207 27.35 -27.48 -3.26
CA ALA C 207 28.28 -27.09 -4.29
C ALA C 207 28.76 -28.32 -5.05
N VAL C 208 29.02 -28.14 -6.34
CA VAL C 208 29.76 -29.11 -7.12
C VAL C 208 30.86 -28.40 -7.88
N ILE C 209 31.88 -29.16 -8.25
CA ILE C 209 32.87 -28.68 -9.19
C ILE C 209 32.57 -29.33 -10.54
N LEU C 210 32.50 -28.50 -11.58
CA LEU C 210 32.34 -29.00 -12.94
C LEU C 210 33.59 -28.68 -13.73
N SER C 211 34.14 -29.69 -14.41
CA SER C 211 35.41 -29.57 -15.09
C SER C 211 35.21 -29.83 -16.58
N ASN C 212 36.00 -29.19 -17.44
CA ASN C 212 35.93 -29.48 -18.87
C ASN C 212 36.99 -30.51 -19.29
N GLY C 213 37.70 -31.05 -18.29
CA GLY C 213 38.68 -32.11 -18.53
C GLY C 213 40.03 -31.66 -19.09
N ILE C 214 40.09 -30.43 -19.60
CA ILE C 214 41.34 -29.93 -20.20
C ILE C 214 42.32 -29.62 -19.09
N GLY C 215 43.55 -30.10 -19.23
CA GLY C 215 44.58 -29.89 -18.22
C GLY C 215 44.68 -30.98 -17.16
N GLU C 216 43.70 -31.89 -17.12
CA GLU C 216 43.67 -32.95 -16.12
C GLU C 216 44.65 -34.05 -16.54
N ALA C 217 45.58 -34.39 -15.65
CA ALA C 217 46.43 -35.56 -15.88
C ALA C 217 45.55 -36.80 -15.97
N PRO C 218 45.74 -37.63 -17.03
CA PRO C 218 45.04 -38.92 -17.28
C PRO C 218 44.72 -39.75 -16.03
N GLY C 219 43.64 -40.52 -16.10
CA GLY C 219 43.17 -41.35 -14.96
C GLY C 219 42.54 -40.55 -13.82
N LYS C 220 42.11 -39.33 -14.13
CA LYS C 220 41.46 -38.49 -13.12
C LYS C 220 40.05 -39.02 -12.89
N PRO C 221 39.73 -39.34 -11.64
CA PRO C 221 38.40 -39.86 -11.36
C PRO C 221 37.36 -38.73 -11.30
N ALA C 222 36.12 -39.07 -11.67
CA ALA C 222 35.00 -38.15 -11.57
C ALA C 222 33.88 -38.87 -10.83
N ILE C 223 32.88 -38.12 -10.40
CA ILE C 223 31.69 -38.72 -9.79
C ILE C 223 30.60 -38.94 -10.83
N TYR C 224 30.30 -37.90 -11.61
CA TYR C 224 29.33 -37.96 -12.69
C TYR C 224 29.95 -37.30 -13.90
N ASP C 225 29.55 -37.75 -15.08
CA ASP C 225 29.78 -37.00 -16.31
C ASP C 225 28.46 -36.37 -16.71
N LEU C 226 28.50 -35.11 -17.16
CA LEU C 226 27.31 -34.43 -17.65
C LEU C 226 27.21 -34.60 -19.17
N LEU C 227 26.17 -35.30 -19.61
CA LEU C 227 26.00 -35.73 -21.00
C LEU C 227 25.11 -34.81 -21.83
N GLY C 228 24.18 -34.13 -21.18
CA GLY C 228 23.23 -33.27 -21.87
C GLY C 228 22.22 -32.66 -20.92
N TRP C 229 21.40 -31.76 -21.44
CA TRP C 229 20.47 -31.01 -20.63
C TRP C 229 19.36 -30.44 -21.49
N GLU C 230 18.24 -30.12 -20.87
CA GLU C 230 17.12 -29.45 -21.52
C GLU C 230 16.52 -28.42 -20.57
N ASN C 231 16.00 -27.34 -21.13
CA ASN C 231 15.30 -26.32 -20.37
C ASN C 231 14.14 -25.75 -21.18
N ARG C 232 13.05 -25.42 -20.48
CA ARG C 232 11.83 -24.92 -21.10
C ARG C 232 11.15 -23.99 -20.11
N VAL C 233 10.31 -23.11 -20.66
CA VAL C 233 9.34 -22.35 -19.87
C VAL C 233 7.94 -22.83 -20.24
N ILE C 234 7.14 -23.14 -19.22
CA ILE C 234 5.72 -23.46 -19.36
C ILE C 234 4.93 -22.16 -19.61
N PRO C 235 4.28 -22.04 -20.78
CA PRO C 235 3.54 -20.83 -21.21
C PRO C 235 2.47 -20.39 -20.22
N ASP C 236 2.29 -19.08 -20.08
CA ASP C 236 1.26 -18.46 -19.25
C ASP C 236 1.15 -19.06 -17.83
N SER C 237 2.30 -19.22 -17.18
CA SER C 237 2.32 -19.74 -15.81
C SER C 237 3.12 -18.85 -14.84
N GLU C 238 3.33 -17.58 -15.18
CA GLU C 238 4.08 -16.66 -14.30
C GLU C 238 3.38 -16.43 -12.96
N HIS C 239 2.06 -16.43 -13.00
CA HIS C 239 1.23 -16.10 -11.84
C HIS C 239 1.13 -17.27 -10.86
N ASP C 240 1.62 -18.44 -11.29
CA ASP C 240 1.48 -19.66 -10.50
C ASP C 240 2.59 -19.88 -9.49
N LEU C 241 3.69 -19.17 -9.64
CA LEU C 241 4.89 -19.45 -8.88
C LEU C 241 5.85 -18.27 -8.95
N GLY C 242 6.27 -17.80 -7.77
CA GLY C 242 7.17 -16.67 -7.69
C GLY C 242 7.52 -16.26 -6.26
N PHE C 243 8.26 -15.16 -6.15
CA PHE C 243 8.89 -14.75 -4.91
C PHE C 243 9.12 -13.25 -5.06
N ASP C 244 8.17 -12.46 -4.55
CA ASP C 244 8.11 -11.01 -4.81
C ASP C 244 8.80 -10.19 -3.73
N VAL C 245 9.68 -9.27 -4.13
CA VAL C 245 10.42 -8.45 -3.16
C VAL C 245 9.45 -7.57 -2.31
N ASP C 246 9.85 -7.33 -1.06
CA ASP C 246 8.95 -6.77 -0.06
C ASP C 246 9.80 -6.15 1.05
N PRO C 247 9.29 -5.12 1.75
CA PRO C 247 10.02 -4.63 2.94
C PRO C 247 10.33 -5.72 3.99
N MET C 248 9.57 -6.81 4.00
CA MET C 248 9.83 -7.91 4.95
C MET C 248 10.63 -9.07 4.33
N GLY C 249 11.22 -8.84 3.15
CA GLY C 249 11.96 -9.88 2.40
C GLY C 249 11.36 -10.23 1.05
N TRP C 250 10.91 -11.47 0.91
CA TRP C 250 10.20 -11.88 -0.30
C TRP C 250 8.94 -12.69 0.05
N LYS C 251 7.85 -12.39 -0.66
CA LYS C 251 6.57 -13.05 -0.47
C LYS C 251 6.35 -14.16 -1.49
N VAL C 252 6.05 -15.35 -0.98
CA VAL C 252 5.80 -16.53 -1.81
C VAL C 252 4.50 -16.44 -2.61
N VAL C 253 4.58 -16.78 -3.90
CA VAL C 253 3.42 -17.05 -4.74
C VAL C 253 3.51 -18.53 -5.12
N LEU C 254 2.45 -19.30 -4.92
CA LEU C 254 2.47 -20.74 -5.16
C LEU C 254 1.05 -21.28 -5.21
N SER C 255 0.55 -21.43 -6.45
CA SER C 255 -0.85 -21.78 -6.72
C SER C 255 -1.04 -23.30 -6.71
N PRO C 256 -2.30 -23.75 -6.57
CA PRO C 256 -2.60 -25.18 -6.66
C PRO C 256 -2.28 -25.81 -8.02
N ARG C 257 -2.10 -24.98 -9.06
CA ARG C 257 -1.82 -25.47 -10.41
C ARG C 257 -0.41 -26.03 -10.61
N VAL C 258 0.52 -25.61 -9.74
CA VAL C 258 1.95 -25.89 -9.94
C VAL C 258 2.24 -27.39 -10.17
N PRO C 259 1.76 -28.28 -9.26
CA PRO C 259 2.01 -29.72 -9.44
C PRO C 259 1.44 -30.30 -10.72
N VAL C 260 0.27 -29.79 -11.13
CA VAL C 260 -0.41 -30.22 -12.35
C VAL C 260 0.41 -29.83 -13.59
N LEU C 261 0.82 -28.56 -13.65
CA LEU C 261 1.64 -28.09 -14.76
C LEU C 261 3.01 -28.80 -14.81
N ALA C 262 3.60 -29.06 -13.64
CA ALA C 262 4.92 -29.70 -13.59
C ALA C 262 4.87 -31.13 -14.15
N LYS C 263 3.92 -31.92 -13.67
CA LYS C 263 3.69 -33.28 -14.14
C LYS C 263 3.48 -33.36 -15.66
N ALA C 264 2.75 -32.40 -16.24
CA ALA C 264 2.47 -32.39 -17.68
C ALA C 264 3.71 -32.15 -18.55
N SER C 265 4.70 -31.43 -17.99
CA SER C 265 5.93 -31.09 -18.71
C SER C 265 6.95 -32.22 -18.68
N LEU C 266 6.84 -33.10 -17.69
CA LEU C 266 7.82 -34.18 -17.50
C LEU C 266 8.07 -35.07 -18.73
N GLN C 267 7.02 -35.72 -19.21
CA GLN C 267 7.11 -36.70 -20.30
C GLN C 267 7.72 -36.09 -21.59
N PRO C 268 7.16 -34.95 -22.09
CA PRO C 268 7.75 -34.38 -23.32
C PRO C 268 9.18 -33.78 -23.17
N THR C 269 9.52 -33.29 -21.98
CA THR C 269 10.89 -32.81 -21.73
C THR C 269 11.89 -33.97 -21.66
N TYR C 270 11.54 -35.01 -20.91
CA TYR C 270 12.32 -36.25 -20.87
C TYR C 270 12.54 -36.83 -22.27
N ALA C 271 11.48 -36.82 -23.07
CA ALA C 271 11.54 -37.30 -24.46
C ALA C 271 12.63 -36.57 -25.24
N ASP C 272 12.64 -35.25 -25.15
CA ASP C 272 13.62 -34.42 -25.85
C ASP C 272 15.04 -34.69 -25.34
N LEU C 273 15.19 -34.79 -24.02
CA LEU C 273 16.48 -35.11 -23.41
C LEU C 273 17.02 -36.42 -23.97
N LEU C 274 16.21 -37.47 -23.86
CA LEU C 274 16.61 -38.81 -24.29
C LEU C 274 16.91 -38.89 -25.78
N SER C 275 16.12 -38.17 -26.59
CA SER C 275 16.28 -38.22 -28.05
C SER C 275 17.61 -37.60 -28.50
N SER C 276 18.09 -36.61 -27.74
CA SER C 276 19.34 -35.93 -28.07
C SER C 276 20.62 -36.72 -27.76
N LEU C 277 20.52 -37.82 -27.00
CA LEU C 277 21.71 -38.58 -26.60
C LEU C 277 21.52 -40.11 -26.51
N GLN C 278 20.38 -40.60 -27.00
CA GLN C 278 20.06 -42.05 -26.96
C GLN C 278 21.13 -42.94 -27.57
N ASP C 279 21.82 -42.44 -28.60
CA ASP C 279 22.84 -43.26 -29.26
C ASP C 279 24.10 -43.43 -28.39
N GLN C 280 24.22 -42.63 -27.33
CA GLN C 280 25.31 -42.78 -26.35
C GLN C 280 24.96 -43.74 -25.21
N LEU C 281 23.71 -44.21 -25.19
CA LEU C 281 23.24 -45.05 -24.09
C LEU C 281 23.13 -46.52 -24.49
N PRO C 282 23.57 -47.44 -23.60
CA PRO C 282 23.45 -48.86 -23.88
C PRO C 282 22.00 -49.37 -23.82
N SER C 283 21.79 -50.62 -24.25
CA SER C 283 20.45 -51.19 -24.39
C SER C 283 19.65 -51.26 -23.07
N SER C 284 20.35 -51.29 -21.95
CA SER C 284 19.68 -51.37 -20.65
C SER C 284 19.18 -50.01 -20.13
N TYR C 285 19.30 -48.96 -20.97
CA TYR C 285 18.85 -47.61 -20.58
C TYR C 285 17.99 -47.00 -21.68
N GLN C 286 16.72 -47.40 -21.70
CA GLN C 286 15.81 -47.10 -22.79
C GLN C 286 14.48 -46.47 -22.37
N LYS C 287 14.00 -46.87 -21.19
CA LYS C 287 12.73 -46.37 -20.67
C LYS C 287 12.97 -45.69 -19.31
N PRO C 288 12.05 -44.84 -18.84
CA PRO C 288 12.23 -44.05 -17.62
C PRO C 288 12.66 -44.86 -16.39
N ALA C 289 12.06 -46.04 -16.21
CA ALA C 289 12.35 -46.85 -15.02
C ALA C 289 13.76 -47.43 -15.02
N ASP C 290 14.44 -47.41 -16.17
CA ASP C 290 15.81 -47.92 -16.26
C ASP C 290 16.82 -46.97 -15.61
N PHE C 291 16.40 -45.74 -15.35
CA PHE C 291 17.29 -44.70 -14.82
C PHE C 291 17.07 -44.51 -13.32
N ASP C 292 18.10 -44.02 -12.62
CA ASP C 292 17.91 -43.46 -11.28
C ASP C 292 17.49 -42.01 -11.49
N TRP C 293 16.63 -41.47 -10.62
CA TRP C 293 16.08 -40.14 -10.83
C TRP C 293 16.40 -39.18 -9.70
N ALA C 294 17.18 -38.13 -10.02
CA ALA C 294 17.46 -37.07 -9.05
C ALA C 294 16.51 -35.90 -9.22
N MET C 295 15.32 -36.03 -8.63
CA MET C 295 14.25 -35.03 -8.76
C MET C 295 14.41 -33.99 -7.65
N HIS C 296 14.21 -32.70 -7.96
CA HIS C 296 14.10 -31.72 -6.89
C HIS C 296 12.76 -31.92 -6.15
N PRO C 297 12.81 -32.19 -4.85
CA PRO C 297 11.57 -32.45 -4.12
C PRO C 297 10.86 -31.14 -3.76
N GLY C 298 10.25 -30.52 -4.76
CA GLY C 298 9.55 -29.25 -4.59
C GLY C 298 8.36 -29.39 -3.68
N GLY C 299 7.80 -30.60 -3.62
CA GLY C 299 6.66 -30.93 -2.77
C GLY C 299 6.31 -32.38 -2.95
N ALA C 300 5.48 -32.91 -2.05
CA ALA C 300 5.08 -34.32 -2.10
C ALA C 300 4.42 -34.66 -3.43
N THR C 301 3.62 -33.74 -3.96
CA THR C 301 2.91 -34.02 -5.22
C THR C 301 3.80 -33.98 -6.46
N ILE C 302 5.00 -33.42 -6.33
CA ILE C 302 5.97 -33.43 -7.43
C ILE C 302 6.55 -34.84 -7.57
N LEU C 303 6.82 -35.46 -6.41
CA LEU C 303 7.39 -36.79 -6.35
C LEU C 303 6.38 -37.86 -6.76
N SER C 304 5.17 -37.78 -6.19
CA SER C 304 4.10 -38.72 -6.56
C SER C 304 3.63 -38.48 -7.99
N GLY C 305 3.57 -37.22 -8.41
CA GLY C 305 3.31 -36.86 -9.81
C GLY C 305 4.30 -37.49 -10.78
N ALA C 306 5.59 -37.34 -10.50
CA ALA C 306 6.66 -37.92 -11.32
C ALA C 306 6.58 -39.43 -11.37
N GLU C 307 6.30 -40.07 -10.23
CA GLU C 307 6.13 -41.51 -10.18
C GLU C 307 5.01 -41.92 -11.12
N SER C 308 3.93 -41.16 -11.07
CA SER C 308 2.74 -41.43 -11.87
C SER C 308 2.96 -41.21 -13.36
N ALA C 309 3.54 -40.06 -13.70
CA ALA C 309 3.77 -39.68 -15.11
C ALA C 309 4.79 -40.58 -15.81
N MET C 310 5.82 -41.00 -15.08
CA MET C 310 6.95 -41.72 -15.68
C MET C 310 6.97 -43.21 -15.37
N GLY C 311 6.07 -43.67 -14.49
CA GLY C 311 6.02 -45.08 -14.15
C GLY C 311 7.17 -45.51 -13.26
N LEU C 312 7.42 -44.73 -12.21
CA LEU C 312 8.53 -44.98 -11.32
C LEU C 312 8.03 -45.37 -9.93
N THR C 313 8.87 -46.11 -9.21
CA THR C 313 8.66 -46.38 -7.79
C THR C 313 9.32 -45.28 -6.94
N PRO C 314 8.88 -45.09 -5.68
CA PRO C 314 9.56 -44.13 -4.83
C PRO C 314 11.07 -44.34 -4.78
N GLU C 315 11.50 -45.60 -4.87
CA GLU C 315 12.91 -45.97 -4.78
C GLU C 315 13.76 -45.46 -5.94
N HIS C 316 13.14 -45.19 -7.09
CA HIS C 316 13.83 -44.59 -8.24
C HIS C 316 14.31 -43.18 -7.91
N MET C 317 13.62 -42.52 -6.99
CA MET C 317 13.93 -41.17 -6.49
C MET C 317 14.26 -41.23 -5.00
N ARG C 318 14.94 -42.30 -4.57
CA ARG C 318 15.21 -42.55 -3.14
C ARG C 318 15.92 -41.40 -2.45
N ALA C 319 16.88 -40.79 -3.15
CA ALA C 319 17.68 -39.70 -2.56
C ALA C 319 16.84 -38.44 -2.45
N SER C 320 15.90 -38.26 -3.39
CA SER C 320 14.95 -37.13 -3.32
C SER C 320 14.06 -37.21 -2.09
N TYR C 321 13.49 -38.40 -1.86
CA TYR C 321 12.67 -38.66 -0.67
C TYR C 321 13.48 -38.48 0.58
N ASP C 322 14.72 -38.99 0.57
CA ASP C 322 15.59 -38.84 1.74
C ASP C 322 15.82 -37.37 2.14
N ARG C 323 16.20 -36.54 1.17
CA ARG C 323 16.39 -35.10 1.44
C ARG C 323 15.08 -34.43 1.87
N TYR C 324 13.97 -34.77 1.21
CA TYR C 324 12.68 -34.10 1.48
C TYR C 324 12.20 -34.37 2.90
N ILE C 325 12.16 -35.65 3.26
CA ILE C 325 11.65 -36.11 4.55
C ILE C 325 12.52 -35.60 5.71
N ASN C 326 13.83 -35.66 5.53
CA ASN C 326 14.76 -35.37 6.61
C ASN C 326 15.24 -33.93 6.63
N HIS C 327 15.08 -33.19 5.53
CA HIS C 327 15.63 -31.82 5.48
C HIS C 327 14.69 -30.74 4.93
N GLY C 328 13.64 -31.15 4.23
CA GLY C 328 12.71 -30.20 3.61
C GLY C 328 13.15 -29.70 2.23
N ASN C 329 12.40 -28.75 1.67
CA ASN C 329 12.75 -28.18 0.35
C ASN C 329 13.70 -27.00 0.56
N SER C 330 14.98 -27.13 0.19
CA SER C 330 15.96 -26.03 0.37
C SER C 330 16.18 -25.23 -0.92
N SER C 331 15.13 -25.15 -1.72
CA SER C 331 15.12 -24.40 -2.98
C SER C 331 16.30 -24.81 -3.86
N SER C 332 17.06 -23.85 -4.36
CA SER C 332 18.12 -24.16 -5.35
C SER C 332 19.24 -25.09 -4.83
N ALA C 333 19.39 -25.17 -3.50
CA ALA C 333 20.45 -25.98 -2.88
C ALA C 333 20.15 -27.47 -2.83
N THR C 334 18.89 -27.84 -3.03
CA THR C 334 18.43 -29.23 -2.83
C THR C 334 18.98 -30.23 -3.84
N ILE C 335 19.04 -29.83 -5.11
CA ILE C 335 19.42 -30.78 -6.14
C ILE C 335 20.83 -31.38 -5.97
N PHE C 336 21.81 -30.54 -5.61
CA PHE C 336 23.18 -31.01 -5.36
C PHE C 336 23.26 -31.88 -4.10
N SER C 337 22.50 -31.49 -3.07
CA SER C 337 22.30 -32.33 -1.88
C SER C 337 21.75 -33.73 -2.25
N VAL C 338 20.75 -33.78 -3.14
CA VAL C 338 20.23 -35.05 -3.67
C VAL C 338 21.31 -35.88 -4.39
N LEU C 339 21.97 -35.26 -5.38
CA LEU C 339 23.07 -35.93 -6.13
C LEU C 339 24.22 -36.42 -5.24
N ASN C 340 24.50 -35.71 -4.13
CA ASN C 340 25.55 -36.12 -3.20
C ASN C 340 25.12 -37.35 -2.43
N ARG C 341 23.88 -37.30 -1.93
CA ARG C 341 23.29 -38.41 -1.19
C ARG C 341 23.11 -39.65 -2.05
N LEU C 342 22.79 -39.46 -3.32
CA LEU C 342 22.49 -40.59 -4.19
C LEU C 342 23.65 -41.58 -4.30
N ARG C 343 24.88 -41.08 -4.28
CA ARG C 343 26.06 -41.93 -4.45
C ARG C 343 26.62 -42.53 -3.14
N GLU C 344 25.89 -42.35 -2.03
CA GLU C 344 26.29 -42.93 -0.75
C GLU C 344 25.80 -44.37 -0.59
N LYS C 345 26.59 -45.17 0.14
CA LYS C 345 26.37 -46.63 0.22
C LYS C 345 24.98 -47.06 0.68
N ASP C 346 24.39 -46.31 1.62
CA ASP C 346 23.09 -46.71 2.13
C ASP C 346 21.94 -46.39 1.15
N MET C 347 22.14 -45.45 0.23
CA MET C 347 21.21 -45.31 -0.91
C MET C 347 21.38 -46.44 -1.94
N ASP C 348 22.62 -46.90 -2.14
CA ASP C 348 22.87 -48.03 -3.04
C ASP C 348 22.02 -49.25 -2.67
N ALA C 349 21.85 -49.45 -1.36
CA ALA C 349 21.10 -50.59 -0.81
C ALA C 349 19.64 -50.60 -1.26
N LEU C 350 19.10 -49.41 -1.54
CA LEU C 350 17.68 -49.27 -1.86
C LEU C 350 17.40 -49.16 -3.37
N ALA C 351 18.41 -49.41 -4.19
CA ALA C 351 18.25 -49.29 -5.64
C ALA C 351 17.22 -50.27 -6.20
N PRO C 352 16.34 -49.76 -7.08
CA PRO C 352 15.39 -50.65 -7.75
C PRO C 352 16.11 -51.80 -8.46
N GLY C 353 15.52 -52.99 -8.36
CA GLY C 353 16.05 -54.18 -9.01
C GLY C 353 17.36 -54.67 -8.42
N GLY C 354 17.77 -54.10 -7.30
CA GLY C 354 19.08 -54.38 -6.73
C GLY C 354 20.22 -53.84 -7.60
N LYS C 355 19.89 -52.94 -8.52
CA LYS C 355 20.93 -52.37 -9.36
C LYS C 355 21.04 -50.85 -9.29
N VAL C 356 22.18 -50.41 -8.76
CA VAL C 356 22.55 -49.01 -8.82
C VAL C 356 22.73 -48.65 -10.30
N LYS C 357 22.04 -47.59 -10.72
CA LYS C 357 22.01 -47.21 -12.13
C LYS C 357 23.22 -46.38 -12.58
N GLU C 358 23.68 -46.64 -13.80
CA GLU C 358 24.82 -45.95 -14.34
C GLU C 358 24.45 -44.57 -14.88
N TYR C 359 23.17 -44.38 -15.19
CA TYR C 359 22.65 -43.11 -15.72
C TYR C 359 21.57 -42.54 -14.81
N VAL C 360 21.61 -41.21 -14.64
CA VAL C 360 20.76 -40.50 -13.71
C VAL C 360 20.14 -39.29 -14.40
N VAL C 361 18.82 -39.21 -14.38
CA VAL C 361 18.12 -38.02 -14.86
C VAL C 361 17.94 -37.03 -13.68
N GLY C 362 18.42 -35.79 -13.85
CA GLY C 362 18.14 -34.72 -12.90
C GLY C 362 17.01 -33.82 -13.39
N CYS C 363 16.11 -33.41 -12.51
CA CYS C 363 14.97 -32.58 -12.87
C CYS C 363 14.68 -31.57 -11.77
N ALA C 364 14.30 -30.36 -12.18
CA ALA C 364 13.87 -29.31 -11.24
C ALA C 364 12.93 -28.30 -11.90
N PHE C 365 12.01 -27.74 -11.10
CA PHE C 365 11.06 -26.73 -11.56
C PHE C 365 11.23 -25.50 -10.70
N GLY C 366 10.92 -24.33 -11.27
CA GLY C 366 10.97 -23.08 -10.53
C GLY C 366 10.12 -21.99 -11.15
N PRO C 367 10.09 -20.78 -10.53
CA PRO C 367 9.40 -19.61 -11.06
C PRO C 367 9.60 -19.46 -12.57
N GLY C 368 8.50 -19.27 -13.31
CA GLY C 368 8.56 -19.14 -14.76
C GLY C 368 7.23 -19.47 -15.43
N ILE C 369 6.78 -20.72 -15.36
CA ILE C 369 7.50 -21.83 -14.70
C ILE C 369 8.63 -22.33 -15.59
N ASN C 370 9.84 -22.39 -15.03
CA ASN C 370 11.01 -22.96 -15.70
C ASN C 370 11.17 -24.42 -15.38
N VAL C 371 11.46 -25.21 -16.40
CA VAL C 371 11.76 -26.63 -16.24
C VAL C 371 13.21 -26.81 -16.64
N GLU C 372 13.93 -27.58 -15.82
CA GLU C 372 15.32 -27.94 -16.09
C GLU C 372 15.45 -29.44 -15.93
N MET C 373 16.04 -30.10 -16.91
CA MET C 373 16.53 -31.45 -16.71
C MET C 373 17.91 -31.72 -17.32
N CYS C 374 18.60 -32.73 -16.78
CA CYS C 374 19.95 -33.10 -17.19
C CYS C 374 20.14 -34.61 -17.12
N MET C 375 21.11 -35.12 -17.88
CA MET C 375 21.46 -36.56 -17.88
C MET C 375 22.88 -36.68 -17.42
N LEU C 376 23.09 -37.49 -16.37
CA LEU C 376 24.43 -37.73 -15.85
C LEU C 376 24.79 -39.19 -16.05
N LYS C 377 26.09 -39.45 -16.21
CA LYS C 377 26.62 -40.79 -16.15
C LYS C 377 27.37 -40.94 -14.82
N ARG C 378 26.93 -41.88 -14.00
CA ARG C 378 27.57 -42.12 -12.71
C ARG C 378 28.74 -43.09 -12.86
N ARG C 379 29.93 -42.67 -12.41
CA ARG C 379 31.13 -43.49 -12.50
C ARG C 379 31.10 -44.61 -11.46
N LEU D 1 38.37 -15.43 -32.74
CA LEU D 1 37.24 -15.81 -31.81
C LEU D 1 35.86 -15.78 -32.49
N GLY D 2 35.73 -14.94 -33.52
CA GLY D 2 34.50 -14.85 -34.29
C GLY D 2 33.32 -14.18 -33.62
N LEU D 3 33.59 -13.35 -32.61
CA LEU D 3 32.55 -12.68 -31.82
C LEU D 3 32.37 -11.24 -32.29
N SER D 4 31.13 -10.84 -32.56
CA SER D 4 30.90 -9.46 -32.94
C SER D 4 29.57 -8.93 -32.44
N ILE D 5 29.53 -7.61 -32.20
CA ILE D 5 28.29 -6.91 -31.90
C ILE D 5 27.61 -6.53 -33.20
N THR D 6 26.44 -7.12 -33.46
CA THR D 6 25.72 -6.93 -34.72
C THR D 6 24.57 -5.93 -34.62
N GLY D 7 24.20 -5.54 -33.40
CA GLY D 7 23.16 -4.52 -33.22
C GLY D 7 23.21 -3.87 -31.85
N LEU D 8 22.84 -2.60 -31.77
CA LEU D 8 22.71 -1.90 -30.47
C LEU D 8 21.40 -1.13 -30.43
N GLY D 9 20.80 -1.03 -29.26
CA GLY D 9 19.58 -0.28 -29.12
C GLY D 9 19.60 0.36 -27.75
N VAL D 10 19.15 1.60 -27.66
CA VAL D 10 19.13 2.36 -26.43
C VAL D 10 17.75 2.98 -26.33
N GLN D 11 17.17 2.94 -25.16
CA GLN D 11 15.93 3.66 -24.91
C GLN D 11 15.98 4.34 -23.55
N TYR D 12 16.15 5.66 -23.56
CA TYR D 12 15.97 6.48 -22.37
C TYR D 12 14.48 6.75 -22.17
N PRO D 13 14.03 6.94 -20.91
CA PRO D 13 12.67 7.44 -20.75
C PRO D 13 12.54 8.90 -21.25
N PRO D 14 11.31 9.38 -21.52
CA PRO D 14 11.14 10.71 -22.11
C PRO D 14 11.65 11.90 -21.28
N TYR D 15 11.69 11.75 -19.96
CA TYR D 15 11.79 12.91 -19.07
C TYR D 15 13.21 13.24 -18.61
N SER D 16 13.51 14.54 -18.52
CA SER D 16 14.85 15.03 -18.15
C SER D 16 14.76 15.88 -16.91
N LEU D 17 15.60 15.58 -15.93
CA LEU D 17 15.60 16.33 -14.67
C LEU D 17 16.83 17.22 -14.53
N GLY D 18 16.59 18.51 -14.31
CA GLY D 18 17.66 19.43 -13.98
C GLY D 18 17.97 19.41 -12.50
N PRO D 19 19.05 20.10 -12.10
CA PRO D 19 19.49 20.16 -10.69
C PRO D 19 18.39 20.61 -9.73
N ASP D 20 17.44 21.38 -10.23
CA ASP D 20 16.30 21.84 -9.43
C ASP D 20 15.44 20.72 -8.83
N ALA D 21 15.38 19.57 -9.51
CA ALA D 21 14.47 18.50 -9.12
C ALA D 21 14.68 18.01 -7.68
N ILE D 22 15.93 17.88 -7.27
CA ILE D 22 16.27 17.43 -5.91
C ILE D 22 15.87 18.49 -4.88
N ASP D 23 16.18 19.75 -5.18
CA ASP D 23 15.75 20.91 -4.40
C ASP D 23 14.26 20.90 -4.10
N ILE D 24 13.44 20.65 -5.13
CA ILE D 24 11.98 20.62 -5.00
C ILE D 24 11.53 19.58 -4.00
N LEU D 25 12.00 18.35 -4.19
CA LEU D 25 11.60 17.23 -3.34
C LEU D 25 12.12 17.38 -1.90
N SER D 26 13.35 17.86 -1.81
CA SER D 26 14.02 18.09 -0.54
C SER D 26 13.22 19.05 0.35
N LYS D 27 12.81 20.17 -0.25
CA LYS D 27 12.07 21.23 0.43
C LYS D 27 10.68 20.75 0.83
N ARG D 28 10.08 19.91 -0.02
CA ARG D 28 8.74 19.39 0.16
C ARG D 28 8.66 18.45 1.37
N TYR D 29 9.69 17.64 1.57
CA TYR D 29 9.63 16.56 2.56
C TYR D 29 10.59 16.65 3.75
N HIS D 30 11.54 17.58 3.68
CA HIS D 30 12.56 17.69 4.73
C HIS D 30 12.86 19.12 5.16
N PRO D 31 13.16 19.32 6.45
CA PRO D 31 13.63 20.62 6.89
C PRO D 31 15.04 20.88 6.36
N GLU D 32 15.50 22.12 6.47
CA GLU D 32 16.89 22.46 6.20
C GLU D 32 17.80 21.82 7.24
N SER D 33 18.93 21.29 6.78
CA SER D 33 19.97 20.74 7.63
C SER D 33 21.30 20.94 6.91
N PRO D 34 22.43 20.94 7.67
CA PRO D 34 23.76 21.08 7.08
C PRO D 34 24.12 20.01 6.03
N ALA D 35 23.71 18.76 6.28
CA ALA D 35 23.95 17.67 5.34
C ALA D 35 23.17 17.82 4.04
N MET D 36 21.92 18.27 4.14
CA MET D 36 21.10 18.49 2.94
C MET D 36 21.68 19.66 2.14
N LYS D 37 22.03 20.73 2.85
CA LYS D 37 22.68 21.88 2.24
C LYS D 37 23.93 21.50 1.46
N LYS D 38 24.78 20.66 2.04
CA LYS D 38 26.00 20.22 1.37
C LYS D 38 25.69 19.42 0.09
N VAL D 39 24.72 18.50 0.18
CA VAL D 39 24.38 17.64 -0.96
C VAL D 39 23.72 18.46 -2.08
N LEU D 40 22.87 19.40 -1.69
CA LEU D 40 22.25 20.34 -2.61
C LEU D 40 23.31 21.22 -3.32
N ALA D 41 24.37 21.58 -2.61
CA ALA D 41 25.49 22.30 -3.24
C ALA D 41 26.25 21.41 -4.24
N ILE D 42 26.64 20.20 -3.79
CA ILE D 42 27.41 19.24 -4.62
C ILE D 42 26.68 18.91 -5.93
N ASN D 43 25.37 18.69 -5.81
CA ASN D 43 24.46 18.42 -6.95
C ASN D 43 24.70 19.36 -8.14
N ARG D 44 25.09 20.60 -7.85
CA ARG D 44 25.29 21.62 -8.89
C ARG D 44 26.70 21.71 -9.47
N TYR D 45 27.63 20.87 -9.01
CA TYR D 45 28.91 20.73 -9.72
C TYR D 45 29.34 19.29 -10.03
N THR D 46 28.36 18.45 -10.32
CA THR D 46 28.60 17.08 -10.76
C THR D 46 29.11 17.01 -12.20
N GLY D 47 28.88 18.05 -12.98
CA GLY D 47 29.16 18.02 -14.43
C GLY D 47 27.96 17.53 -15.24
N ILE D 48 26.89 17.16 -14.54
CA ILE D 48 25.66 16.71 -15.18
C ILE D 48 24.69 17.90 -15.36
N ASP D 49 24.22 18.11 -16.59
CA ASP D 49 23.23 19.16 -16.88
C ASP D 49 21.82 18.60 -16.70
N GLN D 50 21.61 17.35 -17.13
CA GLN D 50 20.27 16.74 -17.15
C GLN D 50 20.32 15.24 -16.88
N ARG D 51 19.37 14.73 -16.10
CA ARG D 51 19.25 13.29 -15.86
C ARG D 51 17.94 12.72 -16.40
N SER D 52 18.06 11.60 -17.10
CA SER D 52 16.90 10.94 -17.67
C SER D 52 16.11 10.19 -16.59
N SER D 53 14.79 10.32 -16.65
CA SER D 53 13.93 9.75 -15.62
C SER D 53 12.62 9.23 -16.19
N ILE D 54 12.07 8.23 -15.51
CA ILE D 54 10.77 7.70 -15.89
C ILE D 54 9.66 8.70 -15.55
N GLY D 55 10.01 9.74 -14.80
CA GLY D 55 9.04 10.76 -14.39
C GLY D 55 9.62 12.09 -13.93
N ASN D 56 8.74 12.99 -13.51
CA ASN D 56 9.17 14.28 -12.97
C ASN D 56 8.90 14.33 -11.46
N PRO D 57 9.35 15.41 -10.77
CA PRO D 57 9.21 15.49 -9.31
C PRO D 57 7.79 15.45 -8.77
N ASP D 58 6.78 15.59 -9.64
CA ASP D 58 5.39 15.49 -9.22
C ASP D 58 4.76 14.09 -9.39
N HIS D 59 5.59 13.10 -9.76
CA HIS D 59 5.14 11.71 -9.83
C HIS D 59 4.59 11.24 -8.51
N PRO D 60 3.41 10.57 -8.53
CA PRO D 60 2.75 10.09 -7.30
C PRO D 60 3.60 9.14 -6.45
N LEU D 61 4.49 8.36 -7.07
CA LEU D 61 5.30 7.40 -6.33
C LEU D 61 6.18 8.07 -5.28
N VAL D 62 6.74 9.22 -5.63
CA VAL D 62 7.69 9.92 -4.75
C VAL D 62 7.04 11.06 -3.92
N ASN D 63 5.70 11.12 -3.93
CA ASN D 63 4.95 12.16 -3.21
C ASN D 63 3.91 11.61 -2.21
N LYS D 64 4.23 10.44 -1.67
CA LYS D 64 3.43 9.85 -0.61
C LYS D 64 3.98 10.36 0.73
N PRO D 65 3.20 10.24 1.83
CA PRO D 65 3.73 10.66 3.16
C PRO D 65 5.11 10.09 3.48
N ASN D 66 5.34 8.83 3.11
CA ASN D 66 6.67 8.20 3.28
C ASN D 66 7.32 7.80 1.93
N PRO D 67 8.65 7.53 1.93
CA PRO D 67 9.27 6.99 0.73
C PRO D 67 8.57 5.70 0.29
N PRO D 68 8.58 5.39 -1.02
CA PRO D 68 7.92 4.16 -1.44
C PRO D 68 8.70 2.94 -0.92
N THR D 69 8.00 1.85 -0.64
CA THR D 69 8.68 0.62 -0.21
C THR D 69 9.27 -0.06 -1.45
N VAL D 70 10.19 -0.99 -1.21
CA VAL D 70 10.81 -1.77 -2.30
C VAL D 70 9.76 -2.53 -3.13
N LYS D 71 8.61 -2.86 -2.54
CA LYS D 71 7.52 -3.48 -3.30
C LYS D 71 6.93 -2.48 -4.30
N GLU D 72 6.66 -1.26 -3.83
CA GLU D 72 6.14 -0.18 -4.68
C GLU D 72 7.15 0.22 -5.76
N LEU D 73 8.44 0.18 -5.44
CA LEU D 73 9.50 0.36 -6.45
C LEU D 73 9.49 -0.71 -7.53
N HIS D 74 9.30 -1.96 -7.14
CA HIS D 74 9.21 -3.03 -8.13
C HIS D 74 8.04 -2.84 -9.11
N GLU D 75 6.88 -2.43 -8.60
CA GLU D 75 5.72 -2.19 -9.45
C GLU D 75 6.02 -1.22 -10.58
N VAL D 76 6.69 -0.11 -10.25
CA VAL D 76 7.08 0.89 -11.24
C VAL D 76 8.23 0.42 -12.15
N PHE D 77 9.19 -0.32 -11.60
CA PHE D 77 10.22 -0.94 -12.44
C PHE D 77 9.54 -1.73 -13.56
N MET D 78 8.52 -2.51 -13.20
CA MET D 78 7.80 -3.33 -14.17
C MET D 78 6.93 -2.49 -15.13
N SER D 79 6.17 -1.52 -14.62
CA SER D 79 5.27 -0.73 -15.48
C SER D 79 6.01 0.26 -16.40
N ASP D 80 7.07 0.87 -15.87
CA ASP D 80 7.80 1.94 -16.55
C ASP D 80 9.21 1.55 -17.04
N GLY D 81 9.84 0.58 -16.38
CA GLY D 81 11.17 0.14 -16.79
C GLY D 81 11.15 -0.89 -17.89
N VAL D 82 10.35 -1.94 -17.71
CA VAL D 82 10.28 -3.03 -18.69
C VAL D 82 10.02 -2.60 -20.16
N PRO D 83 9.06 -1.68 -20.41
CA PRO D 83 8.85 -1.19 -21.79
C PRO D 83 10.10 -0.57 -22.43
N LEU D 84 10.94 0.11 -21.63
CA LEU D 84 12.22 0.63 -22.14
C LEU D 84 13.13 -0.48 -22.62
N ALA D 85 13.23 -1.54 -21.81
CA ALA D 85 14.00 -2.74 -22.15
C ALA D 85 13.50 -3.44 -23.43
N VAL D 86 12.18 -3.57 -23.59
CA VAL D 86 11.62 -4.21 -24.76
C VAL D 86 12.01 -3.39 -26.01
N GLU D 87 11.88 -2.07 -25.92
CA GLU D 87 12.18 -1.21 -27.08
C GLU D 87 13.68 -1.22 -27.39
N ALA D 88 14.53 -1.15 -26.35
CA ALA D 88 15.97 -1.23 -26.60
C ALA D 88 16.33 -2.55 -27.30
N SER D 89 15.72 -3.65 -26.86
CA SER D 89 15.96 -4.96 -27.45
C SER D 89 15.46 -5.02 -28.90
N ARG D 90 14.23 -4.56 -29.12
CA ARG D 90 13.69 -4.49 -30.48
C ARG D 90 14.67 -3.79 -31.45
N LYS D 91 15.16 -2.62 -31.04
CA LYS D 91 16.10 -1.82 -31.84
C LYS D 91 17.41 -2.55 -32.14
N ALA D 92 17.97 -3.20 -31.13
CA ALA D 92 19.18 -4.00 -31.32
C ALA D 92 18.95 -5.13 -32.33
N MET D 93 17.82 -5.83 -32.18
CA MET D 93 17.49 -6.95 -33.07
C MET D 93 17.23 -6.44 -34.50
N ALA D 94 16.56 -5.29 -34.61
CA ALA D 94 16.29 -4.64 -35.90
C ALA D 94 17.57 -4.34 -36.69
N GLU D 95 18.55 -3.74 -36.02
CA GLU D 95 19.86 -3.47 -36.63
C GLU D 95 20.61 -4.74 -36.97
N ALA D 96 20.48 -5.77 -36.13
CA ALA D 96 21.14 -7.06 -36.40
C ALA D 96 20.41 -7.84 -37.51
N ARG D 97 19.20 -7.41 -37.86
CA ARG D 97 18.35 -8.09 -38.85
C ARG D 97 18.04 -9.52 -38.45
N LEU D 98 17.59 -9.67 -37.20
CA LEU D 98 17.24 -10.97 -36.65
C LEU D 98 15.77 -11.02 -36.29
N VAL D 99 15.20 -12.21 -36.38
CA VAL D 99 13.82 -12.42 -35.93
C VAL D 99 13.86 -13.17 -34.58
N PRO D 100 12.78 -13.07 -33.77
CA PRO D 100 12.83 -13.64 -32.42
C PRO D 100 13.34 -15.09 -32.35
N ALA D 101 12.96 -15.95 -33.31
CA ALA D 101 13.39 -17.35 -33.30
C ALA D 101 14.92 -17.55 -33.35
N GLN D 102 15.65 -16.54 -33.82
CA GLN D 102 17.11 -16.68 -33.98
C GLN D 102 17.92 -16.43 -32.71
N ILE D 103 17.28 -15.84 -31.71
CA ILE D 103 17.94 -15.51 -30.45
C ILE D 103 18.11 -16.80 -29.64
N THR D 104 19.35 -17.17 -29.35
CA THR D 104 19.66 -18.43 -28.66
C THR D 104 19.85 -18.27 -27.12
N HIS D 105 20.37 -17.13 -26.69
CA HIS D 105 20.51 -16.83 -25.26
C HIS D 105 20.12 -15.40 -24.98
N MET D 106 19.89 -15.11 -23.70
CA MET D 106 19.69 -13.77 -23.20
C MET D 106 20.57 -13.64 -21.94
N VAL D 107 21.31 -12.54 -21.85
CA VAL D 107 22.11 -12.22 -20.66
C VAL D 107 21.71 -10.82 -20.23
N SER D 108 21.07 -10.72 -19.07
CA SER D 108 20.49 -9.49 -18.57
C SER D 108 21.10 -9.11 -17.24
N THR D 109 21.03 -7.83 -16.93
CA THR D 109 21.45 -7.32 -15.63
C THR D 109 20.57 -6.15 -15.19
N THR D 110 20.47 -6.01 -13.88
CA THR D 110 19.93 -4.83 -13.23
C THR D 110 20.41 -4.88 -11.78
N CYS D 111 20.53 -3.73 -11.14
CA CYS D 111 20.73 -3.72 -9.68
C CYS D 111 19.59 -2.99 -8.97
N THR D 112 18.60 -2.56 -9.75
CA THR D 112 17.50 -1.78 -9.19
C THR D 112 16.17 -2.53 -9.19
N ASP D 113 16.25 -3.87 -9.27
CA ASP D 113 15.10 -4.74 -9.09
C ASP D 113 15.49 -6.09 -8.49
N SER D 114 14.51 -6.73 -7.85
CA SER D 114 14.59 -8.13 -7.41
C SER D 114 13.20 -8.71 -7.61
N ALA D 115 13.13 -9.85 -8.30
CA ALA D 115 11.85 -10.45 -8.69
C ALA D 115 12.08 -11.88 -9.13
N ASN D 116 11.07 -12.72 -8.96
CA ASN D 116 11.08 -14.09 -9.44
C ASN D 116 9.65 -14.41 -9.93
N PRO D 117 9.47 -14.63 -11.25
CA PRO D 117 10.45 -14.54 -12.35
C PRO D 117 11.11 -13.16 -12.46
N GLY D 118 12.35 -13.11 -12.89
CA GLY D 118 13.03 -11.82 -13.10
C GLY D 118 12.47 -11.04 -14.28
N TYR D 119 12.87 -9.77 -14.39
CA TYR D 119 12.34 -8.88 -15.44
C TYR D 119 12.64 -9.38 -16.85
N ASP D 120 13.74 -10.11 -17.00
CA ASP D 120 14.14 -10.73 -18.30
C ASP D 120 13.08 -11.67 -18.86
N HIS D 121 12.47 -12.47 -18.00
CA HIS D 121 11.36 -13.32 -18.43
C HIS D 121 10.28 -12.50 -19.16
N TYR D 122 9.88 -11.39 -18.55
CA TYR D 122 8.81 -10.56 -19.12
C TYR D 122 9.22 -9.86 -20.42
N VAL D 123 10.50 -9.48 -20.52
CA VAL D 123 11.02 -8.87 -21.74
C VAL D 123 11.01 -9.91 -22.86
N ALA D 124 11.56 -11.11 -22.60
CA ALA D 124 11.58 -12.19 -23.58
C ALA D 124 10.18 -12.58 -24.07
N LYS D 125 9.20 -12.55 -23.15
CA LYS D 125 7.83 -12.92 -23.52
C LYS D 125 7.24 -11.87 -24.47
N GLU D 126 7.46 -10.60 -24.13
CA GLU D 126 6.99 -9.47 -24.92
C GLU D 126 7.54 -9.48 -26.35
N LEU D 127 8.81 -9.86 -26.46
CA LEU D 127 9.53 -9.95 -27.74
C LEU D 127 9.16 -11.20 -28.53
N GLY D 128 8.51 -12.16 -27.89
CA GLY D 128 8.17 -13.41 -28.54
C GLY D 128 9.32 -14.39 -28.69
N LEU D 129 10.33 -14.28 -27.84
CA LEU D 129 11.44 -15.24 -27.89
C LEU D 129 11.03 -16.68 -27.55
N SER D 130 11.92 -17.62 -27.86
CA SER D 130 11.65 -19.06 -27.79
C SER D 130 11.41 -19.54 -26.36
N ASP D 131 10.48 -20.50 -26.21
CA ASP D 131 10.27 -21.16 -24.93
C ASP D 131 11.48 -22.02 -24.50
N ARG D 132 12.47 -22.11 -25.39
CA ARG D 132 13.72 -22.84 -25.16
C ARG D 132 14.92 -21.93 -24.88
N LEU D 133 14.67 -20.63 -24.82
CA LEU D 133 15.73 -19.64 -24.63
C LEU D 133 16.53 -19.90 -23.35
N GLU D 134 17.85 -19.84 -23.44
CA GLU D 134 18.68 -19.97 -22.25
C GLU D 134 18.93 -18.57 -21.69
N LYS D 135 18.51 -18.34 -20.44
CA LYS D 135 18.64 -17.03 -19.84
C LYS D 135 19.58 -16.99 -18.65
N VAL D 136 20.29 -15.87 -18.54
CA VAL D 136 21.13 -15.53 -17.40
C VAL D 136 20.69 -14.12 -16.94
N LEU D 137 20.21 -14.02 -15.72
CA LEU D 137 19.99 -12.71 -15.08
C LEU D 137 21.03 -12.48 -13.99
N LEU D 138 21.94 -11.54 -14.24
CA LEU D 138 23.03 -11.28 -13.32
C LEU D 138 22.56 -10.41 -12.16
N HIS D 139 23.15 -10.65 -11.00
CA HIS D 139 22.92 -9.84 -9.81
C HIS D 139 24.24 -9.56 -9.10
N GLY D 140 24.20 -8.59 -8.19
CA GLY D 140 25.31 -8.30 -7.28
C GLY D 140 26.39 -7.33 -7.78
N ILE D 141 26.26 -6.83 -9.01
CA ILE D 141 27.37 -6.15 -9.68
C ILE D 141 27.18 -4.66 -10.06
N GLY D 142 25.96 -4.13 -9.95
CA GLY D 142 25.72 -2.70 -10.25
C GLY D 142 26.29 -2.19 -11.58
N SER D 144 29.09 -2.19 -13.16
CA SER D 144 29.96 -2.99 -14.02
C SER D 144 29.18 -3.99 -14.87
N GLY D 145 27.86 -4.03 -14.68
CA GLY D 145 27.02 -5.09 -15.21
C GLY D 145 26.94 -5.17 -16.73
N GLY D 146 26.98 -4.03 -17.42
CA GLY D 146 26.93 -3.99 -18.91
C GLY D 146 28.09 -4.80 -19.47
N LEU D 147 29.32 -4.47 -19.06
CA LEU D 147 30.49 -5.20 -19.53
C LEU D 147 30.58 -6.63 -18.99
N ALA D 148 30.15 -6.89 -17.74
CA ALA D 148 30.15 -8.25 -17.21
C ALA D 148 29.17 -9.11 -18.01
N ALA D 149 28.05 -8.52 -18.40
CA ALA D 149 27.06 -9.23 -19.21
C ALA D 149 27.58 -9.52 -20.61
N LEU D 150 28.26 -8.55 -21.23
CA LEU D 150 28.94 -8.74 -22.53
C LEU D 150 29.99 -9.87 -22.44
N ARG D 151 30.82 -9.82 -21.41
CA ARG D 151 31.86 -10.83 -21.20
C ARG D 151 31.28 -12.24 -20.98
N THR D 152 30.27 -12.33 -20.12
CA THR D 152 29.54 -13.57 -19.89
C THR D 152 28.90 -14.09 -21.20
N ALA D 153 28.29 -13.18 -21.96
CA ALA D 153 27.73 -13.52 -23.28
C ALA D 153 28.79 -14.03 -24.25
N ALA D 154 29.99 -13.47 -24.15
CA ALA D 154 31.14 -13.92 -24.93
C ALA D 154 31.53 -15.36 -24.61
N ASN D 155 31.62 -15.71 -23.32
CA ASN D 155 31.94 -17.11 -22.99
C ASN D 155 30.81 -18.06 -23.45
N LEU D 156 29.56 -17.61 -23.31
CA LEU D 156 28.42 -18.44 -23.72
C LEU D 156 28.38 -18.63 -25.23
N CYS D 157 28.63 -17.56 -25.98
CA CYS D 157 28.78 -17.64 -27.44
C CYS D 157 29.81 -18.71 -27.82
N LEU D 158 30.96 -18.69 -27.15
CA LEU D 158 32.03 -19.64 -27.40
C LEU D 158 31.63 -21.06 -27.03
N GLY D 159 30.83 -21.22 -25.96
CA GLY D 159 30.27 -22.53 -25.62
C GLY D 159 29.56 -23.17 -26.82
N HIS D 160 28.77 -22.36 -27.52
CA HIS D 160 28.08 -22.81 -28.72
C HIS D 160 29.05 -23.07 -29.87
N THR D 161 30.10 -22.26 -29.96
CA THR D 161 31.13 -22.44 -31.00
C THR D 161 31.79 -23.81 -30.86
N ALA D 162 32.01 -24.23 -29.60
CA ALA D 162 32.58 -25.54 -29.31
C ALA D 162 31.71 -26.70 -29.83
N ARG D 163 30.40 -26.47 -29.94
CA ARG D 163 29.47 -27.48 -30.46
C ARG D 163 29.05 -27.20 -31.90
N GLY D 164 29.67 -26.20 -32.51
CA GLY D 164 29.40 -25.79 -33.89
C GLY D 164 28.00 -25.26 -34.10
N LYS D 165 27.43 -24.66 -33.06
CA LYS D 165 26.08 -24.13 -33.12
C LYS D 165 26.09 -22.61 -33.29
N PRO D 166 25.14 -22.07 -34.08
CA PRO D 166 24.94 -20.61 -34.05
C PRO D 166 24.54 -20.10 -32.67
N ALA D 167 25.07 -18.94 -32.30
CA ALA D 167 24.64 -18.22 -31.09
C ALA D 167 24.40 -16.76 -31.45
N ARG D 168 23.21 -16.27 -31.08
CA ARG D 168 22.88 -14.85 -31.18
C ARG D 168 22.32 -14.48 -29.81
N ILE D 169 23.04 -13.63 -29.09
CA ILE D 169 22.70 -13.40 -27.69
C ILE D 169 22.26 -11.96 -27.51
N LEU D 170 21.08 -11.82 -26.92
CA LEU D 170 20.58 -10.51 -26.52
C LEU D 170 21.20 -10.20 -25.17
N VAL D 171 21.97 -9.12 -25.13
CA VAL D 171 22.63 -8.69 -23.92
C VAL D 171 21.93 -7.40 -23.50
N LEU D 172 21.36 -7.41 -22.29
CA LEU D 172 20.44 -6.35 -21.88
C LEU D 172 20.73 -5.79 -20.49
N ALA D 173 20.70 -4.46 -20.36
CA ALA D 173 20.78 -3.78 -19.07
C ALA D 173 19.61 -2.80 -18.93
N LEU D 174 18.98 -2.82 -17.77
CA LEU D 174 17.89 -1.92 -17.46
C LEU D 174 18.11 -1.41 -16.05
N GLU D 175 18.13 -0.08 -15.89
CA GLU D 175 18.21 0.51 -14.55
C GLU D 175 17.17 1.60 -14.37
N VAL D 176 16.49 1.59 -13.22
CA VAL D 176 15.59 2.66 -12.84
C VAL D 176 15.98 3.08 -11.41
N SER D 177 16.74 4.15 -11.32
CA SER D 177 17.28 4.57 -10.04
C SER D 177 16.60 5.81 -9.49
N THR D 178 15.95 6.59 -10.35
CA THR D 178 15.44 7.89 -9.94
C THR D 178 14.31 7.75 -8.93
N THR D 179 13.65 6.60 -8.95
CA THR D 179 12.55 6.30 -8.04
C THR D 179 12.98 6.21 -6.56
N MET D 180 14.29 6.09 -6.32
CA MET D 180 14.81 5.95 -4.96
C MET D 180 15.16 7.30 -4.31
N VAL D 181 14.70 8.40 -4.93
CA VAL D 181 15.04 9.74 -4.48
C VAL D 181 14.62 10.04 -3.03
N ARG D 182 13.42 9.61 -2.65
CA ARG D 182 12.94 9.80 -1.28
C ARG D 182 13.74 8.96 -0.27
N SER D 183 14.20 7.78 -0.70
CA SER D 183 15.04 6.92 0.16
C SER D 183 16.34 7.60 0.54
N GLU D 184 17.01 8.18 -0.46
CA GLU D 184 18.27 8.87 -0.25
C GLU D 184 18.10 10.18 0.53
N LEU D 185 17.04 10.92 0.26
CA LEU D 185 16.72 12.12 1.03
C LEU D 185 16.51 11.81 2.51
N GLU D 186 15.78 10.74 2.79
CA GLU D 186 15.60 10.27 4.17
C GLU D 186 16.92 9.94 4.86
N SER D 187 17.81 9.20 4.16
CA SER D 187 19.13 8.85 4.68
C SER D 187 20.00 10.09 4.95
N ILE D 188 20.03 11.02 3.99
CA ILE D 188 20.77 12.28 4.16
C ILE D 188 20.29 13.05 5.39
N ASP D 189 18.98 13.25 5.49
CA ASP D 189 18.36 13.93 6.63
C ASP D 189 18.59 13.19 7.95
N ALA D 190 18.26 11.90 7.99
CA ALA D 190 18.37 11.10 9.23
C ALA D 190 19.80 10.95 9.74
N LEU D 191 20.70 10.52 8.85
CA LEU D 191 22.07 10.20 9.21
C LEU D 191 22.98 11.42 9.21
N GLN D 192 22.52 12.52 8.63
CA GLN D 192 23.31 13.74 8.46
C GLN D 192 24.65 13.45 7.78
N GLU D 193 24.61 12.59 6.77
CA GLU D 193 25.80 12.35 5.97
C GLU D 193 25.60 12.84 4.54
N THR D 194 26.72 13.20 3.93
CA THR D 194 26.73 13.72 2.58
C THR D 194 26.73 12.54 1.61
N ARG D 195 25.55 12.19 1.12
CA ARG D 195 25.39 11.06 0.21
C ARG D 195 25.13 11.59 -1.20
N ILE D 196 26.04 11.34 -2.12
CA ILE D 196 25.97 12.00 -3.43
C ILE D 196 25.27 11.23 -4.55
N GLY D 197 24.82 10.00 -4.24
CA GLY D 197 24.06 9.19 -5.21
C GLY D 197 22.87 9.90 -5.86
N ILE D 198 22.06 10.59 -5.06
CA ILE D 198 20.90 11.33 -5.61
C ILE D 198 21.25 12.30 -6.73
N ALA D 199 22.48 12.80 -6.72
CA ALA D 199 22.92 13.78 -7.71
C ALA D 199 23.39 13.17 -9.03
N LEU D 200 23.60 11.86 -9.06
CA LEU D 200 24.36 11.22 -10.15
C LEU D 200 23.54 10.31 -11.06
N PHE D 201 22.64 9.54 -10.47
CA PHE D 201 22.06 8.38 -11.14
C PHE D 201 20.79 8.68 -11.93
N SER D 202 20.60 7.97 -13.04
CA SER D 202 19.44 8.16 -13.89
C SER D 202 18.93 6.82 -14.41
N ASP D 203 17.85 6.88 -15.20
CA ASP D 203 17.19 5.68 -15.73
C ASP D 203 17.48 5.45 -17.22
N CYS D 204 17.65 4.19 -17.59
CA CYS D 204 17.94 3.82 -18.99
C CYS D 204 17.83 2.31 -19.21
N ALA D 205 17.50 1.93 -20.45
CA ALA D 205 17.68 0.55 -20.91
C ALA D 205 18.53 0.57 -22.18
N SER D 206 19.42 -0.40 -22.30
CA SER D 206 20.25 -0.53 -23.48
C SER D 206 20.56 -2.00 -23.71
N ALA D 207 20.78 -2.36 -24.98
CA ALA D 207 20.98 -3.75 -25.38
C ALA D 207 21.91 -3.83 -26.57
N VAL D 208 22.65 -4.94 -26.66
CA VAL D 208 23.35 -5.31 -27.88
C VAL D 208 23.05 -6.77 -28.22
N ILE D 209 23.27 -7.11 -29.47
CA ILE D 209 23.28 -8.48 -29.94
C ILE D 209 24.73 -8.91 -30.15
N LEU D 210 25.15 -9.95 -29.44
CA LEU D 210 26.46 -10.55 -29.65
C LEU D 210 26.28 -11.86 -30.43
N SER D 211 27.03 -12.00 -31.51
CA SER D 211 26.93 -13.16 -32.38
C SER D 211 28.26 -13.90 -32.40
N ASN D 212 28.21 -15.23 -32.55
CA ASN D 212 29.42 -16.04 -32.66
C ASN D 212 29.85 -16.32 -34.10
N GLY D 213 29.16 -15.74 -35.08
CA GLY D 213 29.59 -15.86 -36.47
C GLY D 213 29.12 -17.12 -37.18
N ILE D 214 28.76 -18.15 -36.41
CA ILE D 214 28.33 -19.43 -36.99
C ILE D 214 26.96 -19.27 -37.66
N GLY D 215 26.91 -19.60 -38.95
CA GLY D 215 25.72 -19.38 -39.77
C GLY D 215 25.49 -17.93 -40.17
N GLU D 216 26.55 -17.12 -40.13
CA GLU D 216 26.52 -15.74 -40.62
C GLU D 216 27.13 -15.70 -42.03
N ALA D 217 26.68 -14.76 -42.85
CA ALA D 217 27.24 -14.55 -44.19
C ALA D 217 28.76 -14.37 -44.08
N PRO D 218 29.54 -15.00 -44.97
CA PRO D 218 31.00 -14.82 -44.94
C PRO D 218 31.35 -13.35 -45.05
N GLY D 219 32.12 -12.84 -44.09
CA GLY D 219 32.33 -11.40 -43.93
C GLY D 219 31.02 -10.68 -43.62
N LYS D 220 30.30 -11.20 -42.61
CA LYS D 220 29.03 -10.62 -42.16
C LYS D 220 29.31 -9.29 -41.49
N PRO D 221 28.49 -8.27 -41.78
CA PRO D 221 28.77 -7.01 -41.13
C PRO D 221 28.44 -7.11 -39.65
N ALA D 222 29.08 -6.25 -38.89
CA ALA D 222 28.84 -6.10 -37.48
C ALA D 222 29.11 -4.62 -37.26
N ILE D 223 28.82 -4.13 -36.06
CA ILE D 223 29.20 -2.76 -35.72
C ILE D 223 30.60 -2.79 -35.10
N TYR D 224 30.83 -3.77 -34.23
CA TYR D 224 32.10 -3.93 -33.53
C TYR D 224 32.44 -5.41 -33.51
N ASP D 225 33.72 -5.75 -33.58
CA ASP D 225 34.17 -7.12 -33.25
C ASP D 225 34.67 -7.09 -31.80
N LEU D 226 34.37 -8.14 -31.04
CA LEU D 226 34.91 -8.30 -29.70
C LEU D 226 36.17 -9.15 -29.73
N LEU D 227 37.31 -8.51 -29.43
CA LEU D 227 38.62 -9.16 -29.50
C LEU D 227 39.10 -9.79 -28.20
N GLY D 228 38.76 -9.16 -27.07
CA GLY D 228 39.26 -9.69 -25.80
C GLY D 228 38.67 -8.91 -24.65
N TRP D 229 39.03 -9.30 -23.44
CA TRP D 229 38.40 -8.77 -22.24
C TRP D 229 39.26 -9.10 -21.03
N GLU D 230 39.13 -8.26 -20.00
CA GLU D 230 39.82 -8.50 -18.75
C GLU D 230 38.86 -8.16 -17.64
N ASN D 231 39.00 -8.85 -16.52
CA ASN D 231 38.19 -8.57 -15.33
C ASN D 231 38.99 -8.84 -14.07
N ARG D 232 38.76 -8.01 -13.05
CA ARG D 232 39.53 -8.09 -11.82
C ARG D 232 38.70 -7.58 -10.66
N VAL D 233 38.95 -8.13 -9.48
CA VAL D 233 38.46 -7.55 -8.22
C VAL D 233 39.62 -6.83 -7.50
N ILE D 234 39.37 -5.59 -7.11
CA ILE D 234 40.29 -4.81 -6.28
C ILE D 234 40.10 -5.32 -4.84
N PRO D 235 41.13 -5.99 -4.26
CA PRO D 235 41.05 -6.52 -2.89
C PRO D 235 40.77 -5.47 -1.84
N ASP D 236 40.10 -5.90 -0.78
CA ASP D 236 39.82 -5.10 0.41
C ASP D 236 39.08 -3.77 0.11
N SER D 237 38.15 -3.81 -0.84
CA SER D 237 37.40 -2.61 -1.21
C SER D 237 35.87 -2.78 -1.22
N GLU D 238 35.39 -3.85 -0.59
CA GLU D 238 33.95 -4.15 -0.52
C GLU D 238 33.19 -3.01 0.11
N HIS D 239 33.83 -2.39 1.10
CA HIS D 239 33.20 -1.31 1.86
C HIS D 239 33.22 0.03 1.13
N ASP D 240 33.98 0.11 0.04
CA ASP D 240 34.13 1.38 -0.67
C ASP D 240 33.00 1.69 -1.65
N LEU D 241 32.30 0.66 -2.09
CA LEU D 241 31.27 0.85 -3.12
C LEU D 241 30.25 -0.27 -2.99
N GLY D 242 28.96 0.08 -3.01
CA GLY D 242 27.91 -0.89 -2.72
C GLY D 242 26.49 -0.38 -2.83
N PHE D 243 25.54 -1.29 -2.72
CA PHE D 243 24.13 -1.01 -2.92
C PHE D 243 23.42 -2.02 -2.03
N ASP D 244 23.03 -1.58 -0.82
CA ASP D 244 22.49 -2.47 0.20
C ASP D 244 20.99 -2.54 0.13
N VAL D 245 20.45 -3.76 0.11
CA VAL D 245 19.00 -3.95 0.14
C VAL D 245 18.39 -3.40 1.44
N ASP D 246 17.18 -2.88 1.31
CA ASP D 246 16.54 -2.09 2.36
C ASP D 246 15.02 -2.10 2.13
N PRO D 247 14.23 -2.00 3.22
CA PRO D 247 12.78 -1.85 3.00
C PRO D 247 12.39 -0.68 2.05
N MET D 248 13.27 0.30 1.88
CA MET D 248 13.04 1.46 0.99
C MET D 248 13.72 1.30 -0.39
N GLY D 249 14.22 0.11 -0.68
CA GLY D 249 14.87 -0.18 -1.98
C GLY D 249 16.28 -0.67 -1.79
N TRP D 250 17.24 0.13 -2.26
CA TRP D 250 18.65 -0.13 -2.04
C TRP D 250 19.35 1.16 -1.64
N LYS D 251 20.22 1.09 -0.65
CA LYS D 251 20.94 2.25 -0.17
C LYS D 251 22.34 2.27 -0.76
N VAL D 252 22.77 3.43 -1.26
CA VAL D 252 24.13 3.57 -1.84
C VAL D 252 25.22 3.58 -0.77
N VAL D 253 26.32 2.88 -1.04
CA VAL D 253 27.55 2.92 -0.24
C VAL D 253 28.64 3.51 -1.14
N LEU D 254 29.33 4.55 -0.68
CA LEU D 254 30.34 5.23 -1.48
C LEU D 254 31.37 5.92 -0.58
N SER D 255 32.63 5.49 -0.67
CA SER D 255 33.70 6.05 0.13
C SER D 255 34.54 7.07 -0.67
N PRO D 256 35.41 7.82 0.02
CA PRO D 256 36.30 8.75 -0.65
C PRO D 256 37.33 8.08 -1.57
N ARG D 257 37.61 6.80 -1.37
CA ARG D 257 38.69 6.14 -2.11
C ARG D 257 38.32 5.79 -3.58
N VAL D 258 37.04 5.76 -3.90
CA VAL D 258 36.60 5.16 -5.17
C VAL D 258 37.30 5.76 -6.43
N PRO D 259 37.32 7.11 -6.57
CA PRO D 259 37.97 7.67 -7.77
C PRO D 259 39.47 7.36 -7.86
N VAL D 260 40.16 7.29 -6.72
CA VAL D 260 41.58 6.93 -6.72
C VAL D 260 41.82 5.47 -7.11
N LEU D 261 41.00 4.57 -6.58
CA LEU D 261 41.17 3.15 -6.89
C LEU D 261 40.84 2.85 -8.35
N ALA D 262 39.79 3.49 -8.84
CA ALA D 262 39.33 3.28 -10.20
C ALA D 262 40.42 3.73 -11.17
N LYS D 263 40.90 4.96 -10.96
CA LYS D 263 41.97 5.55 -11.75
C LYS D 263 43.24 4.67 -11.76
N ALA D 264 43.67 4.22 -10.58
CA ALA D 264 44.89 3.43 -10.45
C ALA D 264 44.82 2.03 -11.09
N SER D 265 43.60 1.53 -11.30
CA SER D 265 43.41 0.21 -11.86
C SER D 265 43.62 0.19 -13.37
N LEU D 266 43.49 1.35 -14.00
CA LEU D 266 43.52 1.43 -15.47
C LEU D 266 44.80 0.85 -16.11
N GLN D 267 45.95 1.32 -15.65
CA GLN D 267 47.24 0.95 -16.23
C GLN D 267 47.47 -0.59 -16.30
N PRO D 268 47.43 -1.30 -15.16
CA PRO D 268 47.69 -2.75 -15.20
C PRO D 268 46.61 -3.57 -15.93
N THR D 269 45.35 -3.15 -15.86
CA THR D 269 44.27 -3.83 -16.57
C THR D 269 44.46 -3.70 -18.08
N TYR D 270 44.80 -2.49 -18.51
CA TYR D 270 45.05 -2.20 -19.91
C TYR D 270 46.28 -3.00 -20.39
N ALA D 271 47.34 -3.01 -19.58
CA ALA D 271 48.55 -3.76 -19.92
C ALA D 271 48.22 -5.24 -20.12
N ASP D 272 47.41 -5.80 -19.22
CA ASP D 272 46.98 -7.20 -19.33
C ASP D 272 46.13 -7.45 -20.57
N LEU D 273 45.17 -6.56 -20.83
CA LEU D 273 44.33 -6.66 -22.03
C LEU D 273 45.19 -6.76 -23.29
N LEU D 274 46.13 -5.82 -23.42
CA LEU D 274 46.98 -5.76 -24.62
C LEU D 274 47.97 -6.91 -24.77
N SER D 275 48.56 -7.34 -23.67
CA SER D 275 49.51 -8.47 -23.70
C SER D 275 48.83 -9.74 -24.23
N SER D 276 47.56 -9.90 -23.91
CA SER D 276 46.81 -11.07 -24.34
C SER D 276 46.47 -11.05 -25.85
N LEU D 277 46.78 -9.95 -26.54
CA LEU D 277 46.46 -9.84 -27.97
C LEU D 277 47.44 -9.02 -28.84
N GLN D 278 48.73 -9.04 -28.49
CA GLN D 278 49.70 -8.22 -29.24
C GLN D 278 50.05 -8.76 -30.64
N ASP D 279 49.63 -9.99 -30.94
CA ASP D 279 49.75 -10.53 -32.30
C ASP D 279 48.60 -10.03 -33.19
N GLN D 280 47.59 -9.42 -32.57
CA GLN D 280 46.36 -9.06 -33.29
C GLN D 280 46.19 -7.57 -33.55
N LEU D 281 47.00 -6.73 -32.93
CA LEU D 281 46.86 -5.29 -33.10
C LEU D 281 47.97 -4.72 -33.98
N PRO D 282 47.63 -3.74 -34.84
CA PRO D 282 48.63 -2.95 -35.56
C PRO D 282 49.52 -2.17 -34.61
N SER D 283 50.73 -1.85 -35.05
CA SER D 283 51.66 -1.14 -34.17
C SER D 283 51.21 0.31 -33.93
N SER D 284 50.24 0.77 -34.70
CA SER D 284 49.72 2.12 -34.54
C SER D 284 48.65 2.16 -33.44
N TYR D 285 48.46 1.02 -32.79
CA TYR D 285 47.52 0.88 -31.67
C TYR D 285 48.26 0.19 -30.51
N GLN D 286 49.02 0.96 -29.75
CA GLN D 286 49.87 0.46 -28.67
C GLN D 286 49.68 1.20 -27.37
N LYS D 287 49.59 2.54 -27.44
CA LYS D 287 49.47 3.33 -26.23
C LYS D 287 48.03 3.82 -26.02
N PRO D 288 47.65 4.08 -24.77
CA PRO D 288 46.24 4.46 -24.52
C PRO D 288 45.68 5.53 -25.46
N ALA D 289 46.46 6.57 -25.75
CA ALA D 289 46.00 7.70 -26.60
C ALA D 289 45.70 7.29 -28.05
N ASP D 290 46.22 6.13 -28.47
CA ASP D 290 45.97 5.56 -29.79
C ASP D 290 44.53 5.06 -29.97
N PHE D 291 43.82 4.82 -28.87
CA PHE D 291 42.47 4.24 -28.94
C PHE D 291 41.39 5.28 -28.70
N ASP D 292 40.16 4.96 -29.12
CA ASP D 292 38.99 5.62 -28.59
C ASP D 292 38.56 4.89 -27.31
N TRP D 293 38.01 5.64 -26.35
CA TRP D 293 37.69 5.10 -25.04
C TRP D 293 36.22 5.18 -24.67
N ALA D 294 35.56 4.02 -24.62
CA ALA D 294 34.21 3.92 -24.15
C ALA D 294 34.22 3.66 -22.63
N MET D 295 34.28 4.75 -21.88
CA MET D 295 34.40 4.70 -20.43
C MET D 295 33.03 4.84 -19.80
N HIS D 296 32.77 4.05 -18.76
CA HIS D 296 31.55 4.23 -18.01
C HIS D 296 31.71 5.51 -17.16
N PRO D 297 30.86 6.53 -17.42
CA PRO D 297 30.97 7.81 -16.72
C PRO D 297 30.39 7.72 -15.31
N GLY D 298 31.13 7.07 -14.42
CA GLY D 298 30.70 6.89 -13.04
C GLY D 298 30.50 8.24 -12.36
N GLY D 299 31.31 9.22 -12.76
CA GLY D 299 31.22 10.59 -12.27
C GLY D 299 32.32 11.42 -12.90
N ALA D 300 32.28 12.73 -12.70
CA ALA D 300 33.23 13.64 -13.37
C ALA D 300 34.68 13.24 -13.10
N THR D 301 34.99 12.91 -11.85
CA THR D 301 36.37 12.61 -11.46
C THR D 301 36.84 11.24 -11.96
N ILE D 302 35.92 10.39 -12.42
CA ILE D 302 36.31 9.14 -13.07
C ILE D 302 36.84 9.44 -14.47
N LEU D 303 36.15 10.31 -15.21
CA LEU D 303 36.58 10.70 -16.55
C LEU D 303 37.88 11.50 -16.49
N SER D 304 37.98 12.43 -15.53
CA SER D 304 39.18 13.27 -15.48
C SER D 304 40.36 12.46 -14.94
N GLY D 305 40.08 11.54 -14.03
CA GLY D 305 41.09 10.58 -13.55
C GLY D 305 41.69 9.77 -14.68
N ALA D 306 40.82 9.19 -15.52
CA ALA D 306 41.23 8.43 -16.68
C ALA D 306 42.10 9.25 -17.63
N GLU D 307 41.72 10.50 -17.85
CA GLU D 307 42.49 11.41 -18.71
C GLU D 307 43.90 11.57 -18.16
N SER D 308 43.98 11.76 -16.85
CA SER D 308 45.25 11.95 -16.16
C SER D 308 46.11 10.68 -16.11
N ALA D 309 45.51 9.55 -15.76
CA ALA D 309 46.26 8.31 -15.58
C ALA D 309 46.79 7.80 -16.92
N MET D 310 46.01 8.01 -17.97
CA MET D 310 46.30 7.36 -19.24
C MET D 310 46.73 8.30 -20.37
N GLY D 311 46.90 9.58 -20.03
CA GLY D 311 47.37 10.58 -20.97
C GLY D 311 46.38 10.84 -22.10
N LEU D 312 45.11 11.01 -21.75
CA LEU D 312 44.05 11.15 -22.75
C LEU D 312 43.46 12.56 -22.72
N THR D 313 42.85 12.95 -23.83
CA THR D 313 42.08 14.19 -23.89
C THR D 313 40.60 13.86 -23.62
N PRO D 314 39.80 14.86 -23.24
CA PRO D 314 38.36 14.63 -23.05
C PRO D 314 37.69 14.04 -24.30
N GLU D 315 38.25 14.33 -25.49
CA GLU D 315 37.69 13.87 -26.76
C GLU D 315 37.94 12.38 -27.02
N HIS D 316 38.99 11.83 -26.39
CA HIS D 316 39.19 10.38 -26.41
C HIS D 316 37.98 9.68 -25.79
N MET D 317 37.29 10.34 -24.86
CA MET D 317 36.10 9.79 -24.21
C MET D 317 34.85 10.60 -24.58
N ARG D 318 34.81 11.12 -25.80
CA ARG D 318 33.72 12.04 -26.20
C ARG D 318 32.31 11.48 -25.95
N ALA D 319 32.09 10.20 -26.24
CA ALA D 319 30.75 9.60 -26.09
C ALA D 319 30.37 9.44 -24.60
N SER D 320 31.38 9.22 -23.76
CA SER D 320 31.19 9.11 -22.32
C SER D 320 30.74 10.44 -21.73
N TYR D 321 31.45 11.51 -22.08
CA TYR D 321 31.05 12.88 -21.73
C TYR D 321 29.65 13.21 -22.24
N ASP D 322 29.37 12.81 -23.49
CA ASP D 322 28.05 13.09 -24.06
C ASP D 322 26.91 12.49 -23.25
N ARG D 323 27.03 11.19 -22.93
CA ARG D 323 26.02 10.53 -22.09
C ARG D 323 25.94 11.18 -20.72
N TYR D 324 27.09 11.43 -20.10
CA TYR D 324 27.14 11.91 -18.71
C TYR D 324 26.44 13.27 -18.54
N ILE D 325 26.80 14.22 -19.40
CA ILE D 325 26.30 15.60 -19.31
C ILE D 325 24.78 15.66 -19.51
N ASN D 326 24.31 14.91 -20.50
CA ASN D 326 22.93 14.99 -20.97
C ASN D 326 21.97 13.98 -20.34
N HIS D 327 22.50 12.91 -19.77
CA HIS D 327 21.66 11.83 -19.24
C HIS D 327 21.99 11.34 -17.84
N GLY D 328 23.17 11.68 -17.34
CA GLY D 328 23.62 11.22 -16.04
C GLY D 328 24.23 9.82 -16.04
N ASN D 329 24.50 9.31 -14.84
CA ASN D 329 24.96 7.92 -14.68
C ASN D 329 23.79 6.94 -14.58
N SER D 330 23.57 6.15 -15.63
CA SER D 330 22.49 5.14 -15.65
C SER D 330 23.02 3.74 -15.32
N SER D 331 24.07 3.70 -14.49
CA SER D 331 24.57 2.42 -13.98
C SER D 331 24.90 1.44 -15.13
N SER D 332 24.47 0.19 -15.04
CA SER D 332 24.89 -0.85 -16.03
C SER D 332 24.45 -0.58 -17.48
N ALA D 333 23.44 0.26 -17.66
CA ALA D 333 22.87 0.55 -18.99
C ALA D 333 23.65 1.63 -19.75
N THR D 334 24.55 2.31 -19.05
CA THR D 334 25.29 3.43 -19.61
C THR D 334 26.29 3.02 -20.70
N ILE D 335 27.03 1.93 -20.49
CA ILE D 335 28.10 1.57 -21.41
C ILE D 335 27.62 1.29 -22.85
N PHE D 336 26.50 0.59 -23.00
CA PHE D 336 25.98 0.32 -24.34
C PHE D 336 25.45 1.61 -24.97
N SER D 337 24.91 2.51 -24.15
CA SER D 337 24.52 3.86 -24.59
C SER D 337 25.73 4.62 -25.13
N VAL D 338 26.87 4.51 -24.44
CA VAL D 338 28.11 5.12 -24.90
C VAL D 338 28.59 4.48 -26.21
N LEU D 339 28.57 3.15 -26.30
CA LEU D 339 29.02 2.46 -27.52
C LEU D 339 28.12 2.75 -28.71
N ASN D 340 26.82 2.90 -28.46
CA ASN D 340 25.88 3.30 -29.50
C ASN D 340 26.18 4.73 -30.02
N ARG D 341 26.32 5.66 -29.08
CA ARG D 341 26.59 7.06 -29.40
C ARG D 341 27.92 7.25 -30.12
N LEU D 342 28.96 6.53 -29.69
CA LEU D 342 30.30 6.67 -30.23
C LEU D 342 30.37 6.53 -31.75
N ARG D 343 29.55 5.65 -32.31
CA ARG D 343 29.61 5.37 -33.75
C ARG D 343 28.71 6.32 -34.57
N GLU D 344 28.16 7.35 -33.92
CA GLU D 344 27.31 8.30 -34.64
C GLU D 344 28.12 9.45 -35.27
N LYS D 345 27.67 9.94 -36.43
CA LYS D 345 28.42 10.94 -37.19
C LYS D 345 28.79 12.17 -36.36
N ASP D 346 27.92 12.53 -35.42
CA ASP D 346 28.15 13.67 -34.53
C ASP D 346 29.38 13.52 -33.63
N MET D 347 29.63 12.29 -33.16
CA MET D 347 30.83 12.04 -32.35
C MET D 347 32.07 11.95 -33.23
N ASP D 348 31.93 11.44 -34.47
CA ASP D 348 33.05 11.42 -35.43
C ASP D 348 33.73 12.79 -35.58
N ALA D 349 32.92 13.83 -35.74
CA ALA D 349 33.44 15.20 -35.91
C ALA D 349 34.26 15.69 -34.70
N LEU D 350 34.08 15.06 -33.55
CA LEU D 350 34.75 15.48 -32.32
C LEU D 350 35.97 14.61 -31.97
N ALA D 351 36.34 13.70 -32.86
CA ALA D 351 37.46 12.79 -32.62
C ALA D 351 38.77 13.54 -32.35
N PRO D 352 39.63 13.04 -31.44
CA PRO D 352 40.92 13.70 -31.18
C PRO D 352 41.75 13.84 -32.47
N GLY D 353 42.08 15.08 -32.84
CA GLY D 353 42.86 15.37 -34.05
C GLY D 353 42.11 15.01 -35.34
N GLY D 354 40.79 14.87 -35.23
CA GLY D 354 39.95 14.41 -36.34
C GLY D 354 40.15 12.95 -36.70
N LYS D 355 40.80 12.18 -35.82
CA LYS D 355 41.13 10.78 -36.12
C LYS D 355 40.17 9.85 -35.44
N VAL D 356 39.20 9.33 -36.19
CA VAL D 356 38.25 8.36 -35.63
C VAL D 356 38.99 7.03 -35.51
N LYS D 357 38.96 6.41 -34.34
CA LYS D 357 39.80 5.24 -34.13
C LYS D 357 39.12 3.95 -34.54
N GLU D 358 39.92 3.01 -35.02
CA GLU D 358 39.45 1.70 -35.46
C GLU D 358 39.34 0.70 -34.31
N TYR D 359 39.98 1.01 -33.19
CA TYR D 359 39.89 0.15 -32.00
C TYR D 359 39.41 0.96 -30.80
N VAL D 360 38.55 0.34 -30.00
CA VAL D 360 37.85 1.01 -28.92
C VAL D 360 38.08 0.19 -27.64
N VAL D 361 38.51 0.85 -26.56
CA VAL D 361 38.59 0.20 -25.25
C VAL D 361 37.32 0.55 -24.46
N GLY D 362 36.58 -0.48 -24.06
CA GLY D 362 35.45 -0.30 -23.14
C GLY D 362 35.92 -0.50 -21.71
N CYS D 363 35.41 0.30 -20.78
CA CYS D 363 35.84 0.19 -19.38
C CYS D 363 34.71 0.55 -18.43
N ALA D 364 34.54 -0.26 -17.38
CA ALA D 364 33.55 0.01 -16.35
C ALA D 364 33.98 -0.54 -14.99
N PHE D 365 33.44 0.06 -13.93
CA PHE D 365 33.73 -0.31 -12.53
C PHE D 365 32.40 -0.38 -11.81
N GLY D 366 32.31 -1.26 -10.83
CA GLY D 366 31.12 -1.34 -10.01
C GLY D 366 31.47 -1.96 -8.67
N PRO D 367 30.46 -2.17 -7.82
CA PRO D 367 30.64 -2.79 -6.51
C PRO D 367 31.50 -4.04 -6.56
N GLY D 368 32.40 -4.20 -5.57
CA GLY D 368 33.35 -5.31 -5.56
C GLY D 368 34.62 -4.92 -4.78
N ILE D 369 35.41 -3.95 -5.26
CA ILE D 369 35.22 -3.25 -6.52
C ILE D 369 35.65 -4.15 -7.68
N ASN D 370 34.76 -4.30 -8.66
CA ASN D 370 34.99 -5.07 -9.87
C ASN D 370 35.38 -4.11 -10.98
N VAL D 371 36.43 -4.46 -11.72
CA VAL D 371 36.84 -3.70 -12.90
C VAL D 371 36.60 -4.59 -14.11
N GLU D 372 36.08 -4.00 -15.19
CA GLU D 372 35.88 -4.73 -16.44
C GLU D 372 36.49 -3.91 -17.57
N MET D 373 37.16 -4.60 -18.49
CA MET D 373 37.71 -3.93 -19.68
C MET D 373 37.57 -4.85 -20.90
N CYS D 374 37.31 -4.27 -22.06
CA CYS D 374 37.21 -5.08 -23.29
C CYS D 374 37.84 -4.32 -24.45
N MET D 375 38.24 -5.06 -25.49
CA MET D 375 38.80 -4.48 -26.70
C MET D 375 37.88 -4.75 -27.87
N LEU D 376 37.47 -3.68 -28.54
CA LEU D 376 36.55 -3.75 -29.65
C LEU D 376 37.24 -3.26 -30.90
N LYS D 377 36.95 -3.89 -32.03
CA LYS D 377 37.36 -3.36 -33.32
C LYS D 377 36.11 -2.77 -33.98
N ARG D 378 36.13 -1.47 -34.25
CA ARG D 378 35.00 -0.79 -34.85
C ARG D 378 35.09 -1.00 -36.37
N ARG D 379 33.99 -1.39 -36.99
CA ARG D 379 33.97 -1.64 -38.43
C ARG D 379 33.90 -0.34 -39.22
#